data_5WSA
#
_entry.id   5WSA
#
_cell.length_a   125.420
_cell.length_b   125.420
_cell.length_c   144.192
_cell.angle_alpha   90.00
_cell.angle_beta   90.00
_cell.angle_gamma   120.00
#
_symmetry.space_group_name_H-M   'P 31'
#
loop_
_entity.id
_entity.type
_entity.pdbx_description
1 polymer 'Pyruvate kinase'
2 non-polymer 6-O-phosphono-alpha-D-glucopyranose
3 non-polymer 'MAGNESIUM ION'
4 non-polymer 'OXALATE ION'
5 non-polymer 'PHOSPHATE ION'
6 water water
#
_entity_poly.entity_id   1
_entity_poly.type   'polypeptide(L)'
_entity_poly.pdbx_seq_one_letter_code
;GGHMTRRGKIVCTLGPATQRDDLVRALVEAGMDVARMNFSHGDYDDHKVAYERVRVASDATGRAVGVLADLQGPKIRLGR
FASGATHWAEGETVRITVGACEGSHDRVSTTYKRLAQDAVAGDRVLVDDGKVALVVDAVEGDDVVCTVVEGGPVSDNKGI
SLPGMNVTAPALSEKDIEDLTFALNLGVDMVALSFVRSPADVELVHEVMDRIGRRVPVIAKLEKPEAIDNLEAIVLAFDA
VMVARGDLGVELPLEEVPLVQKRAIQMARENAKPVIVATQMLDSMIENSRPTRAEASDVANAVLDGADALMLSGETSVGK
YPLAAVRTMSRIICAVEENSTAAPPLTHIPRTKRGVISYAARDIGERLDAKALVAFTQSGDTVRRLARLHTPLPLLAFTA
WPEVRSQLAMTWGTETFIVPKMQSTDGMIRQVDKSLLELARYKRGDLVVIVAGAPPGTVGSTNLIHVHRIGEDDV
;
_entity_poly.pdbx_strand_id   A,B,C,D
#
loop_
_chem_comp.id
_chem_comp.type
_chem_comp.name
_chem_comp.formula
G6P D-saccharide, alpha linking 6-O-phosphono-alpha-D-glucopyranose 'C6 H13 O9 P'
MG non-polymer 'MAGNESIUM ION' 'Mg 2'
OXL non-polymer 'OXALATE ION' 'C2 O4 -2'
PO4 non-polymer 'PHOSPHATE ION' 'O4 P -3'
#
# COMPACT_ATOMS: atom_id res chain seq x y z
N THR A 5 -21.09 22.16 11.35
CA THR A 5 -22.38 21.64 10.84
C THR A 5 -22.23 20.38 9.95
N ARG A 6 -23.38 19.90 9.48
CA ARG A 6 -23.48 18.80 8.56
C ARG A 6 -22.90 19.06 7.18
N ARG A 7 -22.41 17.99 6.56
CA ARG A 7 -21.81 18.03 5.23
C ARG A 7 -22.71 17.31 4.21
N GLY A 8 -23.29 16.19 4.60
CA GLY A 8 -24.20 15.44 3.74
C GLY A 8 -25.54 16.14 3.53
N LYS A 9 -26.01 16.16 2.29
CA LYS A 9 -27.19 16.95 2.01
C LYS A 9 -28.46 16.13 2.19
N ILE A 10 -29.52 16.82 2.60
CA ILE A 10 -30.82 16.18 2.77
C ILE A 10 -31.84 16.68 1.74
N VAL A 11 -32.42 15.76 0.98
CA VAL A 11 -33.51 16.10 0.03
C VAL A 11 -34.88 15.66 0.59
N CYS A 12 -35.83 16.57 0.71
CA CYS A 12 -37.19 16.18 1.13
C CYS A 12 -38.20 16.29 0.02
N THR A 13 -39.10 15.33 -0.05
CA THR A 13 -40.24 15.43 -0.96
C THR A 13 -41.44 16.15 -0.30
N LEU A 14 -42.02 17.12 -0.98
CA LEU A 14 -43.09 17.88 -0.42
C LEU A 14 -44.43 17.31 -0.84
N GLY A 15 -45.42 17.52 0.04
CA GLY A 15 -46.74 17.02 -0.22
C GLY A 15 -47.70 17.47 0.84
N PRO A 16 -48.81 16.74 0.99
CA PRO A 16 -49.90 17.13 1.88
C PRO A 16 -49.49 17.45 3.32
N ALA A 17 -48.46 16.77 3.82
CA ALA A 17 -48.04 16.92 5.19
C ALA A 17 -47.21 18.17 5.38
N THR A 18 -46.87 18.84 4.28
CA THR A 18 -46.02 20.01 4.33
C THR A 18 -46.82 21.25 3.95
N GLN A 19 -48.13 21.13 3.85
CA GLN A 19 -48.95 22.25 3.37
C GLN A 19 -49.57 23.08 4.47
N ARG A 20 -49.48 22.62 5.72
CA ARG A 20 -49.98 23.42 6.84
C ARG A 20 -49.00 24.55 7.12
N ASP A 21 -49.47 25.59 7.81
CA ASP A 21 -48.79 26.88 7.78
C ASP A 21 -47.34 26.79 8.24
N ASP A 22 -46.49 27.33 7.38
CA ASP A 22 -45.08 27.42 7.64
C ASP A 22 -44.55 26.12 8.08
N LEU A 23 -44.80 25.11 7.29
CA LEU A 23 -44.23 23.84 7.51
C LEU A 23 -43.05 23.70 6.63
N VAL A 24 -43.12 24.27 5.44
CA VAL A 24 -41.98 24.29 4.59
C VAL A 24 -40.87 25.02 5.28
N ARG A 25 -41.22 26.08 5.98
CA ARG A 25 -40.26 26.83 6.78
C ARG A 25 -39.55 25.91 7.78
N ALA A 26 -40.34 25.14 8.52
CA ALA A 26 -39.84 24.26 9.53
C ALA A 26 -38.81 23.30 8.99
N LEU A 27 -38.98 22.85 7.74
CA LEU A 27 -38.07 21.87 7.12
C LEU A 27 -36.78 22.51 6.77
N VAL A 28 -36.88 23.72 6.25
CA VAL A 28 -35.70 24.43 5.85
C VAL A 28 -34.92 24.75 7.12
N GLU A 29 -35.63 25.18 8.16
CA GLU A 29 -35.04 25.44 9.47
C GLU A 29 -34.47 24.15 10.11
N ALA A 30 -35.03 23.02 9.76
CA ALA A 30 -34.58 21.74 10.27
C ALA A 30 -33.59 21.03 9.29
N GLY A 31 -33.12 21.70 8.27
CA GLY A 31 -32.02 21.18 7.47
C GLY A 31 -32.29 20.79 6.00
N MET A 32 -33.50 20.98 5.50
CA MET A 32 -33.75 20.57 4.11
C MET A 32 -32.86 21.36 3.16
N ASP A 33 -32.11 20.65 2.33
CA ASP A 33 -31.24 21.30 1.35
C ASP A 33 -31.86 21.34 -0.02
N VAL A 34 -32.63 20.33 -0.36
CA VAL A 34 -33.32 20.32 -1.65
C VAL A 34 -34.76 19.97 -1.42
N ALA A 35 -35.63 20.67 -2.13
CA ALA A 35 -37.03 20.38 -2.07
C ALA A 35 -37.45 19.69 -3.35
N ARG A 36 -38.06 18.53 -3.18
CA ARG A 36 -38.51 17.75 -4.28
C ARG A 36 -40.03 17.90 -4.45
N MET A 37 -40.40 18.38 -5.62
CA MET A 37 -41.75 18.46 -6.03
C MET A 37 -41.98 17.25 -6.87
N ASN A 38 -42.85 16.36 -6.42
CA ASN A 38 -43.12 15.17 -7.20
C ASN A 38 -44.29 15.42 -8.13
N PHE A 39 -44.06 15.29 -9.44
CA PHE A 39 -45.11 15.62 -10.41
C PHE A 39 -46.04 14.48 -10.74
N SER A 40 -45.87 13.36 -10.05
CA SER A 40 -46.83 12.27 -10.14
C SER A 40 -48.16 12.65 -9.48
N HIS A 41 -48.09 13.36 -8.37
CA HIS A 41 -49.27 13.66 -7.61
C HIS A 41 -49.37 15.16 -7.47
N GLY A 42 -50.59 15.67 -7.23
CA GLY A 42 -50.80 17.09 -6.99
C GLY A 42 -51.04 17.83 -8.29
N ASP A 43 -51.48 19.07 -8.20
CA ASP A 43 -51.78 19.84 -9.38
C ASP A 43 -51.02 21.14 -9.33
N TYR A 44 -50.95 21.81 -10.48
CA TYR A 44 -50.08 22.97 -10.68
C TYR A 44 -50.21 24.06 -9.65
N ASP A 45 -51.36 24.24 -9.07
CA ASP A 45 -51.52 25.26 -8.04
C ASP A 45 -50.95 24.79 -6.75
N ASP A 46 -50.96 23.48 -6.51
CA ASP A 46 -50.36 22.93 -5.30
C ASP A 46 -48.86 23.05 -5.38
N HIS A 47 -48.34 22.87 -6.57
CA HIS A 47 -46.93 22.93 -6.78
C HIS A 47 -46.49 24.35 -6.68
N LYS A 48 -47.16 25.25 -7.39
CA LYS A 48 -46.80 26.65 -7.36
C LYS A 48 -46.72 27.18 -5.94
N VAL A 49 -47.72 26.89 -5.12
CA VAL A 49 -47.74 27.44 -3.77
C VAL A 49 -46.64 26.83 -2.91
N ALA A 50 -46.28 25.60 -3.19
CA ALA A 50 -45.24 24.94 -2.46
C ALA A 50 -43.92 25.64 -2.79
N TYR A 51 -43.71 25.88 -4.07
CA TYR A 51 -42.52 26.52 -4.60
C TYR A 51 -42.32 27.93 -4.08
N GLU A 52 -43.41 28.59 -3.80
CA GLU A 52 -43.37 29.92 -3.25
C GLU A 52 -42.93 29.85 -1.81
N ARG A 53 -43.39 28.84 -1.11
CA ARG A 53 -43.08 28.70 0.27
C ARG A 53 -41.62 28.33 0.47
N VAL A 54 -41.00 27.71 -0.53
CA VAL A 54 -39.63 27.29 -0.40
C VAL A 54 -38.73 28.49 -0.58
N ARG A 55 -39.06 29.27 -1.59
CA ARG A 55 -38.25 30.42 -1.89
C ARG A 55 -38.37 31.46 -0.80
N VAL A 56 -39.53 31.57 -0.14
CA VAL A 56 -39.66 32.52 0.97
C VAL A 56 -38.76 32.12 2.13
N ALA A 57 -38.85 30.85 2.50
CA ALA A 57 -38.10 30.35 3.65
C ALA A 57 -36.62 30.27 3.37
N SER A 58 -36.25 29.93 2.13
CA SER A 58 -34.84 29.91 1.77
C SER A 58 -34.32 31.31 1.95
N ASP A 59 -34.97 32.26 1.28
CA ASP A 59 -34.55 33.65 1.32
C ASP A 59 -34.63 34.24 2.72
N ALA A 60 -35.58 33.81 3.53
CA ALA A 60 -35.79 34.43 4.83
C ALA A 60 -34.75 33.94 5.82
N THR A 61 -34.27 32.73 5.65
CA THR A 61 -33.32 32.10 6.59
C THR A 61 -31.87 32.26 6.22
N GLY A 62 -31.58 32.52 4.95
CA GLY A 62 -30.24 32.50 4.45
C GLY A 62 -29.78 31.13 3.98
N ARG A 63 -30.62 30.11 4.10
CA ARG A 63 -30.21 28.78 3.71
C ARG A 63 -30.49 28.51 2.25
N ALA A 64 -29.47 28.09 1.52
CA ALA A 64 -29.64 27.68 0.15
C ALA A 64 -30.61 26.53 0.17
N VAL A 65 -31.61 26.56 -0.69
CA VAL A 65 -32.47 25.41 -0.87
C VAL A 65 -32.81 25.21 -2.33
N GLY A 66 -32.24 24.16 -2.95
CA GLY A 66 -32.55 23.85 -4.35
C GLY A 66 -33.95 23.32 -4.53
N VAL A 67 -34.47 23.44 -5.74
CA VAL A 67 -35.84 22.99 -6.03
C VAL A 67 -35.81 22.01 -7.18
N LEU A 68 -36.25 20.80 -6.90
CA LEU A 68 -36.11 19.68 -7.82
C LEU A 68 -37.47 19.27 -8.34
N ALA A 69 -37.60 19.30 -9.66
CA ALA A 69 -38.82 18.88 -10.33
C ALA A 69 -38.65 17.41 -10.69
N ASP A 70 -39.42 16.54 -10.04
CA ASP A 70 -39.42 15.13 -10.40
C ASP A 70 -40.52 14.77 -11.37
N LEU A 71 -40.11 14.37 -12.57
CA LEU A 71 -41.05 14.02 -13.62
C LEU A 71 -41.44 12.54 -13.49
N GLN A 72 -42.73 12.27 -13.62
CA GLN A 72 -43.27 10.91 -13.45
C GLN A 72 -42.63 9.90 -14.38
N GLY A 73 -42.39 10.30 -15.63
CA GLY A 73 -41.80 9.40 -16.63
C GLY A 73 -42.82 8.44 -17.21
N PRO A 74 -42.34 7.40 -17.90
CA PRO A 74 -43.15 6.30 -18.40
C PRO A 74 -43.54 5.33 -17.31
N LYS A 75 -44.35 5.82 -16.39
CA LYS A 75 -44.88 5.03 -15.32
C LYS A 75 -46.14 4.36 -15.84
N ILE A 76 -46.23 3.06 -15.62
CA ILE A 76 -47.41 2.31 -16.02
C ILE A 76 -48.33 2.19 -14.82
N ARG A 77 -49.62 2.34 -15.04
CA ARG A 77 -50.56 2.16 -13.92
C ARG A 77 -51.85 1.56 -14.33
N LEU A 78 -52.72 1.37 -13.34
CA LEU A 78 -54.05 0.87 -13.61
C LEU A 78 -55.01 2.04 -13.85
N GLY A 79 -56.19 1.73 -14.37
CA GLY A 79 -57.26 2.69 -14.45
C GLY A 79 -58.03 2.77 -13.14
N ARG A 80 -59.23 3.26 -13.25
CA ARG A 80 -60.01 3.60 -12.10
C ARG A 80 -61.02 2.50 -11.88
N PHE A 81 -61.29 2.23 -10.62
CA PHE A 81 -62.27 1.26 -10.25
C PHE A 81 -63.58 1.97 -9.92
N ALA A 82 -64.70 1.27 -10.16
CA ALA A 82 -66.04 1.76 -9.81
C ALA A 82 -66.11 2.20 -8.35
N SER A 83 -65.51 1.40 -7.50
CA SER A 83 -65.48 1.68 -6.08
C SER A 83 -64.26 2.46 -5.67
N GLY A 84 -63.33 2.71 -6.59
CA GLY A 84 -62.12 3.43 -6.25
C GLY A 84 -61.04 2.62 -5.56
N ALA A 85 -61.41 1.54 -4.92
CA ALA A 85 -60.44 0.61 -4.37
C ALA A 85 -61.13 -0.72 -4.17
N THR A 86 -60.41 -1.79 -4.50
CA THR A 86 -60.91 -3.12 -4.25
C THR A 86 -59.85 -3.91 -3.48
N HIS A 87 -60.05 -5.21 -3.31
CA HIS A 87 -59.08 -6.02 -2.62
C HIS A 87 -58.85 -7.22 -3.43
N TRP A 88 -57.63 -7.46 -3.89
CA TRP A 88 -57.37 -8.69 -4.63
C TRP A 88 -56.79 -9.74 -3.73
N ALA A 89 -57.48 -10.87 -3.63
CA ALA A 89 -57.11 -11.88 -2.65
C ALA A 89 -56.59 -13.10 -3.35
N GLU A 90 -55.71 -13.80 -2.65
CA GLU A 90 -54.98 -14.88 -3.26
C GLU A 90 -55.95 -15.88 -3.79
N GLY A 91 -55.65 -16.43 -4.96
CA GLY A 91 -56.47 -17.49 -5.55
C GLY A 91 -57.45 -16.99 -6.60
N GLU A 92 -57.67 -15.68 -6.62
CA GLU A 92 -58.69 -15.10 -7.49
C GLU A 92 -58.14 -14.87 -8.83
N THR A 93 -59.04 -14.75 -9.81
CA THR A 93 -58.65 -14.41 -11.18
C THR A 93 -58.91 -12.94 -11.43
N VAL A 94 -57.96 -12.28 -12.08
CA VAL A 94 -58.07 -10.84 -12.37
C VAL A 94 -57.66 -10.61 -13.81
N ARG A 95 -58.40 -9.76 -14.53
CA ARG A 95 -58.10 -9.50 -15.94
C ARG A 95 -57.70 -8.04 -16.08
N ILE A 96 -56.45 -7.79 -16.44
CA ILE A 96 -56.01 -6.42 -16.72
C ILE A 96 -56.05 -6.24 -18.23
N THR A 97 -56.66 -5.15 -18.69
CA THR A 97 -56.94 -5.03 -20.11
C THR A 97 -56.40 -3.75 -20.75
N VAL A 98 -56.16 -3.87 -22.05
CA VAL A 98 -55.77 -2.76 -22.86
C VAL A 98 -57.00 -2.00 -23.31
N GLY A 99 -58.16 -2.65 -23.16
CA GLY A 99 -59.48 -2.09 -23.48
C GLY A 99 -59.90 -0.97 -22.55
N ALA A 100 -60.78 -0.10 -23.05
CA ALA A 100 -61.36 0.93 -22.21
C ALA A 100 -62.41 0.28 -21.33
N CYS A 101 -62.38 0.62 -20.06
CA CYS A 101 -63.44 0.26 -19.12
C CYS A 101 -63.16 0.94 -17.80
N GLU A 102 -64.21 1.18 -17.05
CA GLU A 102 -64.08 1.69 -15.72
C GLU A 102 -64.08 0.46 -14.84
N GLY A 103 -63.07 0.38 -14.01
CA GLY A 103 -62.69 -0.83 -13.37
C GLY A 103 -63.71 -1.38 -12.45
N SER A 104 -63.51 -2.66 -12.20
CA SER A 104 -64.06 -3.32 -11.04
C SER A 104 -63.10 -4.42 -10.65
N HIS A 105 -63.37 -5.03 -9.51
CA HIS A 105 -62.60 -6.17 -8.99
C HIS A 105 -62.14 -7.22 -10.04
N ASP A 106 -63.03 -7.54 -10.98
CA ASP A 106 -62.84 -8.66 -11.90
C ASP A 106 -62.09 -8.28 -13.17
N ARG A 107 -62.27 -7.04 -13.63
CA ARG A 107 -61.63 -6.53 -14.83
C ARG A 107 -61.35 -5.04 -14.62
N VAL A 108 -60.08 -4.63 -14.79
CA VAL A 108 -59.67 -3.21 -14.70
C VAL A 108 -58.73 -2.91 -15.87
N SER A 109 -58.54 -1.64 -16.19
CA SER A 109 -57.73 -1.25 -17.34
C SER A 109 -56.33 -0.75 -16.92
N THR A 110 -55.45 -0.52 -17.90
CA THR A 110 -54.12 -0.02 -17.60
C THR A 110 -53.66 1.00 -18.62
N THR A 111 -52.65 1.78 -18.29
CA THR A 111 -52.20 2.83 -19.20
C THR A 111 -51.23 2.31 -20.26
N TYR A 112 -50.48 1.25 -19.96
CA TYR A 112 -49.59 0.67 -20.96
C TYR A 112 -50.45 -0.08 -21.91
N LYS A 113 -50.48 0.35 -23.15
CA LYS A 113 -51.44 -0.16 -24.09
C LYS A 113 -50.91 -1.32 -24.88
N ARG A 114 -49.74 -1.82 -24.51
CA ARG A 114 -49.16 -2.93 -25.20
C ARG A 114 -49.06 -4.07 -24.27
N LEU A 115 -49.84 -4.04 -23.21
CA LEU A 115 -49.74 -5.07 -22.22
C LEU A 115 -50.08 -6.40 -22.87
N ALA A 116 -51.23 -6.45 -23.53
CA ALA A 116 -51.68 -7.67 -24.17
C ALA A 116 -50.75 -8.06 -25.33
N GLN A 117 -50.22 -7.06 -26.00
CA GLN A 117 -49.34 -7.29 -27.09
C GLN A 117 -47.99 -7.83 -26.61
N ASP A 118 -47.53 -7.39 -25.44
CA ASP A 118 -46.15 -7.70 -25.01
C ASP A 118 -46.01 -8.66 -23.86
N ALA A 119 -47.11 -9.13 -23.29
CA ALA A 119 -47.03 -9.98 -22.11
C ALA A 119 -47.21 -11.44 -22.47
N VAL A 120 -46.37 -12.30 -21.90
CA VAL A 120 -46.59 -13.72 -22.07
C VAL A 120 -46.94 -14.37 -20.76
N ALA A 121 -47.64 -15.49 -20.85
CA ALA A 121 -47.98 -16.26 -19.68
C ALA A 121 -46.71 -16.68 -19.00
N GLY A 122 -46.65 -16.46 -17.70
CA GLY A 122 -45.43 -16.66 -16.96
C GLY A 122 -44.94 -15.36 -16.37
N ASP A 123 -45.21 -14.23 -17.03
CA ASP A 123 -44.82 -12.95 -16.50
C ASP A 123 -45.49 -12.64 -15.19
N ARG A 124 -44.93 -11.67 -14.48
CA ARG A 124 -45.43 -11.25 -13.23
C ARG A 124 -45.86 -9.80 -13.28
N VAL A 125 -46.84 -9.46 -12.43
CA VAL A 125 -47.29 -8.09 -12.25
C VAL A 125 -47.27 -7.77 -10.79
N LEU A 126 -46.53 -6.76 -10.40
CA LEU A 126 -46.53 -6.32 -9.01
C LEU A 126 -47.20 -4.97 -8.91
N VAL A 127 -47.99 -4.78 -7.88
CA VAL A 127 -48.74 -3.55 -7.69
C VAL A 127 -48.26 -2.87 -6.43
N ASP A 128 -48.27 -1.55 -6.43
CA ASP A 128 -47.91 -0.75 -5.26
C ASP A 128 -46.47 -1.11 -4.85
N ASP A 129 -45.56 -1.03 -5.83
CA ASP A 129 -44.15 -1.39 -5.64
C ASP A 129 -43.94 -2.74 -4.88
N GLY A 130 -44.86 -3.69 -5.08
CA GLY A 130 -44.57 -5.09 -4.83
C GLY A 130 -45.61 -5.84 -4.04
N LYS A 131 -46.36 -5.14 -3.20
CA LYS A 131 -47.03 -5.82 -2.06
C LYS A 131 -48.26 -6.61 -2.49
N VAL A 132 -48.65 -6.46 -3.76
CA VAL A 132 -49.75 -7.22 -4.33
C VAL A 132 -49.26 -7.77 -5.67
N ALA A 133 -49.20 -9.09 -5.78
CA ALA A 133 -48.48 -9.72 -6.88
C ALA A 133 -49.39 -10.69 -7.61
N LEU A 134 -49.35 -10.62 -8.93
CA LEU A 134 -50.12 -11.49 -9.80
C LEU A 134 -49.15 -12.19 -10.76
N VAL A 135 -49.56 -13.34 -11.28
CA VAL A 135 -48.83 -13.98 -12.34
C VAL A 135 -49.72 -14.14 -13.59
N VAL A 136 -49.14 -13.87 -14.73
CA VAL A 136 -49.90 -13.85 -15.97
C VAL A 136 -50.19 -15.28 -16.41
N ASP A 137 -51.46 -15.58 -16.68
CA ASP A 137 -51.85 -16.93 -17.11
C ASP A 137 -52.06 -16.96 -18.63
N ALA A 138 -52.80 -16.00 -19.13
CA ALA A 138 -53.14 -15.97 -20.54
C ALA A 138 -53.48 -14.60 -21.04
N VAL A 139 -53.40 -14.46 -22.36
CA VAL A 139 -53.84 -13.24 -23.03
C VAL A 139 -55.06 -13.58 -23.90
N GLU A 140 -56.24 -13.14 -23.49
CA GLU A 140 -57.46 -13.42 -24.26
C GLU A 140 -57.88 -12.14 -24.98
N GLY A 141 -57.32 -11.93 -26.17
CA GLY A 141 -57.67 -10.77 -26.96
C GLY A 141 -57.09 -9.53 -26.34
N ASP A 142 -57.95 -8.71 -25.71
CA ASP A 142 -57.49 -7.48 -25.09
C ASP A 142 -56.98 -7.65 -23.68
N ASP A 143 -57.48 -8.68 -22.99
CA ASP A 143 -57.27 -8.80 -21.55
C ASP A 143 -56.07 -9.67 -21.24
N VAL A 144 -55.46 -9.43 -20.08
CA VAL A 144 -54.37 -10.26 -19.59
C VAL A 144 -54.92 -10.92 -18.35
N VAL A 145 -55.02 -12.24 -18.38
CA VAL A 145 -55.70 -12.98 -17.33
C VAL A 145 -54.65 -13.48 -16.38
N CYS A 146 -54.75 -13.09 -15.11
CA CYS A 146 -53.74 -13.49 -14.15
C CYS A 146 -54.34 -14.11 -12.93
N THR A 147 -53.47 -14.75 -12.15
CA THR A 147 -53.86 -15.24 -10.86
C THR A 147 -53.21 -14.39 -9.80
N VAL A 148 -53.99 -14.04 -8.79
CA VAL A 148 -53.44 -13.30 -7.69
C VAL A 148 -52.68 -14.25 -6.80
N VAL A 149 -51.40 -13.98 -6.59
CA VAL A 149 -50.54 -14.91 -5.88
C VAL A 149 -50.11 -14.40 -4.52
N GLU A 150 -50.35 -13.13 -4.28
CA GLU A 150 -50.16 -12.53 -2.94
C GLU A 150 -51.19 -11.45 -2.87
N GLY A 151 -52.16 -11.59 -1.99
CA GLY A 151 -53.36 -10.73 -2.06
C GLY A 151 -53.20 -9.45 -1.27
N GLY A 152 -54.09 -8.53 -1.55
CA GLY A 152 -54.12 -7.26 -0.86
C GLY A 152 -54.90 -6.23 -1.68
N PRO A 153 -55.11 -5.03 -1.09
CA PRO A 153 -55.94 -3.99 -1.68
C PRO A 153 -55.28 -3.30 -2.84
N VAL A 154 -56.03 -3.11 -3.93
CA VAL A 154 -55.55 -2.27 -5.01
C VAL A 154 -56.46 -1.06 -5.10
N SER A 155 -55.86 0.08 -5.35
CA SER A 155 -56.59 1.29 -5.52
C SER A 155 -56.46 1.80 -6.97
N ASP A 156 -57.23 2.83 -7.24
CA ASP A 156 -57.16 3.53 -8.49
C ASP A 156 -55.78 4.02 -8.83
N ASN A 157 -55.47 3.98 -10.13
CA ASN A 157 -54.23 4.56 -10.70
C ASN A 157 -53.03 4.13 -9.85
N LYS A 158 -52.86 2.84 -9.59
CA LYS A 158 -51.72 2.41 -8.82
C LYS A 158 -50.70 1.88 -9.74
N GLY A 159 -49.44 2.16 -9.39
CA GLY A 159 -48.33 1.90 -10.24
C GLY A 159 -48.06 0.42 -10.29
N ILE A 160 -47.82 -0.10 -11.50
CA ILE A 160 -47.58 -1.50 -11.67
C ILE A 160 -46.31 -1.71 -12.42
N SER A 161 -45.64 -2.80 -12.13
CA SER A 161 -44.34 -3.03 -12.64
C SER A 161 -44.35 -4.37 -13.38
N LEU A 162 -43.77 -4.36 -14.56
CA LEU A 162 -43.71 -5.54 -15.36
C LEU A 162 -42.27 -5.95 -15.40
N PRO A 163 -41.78 -6.54 -14.29
CA PRO A 163 -40.39 -6.86 -14.23
C PRO A 163 -39.99 -7.83 -15.33
N GLY A 164 -38.93 -7.48 -16.07
CA GLY A 164 -38.31 -8.38 -16.97
C GLY A 164 -38.83 -8.25 -18.37
N MET A 165 -40.12 -7.94 -18.53
CA MET A 165 -40.66 -7.81 -19.85
C MET A 165 -40.36 -6.42 -20.43
N ASN A 166 -40.21 -6.39 -21.74
CA ASN A 166 -39.62 -5.24 -22.38
C ASN A 166 -40.75 -4.30 -22.62
N VAL A 167 -40.69 -3.15 -21.98
CA VAL A 167 -41.66 -2.13 -22.23
C VAL A 167 -41.17 -1.15 -23.26
N THR A 168 -41.98 -0.89 -24.26
CA THR A 168 -41.68 0.15 -25.22
C THR A 168 -42.46 1.40 -24.88
N ALA A 169 -41.77 2.45 -24.48
CA ALA A 169 -42.45 3.71 -24.23
C ALA A 169 -41.47 4.85 -24.30
N PRO A 170 -41.93 6.04 -24.71
CA PRO A 170 -41.02 7.17 -24.90
C PRO A 170 -40.40 7.65 -23.58
N ALA A 171 -39.21 8.21 -23.65
CA ALA A 171 -38.49 8.62 -22.44
C ALA A 171 -39.31 9.63 -21.68
N LEU A 172 -39.97 10.52 -22.42
CA LEU A 172 -40.84 11.54 -21.86
C LEU A 172 -42.20 11.40 -22.47
N SER A 173 -43.23 11.36 -21.63
CA SER A 173 -44.60 11.39 -22.10
C SER A 173 -45.08 12.81 -22.29
N GLU A 174 -46.28 12.96 -22.78
CA GLU A 174 -46.83 14.28 -22.99
C GLU A 174 -47.11 15.00 -21.67
N LYS A 175 -47.43 14.24 -20.63
CA LYS A 175 -47.61 14.79 -19.31
C LYS A 175 -46.30 15.27 -18.76
N ASP A 176 -45.26 14.53 -19.05
CA ASP A 176 -43.91 14.90 -18.61
C ASP A 176 -43.38 16.13 -19.32
N ILE A 177 -43.71 16.26 -20.61
CA ILE A 177 -43.32 17.42 -21.40
C ILE A 177 -44.01 18.66 -20.88
N GLU A 178 -45.23 18.50 -20.44
CA GLU A 178 -46.07 19.62 -20.02
C GLU A 178 -45.79 20.01 -18.59
N ASP A 179 -45.11 19.14 -17.88
CA ASP A 179 -44.70 19.45 -16.52
C ASP A 179 -43.30 19.96 -16.51
N LEU A 180 -42.50 19.52 -17.47
CA LEU A 180 -41.23 20.12 -17.71
C LEU A 180 -41.47 21.60 -17.99
N THR A 181 -42.35 21.87 -18.94
CA THR A 181 -42.66 23.25 -19.28
C THR A 181 -43.11 24.04 -18.06
N PHE A 182 -44.11 23.56 -17.33
CA PHE A 182 -44.61 24.31 -16.20
C PHE A 182 -43.51 24.56 -15.17
N ALA A 183 -42.68 23.56 -14.92
CA ALA A 183 -41.62 23.67 -13.91
C ALA A 183 -40.43 24.58 -14.37
N LEU A 184 -40.07 24.52 -15.66
CA LEU A 184 -39.06 25.42 -16.19
C LEU A 184 -39.49 26.89 -16.04
N ASN A 185 -40.73 27.20 -16.40
CA ASN A 185 -41.22 28.58 -16.27
C ASN A 185 -41.47 28.99 -14.81
N LEU A 186 -41.71 28.01 -13.93
CA LEU A 186 -41.88 28.32 -12.51
C LEU A 186 -40.53 28.71 -11.84
N GLY A 187 -39.42 28.28 -12.44
CA GLY A 187 -38.06 28.67 -11.99
C GLY A 187 -37.36 27.61 -11.11
N VAL A 188 -37.58 26.33 -11.40
CA VAL A 188 -36.89 25.26 -10.70
C VAL A 188 -35.41 25.12 -11.10
N ASP A 189 -34.61 24.54 -10.20
CA ASP A 189 -33.15 24.57 -10.35
C ASP A 189 -32.66 23.34 -11.04
N MET A 190 -33.38 22.23 -10.85
CA MET A 190 -32.99 20.91 -11.38
C MET A 190 -34.22 20.15 -11.78
N VAL A 191 -34.01 19.12 -12.58
CA VAL A 191 -35.08 18.29 -13.03
C VAL A 191 -34.62 16.85 -12.93
N ALA A 192 -35.52 15.99 -12.43
CA ALA A 192 -35.26 14.54 -12.41
C ALA A 192 -36.20 13.81 -13.39
N LEU A 193 -35.61 12.95 -14.22
CA LEU A 193 -36.38 12.11 -15.13
C LEU A 193 -36.46 10.68 -14.61
N SER A 194 -37.67 10.15 -14.51
CA SER A 194 -37.89 8.79 -14.02
C SER A 194 -37.77 7.75 -15.13
N PHE A 195 -37.36 6.53 -14.73
CA PHE A 195 -37.29 5.34 -15.57
C PHE A 195 -36.40 5.49 -16.76
N VAL A 196 -35.27 6.14 -16.56
CA VAL A 196 -34.28 6.35 -17.60
C VAL A 196 -33.72 5.01 -18.00
N ARG A 197 -33.54 4.80 -19.31
CA ARG A 197 -33.00 3.55 -19.80
C ARG A 197 -31.72 3.70 -20.62
N SER A 198 -31.50 4.88 -21.17
CA SER A 198 -30.45 5.08 -22.12
C SER A 198 -29.74 6.38 -21.85
N PRO A 199 -28.47 6.49 -22.26
CA PRO A 199 -27.75 7.74 -22.20
C PRO A 199 -28.31 8.78 -23.20
N ALA A 200 -29.04 8.33 -24.21
CA ALA A 200 -29.63 9.25 -25.17
C ALA A 200 -30.92 9.89 -24.67
N ASP A 201 -31.41 9.49 -23.50
CA ASP A 201 -32.69 9.98 -23.01
C ASP A 201 -32.62 11.43 -22.57
N VAL A 202 -31.42 11.90 -22.25
CA VAL A 202 -31.23 13.28 -21.88
C VAL A 202 -31.35 14.22 -23.08
N GLU A 203 -31.10 13.69 -24.27
CA GLU A 203 -31.22 14.46 -25.49
C GLU A 203 -32.64 14.95 -25.63
N LEU A 204 -33.58 14.05 -25.39
CA LEU A 204 -34.96 14.38 -25.46
C LEU A 204 -35.30 15.49 -24.47
N VAL A 205 -34.83 15.34 -23.26
CA VAL A 205 -35.09 16.35 -22.24
C VAL A 205 -34.46 17.67 -22.68
N HIS A 206 -33.24 17.58 -23.21
CA HIS A 206 -32.52 18.78 -23.58
C HIS A 206 -33.27 19.54 -24.65
N GLU A 207 -33.68 18.81 -25.69
CA GLU A 207 -34.47 19.40 -26.77
C GLU A 207 -35.61 20.32 -26.28
N VAL A 208 -36.44 19.77 -25.41
CA VAL A 208 -37.57 20.51 -24.84
C VAL A 208 -37.12 21.76 -24.10
N MET A 209 -35.99 21.64 -23.41
CA MET A 209 -35.41 22.77 -22.71
C MET A 209 -34.99 23.81 -23.71
N ASP A 210 -34.43 23.37 -24.84
CA ASP A 210 -34.01 24.32 -25.88
C ASP A 210 -35.19 25.01 -26.58
N ARG A 211 -36.26 24.28 -26.77
CA ARG A 211 -37.48 24.86 -27.26
C ARG A 211 -37.91 25.95 -26.29
N ILE A 212 -38.05 25.55 -25.02
CA ILE A 212 -38.51 26.45 -23.97
C ILE A 212 -37.47 27.48 -23.58
N GLY A 213 -36.20 27.21 -23.94
CA GLY A 213 -35.17 28.21 -23.87
C GLY A 213 -34.56 28.33 -22.51
N ARG A 214 -34.64 27.27 -21.72
CA ARG A 214 -34.07 27.28 -20.39
C ARG A 214 -33.64 25.89 -20.05
N ARG A 215 -32.33 25.71 -19.87
CA ARG A 215 -31.76 24.44 -19.45
C ARG A 215 -31.46 24.46 -17.94
N VAL A 216 -31.60 23.32 -17.32
CA VAL A 216 -31.19 23.18 -15.94
C VAL A 216 -30.51 21.84 -15.82
N PRO A 217 -30.04 21.53 -14.65
CA PRO A 217 -29.41 20.23 -14.42
C PRO A 217 -30.45 19.10 -14.46
N VAL A 218 -30.12 18.05 -15.18
CA VAL A 218 -31.00 16.94 -15.34
C VAL A 218 -30.46 15.75 -14.56
N ILE A 219 -31.27 15.22 -13.64
CA ILE A 219 -30.89 14.09 -12.80
C ILE A 219 -31.49 12.83 -13.38
N ALA A 220 -30.68 11.78 -13.51
CA ALA A 220 -31.24 10.50 -13.93
C ALA A 220 -31.65 9.66 -12.74
N LYS A 221 -32.89 9.18 -12.76
CA LYS A 221 -33.35 8.24 -11.78
C LYS A 221 -33.04 6.82 -12.25
N LEU A 222 -32.26 6.11 -11.46
CA LEU A 222 -31.82 4.77 -11.76
C LEU A 222 -32.77 3.79 -11.15
N GLU A 223 -33.69 3.29 -11.95
CA GLU A 223 -34.70 2.33 -11.45
C GLU A 223 -35.05 1.28 -12.51
N LYS A 224 -34.12 1.00 -13.41
CA LYS A 224 -34.36 0.06 -14.47
C LYS A 224 -33.13 -0.78 -14.68
N PRO A 225 -33.32 -2.02 -15.11
CA PRO A 225 -32.14 -2.81 -15.40
C PRO A 225 -31.32 -2.21 -16.54
N GLU A 226 -31.97 -1.56 -17.49
CA GLU A 226 -31.24 -1.05 -18.64
C GLU A 226 -30.33 0.05 -18.13
N ALA A 227 -30.82 0.81 -17.16
CA ALA A 227 -30.07 1.94 -16.59
C ALA A 227 -28.76 1.45 -16.01
N ILE A 228 -28.80 0.34 -15.32
CA ILE A 228 -27.66 -0.16 -14.63
C ILE A 228 -26.73 -0.87 -15.60
N ASP A 229 -27.29 -1.38 -16.69
CA ASP A 229 -26.47 -1.97 -17.76
C ASP A 229 -25.66 -0.85 -18.54
N ASN A 230 -26.15 0.39 -18.49
CA ASN A 230 -25.51 1.54 -19.15
C ASN A 230 -25.14 2.60 -18.13
N LEU A 231 -24.76 2.16 -16.93
CA LEU A 231 -24.62 3.08 -15.80
C LEU A 231 -23.58 4.16 -16.07
N GLU A 232 -22.40 3.77 -16.53
CA GLU A 232 -21.33 4.74 -16.74
C GLU A 232 -21.76 5.75 -17.77
N ALA A 233 -22.34 5.30 -18.87
CA ALA A 233 -22.72 6.21 -19.97
C ALA A 233 -23.82 7.18 -19.54
N ILE A 234 -24.77 6.69 -18.74
CA ILE A 234 -25.81 7.55 -18.18
C ILE A 234 -25.25 8.61 -17.24
N VAL A 235 -24.26 8.23 -16.41
CA VAL A 235 -23.62 9.19 -15.50
C VAL A 235 -22.77 10.25 -16.25
N LEU A 236 -22.26 9.90 -17.43
CA LEU A 236 -21.58 10.89 -18.25
C LEU A 236 -22.52 11.75 -19.11
N ALA A 237 -23.68 11.22 -19.48
CA ALA A 237 -24.60 11.98 -20.29
C ALA A 237 -25.53 12.86 -19.43
N PHE A 238 -25.84 12.40 -18.23
CA PHE A 238 -26.65 13.20 -17.30
C PHE A 238 -25.79 13.98 -16.35
N ASP A 239 -26.40 14.93 -15.65
CA ASP A 239 -25.63 15.85 -14.78
C ASP A 239 -25.56 15.31 -13.37
N ALA A 240 -26.58 14.56 -12.98
CA ALA A 240 -26.60 13.88 -11.67
C ALA A 240 -27.35 12.56 -11.81
N VAL A 241 -27.25 11.71 -10.79
CA VAL A 241 -28.08 10.50 -10.73
C VAL A 241 -28.71 10.33 -9.36
N MET A 242 -29.89 9.73 -9.36
CA MET A 242 -30.59 9.32 -8.16
C MET A 242 -30.74 7.80 -8.19
N VAL A 243 -30.30 7.17 -7.11
CA VAL A 243 -30.52 5.75 -6.94
C VAL A 243 -31.96 5.62 -6.40
N ALA A 244 -32.89 5.32 -7.33
CA ALA A 244 -34.33 5.38 -7.07
C ALA A 244 -34.76 4.01 -6.68
N ARG A 245 -34.63 3.70 -5.40
CA ARG A 245 -34.59 2.30 -4.94
C ARG A 245 -35.96 1.65 -4.94
N GLY A 246 -37.02 2.44 -4.80
CA GLY A 246 -38.36 1.89 -4.82
C GLY A 246 -38.60 1.02 -6.04
N ASP A 247 -38.56 1.63 -7.21
CA ASP A 247 -38.85 0.92 -8.45
C ASP A 247 -37.70 0.02 -8.78
N LEU A 248 -36.49 0.42 -8.35
CA LEU A 248 -35.29 -0.39 -8.61
C LEU A 248 -35.39 -1.73 -7.90
N GLY A 249 -36.06 -1.74 -6.76
CA GLY A 249 -36.24 -2.91 -5.94
C GLY A 249 -37.31 -3.83 -6.38
N VAL A 250 -38.16 -3.42 -7.34
CA VAL A 250 -39.11 -4.38 -7.94
C VAL A 250 -38.73 -4.71 -9.39
N GLU A 251 -37.94 -3.83 -10.03
CA GLU A 251 -37.51 -4.03 -11.41
C GLU A 251 -36.30 -4.93 -11.46
N LEU A 252 -35.52 -4.88 -10.37
CA LEU A 252 -34.42 -5.81 -10.12
C LEU A 252 -34.78 -6.55 -8.88
N PRO A 253 -34.15 -7.69 -8.64
CA PRO A 253 -34.33 -8.37 -7.37
C PRO A 253 -33.94 -7.46 -6.19
N LEU A 254 -34.78 -7.40 -5.17
CA LEU A 254 -34.56 -6.41 -4.12
C LEU A 254 -33.23 -6.66 -3.38
N GLU A 255 -32.73 -7.89 -3.49
CA GLU A 255 -31.46 -8.24 -2.91
C GLU A 255 -30.26 -7.71 -3.74
N GLU A 256 -30.52 -7.27 -4.97
CA GLU A 256 -29.44 -6.76 -5.81
C GLU A 256 -29.21 -5.25 -5.59
N VAL A 257 -30.12 -4.62 -4.89
CA VAL A 257 -30.12 -3.16 -4.78
C VAL A 257 -28.99 -2.63 -3.90
N PRO A 258 -28.71 -3.27 -2.78
CA PRO A 258 -27.64 -2.77 -1.96
C PRO A 258 -26.34 -2.55 -2.74
N LEU A 259 -26.03 -3.45 -3.67
CA LEU A 259 -24.72 -3.40 -4.31
C LEU A 259 -24.72 -2.49 -5.51
N VAL A 260 -25.87 -2.38 -6.15
CA VAL A 260 -26.02 -1.45 -7.27
C VAL A 260 -25.85 -0.02 -6.75
N GLN A 261 -26.47 0.26 -5.61
CA GLN A 261 -26.35 1.56 -4.94
C GLN A 261 -24.89 1.88 -4.75
N LYS A 262 -24.13 0.97 -4.18
CA LYS A 262 -22.75 1.28 -3.88
C LYS A 262 -21.96 1.48 -5.14
N ARG A 263 -22.23 0.66 -6.13
CA ARG A 263 -21.54 0.77 -7.42
C ARG A 263 -21.93 2.06 -8.19
N ALA A 264 -23.14 2.54 -7.97
CA ALA A 264 -23.64 3.75 -8.63
C ALA A 264 -23.15 4.99 -7.94
N ILE A 265 -22.92 4.93 -6.63
CA ILE A 265 -22.37 6.08 -5.92
C ILE A 265 -20.93 6.23 -6.32
N GLN A 266 -20.20 5.14 -6.35
CA GLN A 266 -18.80 5.19 -6.81
C GLN A 266 -18.70 5.76 -8.19
N MET A 267 -19.66 5.45 -9.06
CA MET A 267 -19.57 5.85 -10.47
C MET A 267 -19.82 7.37 -10.61
N ALA A 268 -20.61 7.93 -9.71
CA ALA A 268 -20.94 9.32 -9.77
C ALA A 268 -19.79 10.10 -9.26
N ARG A 269 -19.24 9.64 -8.15
CA ARG A 269 -18.16 10.37 -7.53
C ARG A 269 -16.92 10.42 -8.42
N GLU A 270 -16.67 9.31 -9.12
CA GLU A 270 -15.54 9.23 -10.02
C GLU A 270 -15.61 10.25 -11.12
N ASN A 271 -16.81 10.46 -11.67
CA ASN A 271 -17.00 11.41 -12.77
C ASN A 271 -17.54 12.75 -12.28
N ALA A 272 -17.56 12.89 -10.94
CA ALA A 272 -17.84 14.15 -10.24
C ALA A 272 -19.25 14.62 -10.45
N LYS A 273 -20.21 13.70 -10.33
CA LYS A 273 -21.60 14.08 -10.48
C LYS A 273 -22.28 13.74 -9.19
N PRO A 274 -23.23 14.58 -8.80
CA PRO A 274 -23.91 14.35 -7.55
C PRO A 274 -24.72 13.09 -7.61
N VAL A 275 -24.88 12.43 -6.48
CA VAL A 275 -25.69 11.26 -6.42
C VAL A 275 -26.59 11.33 -5.19
N ILE A 276 -27.86 11.02 -5.41
CA ILE A 276 -28.86 11.00 -4.35
C ILE A 276 -29.26 9.57 -4.04
N VAL A 277 -29.38 9.21 -2.76
CA VAL A 277 -29.89 7.90 -2.41
C VAL A 277 -31.30 8.06 -1.90
N ALA A 278 -32.25 7.32 -2.46
CA ALA A 278 -33.66 7.60 -2.22
C ALA A 278 -34.52 6.42 -1.89
N THR A 279 -35.56 6.68 -1.13
CA THR A 279 -36.71 5.84 -0.99
C THR A 279 -36.58 4.85 0.17
N GLN A 280 -37.50 5.01 1.14
CA GLN A 280 -37.61 4.19 2.36
C GLN A 280 -36.40 4.23 3.28
N MET A 281 -35.64 5.32 3.28
CA MET A 281 -34.46 5.35 4.15
C MET A 281 -34.90 5.34 5.58
N LEU A 282 -35.99 6.02 5.85
CA LEU A 282 -36.54 6.06 7.20
C LEU A 282 -38.05 5.79 7.13
N ASP A 283 -38.41 4.78 6.34
CA ASP A 283 -39.80 4.54 6.01
C ASP A 283 -40.71 4.45 7.24
N SER A 284 -40.22 3.81 8.29
CA SER A 284 -41.07 3.62 9.45
C SER A 284 -41.42 4.95 10.13
N MET A 285 -40.72 6.04 9.84
CA MET A 285 -41.03 7.34 10.50
C MET A 285 -42.34 7.98 10.03
N ILE A 286 -42.98 7.39 9.02
CA ILE A 286 -44.32 7.81 8.59
C ILE A 286 -45.34 7.64 9.69
N GLU A 287 -45.17 6.61 10.51
CA GLU A 287 -46.09 6.35 11.60
C GLU A 287 -45.47 6.57 12.96
N ASN A 288 -44.15 6.57 13.04
CA ASN A 288 -43.51 6.45 14.32
C ASN A 288 -42.55 7.58 14.52
N SER A 289 -42.43 8.00 15.78
CA SER A 289 -41.59 9.12 16.14
C SER A 289 -40.09 8.75 16.09
N ARG A 290 -39.80 7.45 16.09
CA ARG A 290 -38.44 6.98 15.93
C ARG A 290 -38.35 5.91 14.83
N PRO A 291 -37.18 5.82 14.18
CA PRO A 291 -36.97 4.83 13.15
C PRO A 291 -36.56 3.44 13.69
N THR A 292 -36.35 2.50 12.77
CA THR A 292 -35.84 1.19 13.14
C THR A 292 -34.31 1.24 13.18
N ARG A 293 -33.73 0.14 13.63
CA ARG A 293 -32.31 0.04 13.71
C ARG A 293 -31.72 -0.16 12.31
N ALA A 294 -32.52 -0.74 11.40
CA ALA A 294 -32.14 -0.96 10.01
C ALA A 294 -32.16 0.34 9.22
N GLU A 295 -33.15 1.16 9.53
CA GLU A 295 -33.29 2.41 8.86
C GLU A 295 -32.10 3.28 9.25
N ALA A 296 -31.82 3.40 10.55
CA ALA A 296 -30.65 4.16 11.01
C ALA A 296 -29.35 3.65 10.32
N SER A 297 -29.20 2.33 10.22
CA SER A 297 -28.06 1.74 9.53
C SER A 297 -28.04 2.10 8.05
N ASP A 298 -29.20 2.23 7.44
CA ASP A 298 -29.26 2.44 6.01
C ASP A 298 -28.78 3.84 5.68
N VAL A 299 -29.11 4.78 6.55
CA VAL A 299 -28.70 6.16 6.41
C VAL A 299 -27.20 6.32 6.63
N ALA A 300 -26.71 5.78 7.72
CA ALA A 300 -25.27 5.83 8.02
C ALA A 300 -24.46 5.18 6.91
N ASN A 301 -25.02 4.15 6.29
CA ASN A 301 -24.30 3.44 5.24
C ASN A 301 -24.34 4.19 3.90
N ALA A 302 -25.38 4.98 3.68
CA ALA A 302 -25.41 5.81 2.50
C ALA A 302 -24.33 6.90 2.64
N VAL A 303 -24.12 7.35 3.87
CA VAL A 303 -23.04 8.29 4.12
C VAL A 303 -21.67 7.66 3.81
N LEU A 304 -21.44 6.45 4.32
CA LEU A 304 -20.12 5.85 4.23
C LEU A 304 -19.82 5.34 2.84
N ASP A 305 -20.88 5.09 2.08
CA ASP A 305 -20.79 4.76 0.67
C ASP A 305 -20.27 5.97 -0.14
N GLY A 306 -20.60 7.20 0.33
CA GLY A 306 -20.12 8.44 -0.29
C GLY A 306 -21.23 9.31 -0.94
N ALA A 307 -22.49 9.16 -0.52
CA ALA A 307 -23.57 9.82 -1.20
C ALA A 307 -23.50 11.31 -0.99
N ASP A 308 -23.78 12.08 -2.04
CA ASP A 308 -23.80 13.52 -1.90
C ASP A 308 -25.02 13.85 -1.03
N ALA A 309 -26.12 13.17 -1.33
CA ALA A 309 -27.39 13.48 -0.69
C ALA A 309 -28.22 12.25 -0.41
N LEU A 310 -29.01 12.33 0.65
CA LEU A 310 -29.98 11.30 0.98
C LEU A 310 -31.36 11.92 0.92
N MET A 311 -32.35 11.13 0.61
CA MET A 311 -33.70 11.68 0.33
C MET A 311 -34.77 11.03 1.18
N LEU A 312 -35.81 11.80 1.48
CA LEU A 312 -36.99 11.29 2.17
C LEU A 312 -38.16 11.50 1.23
N SER A 313 -39.01 10.49 1.12
CA SER A 313 -40.11 10.55 0.19
C SER A 313 -41.41 10.67 0.94
N GLY A 314 -42.01 9.55 1.27
CA GLY A 314 -43.25 9.58 2.05
C GLY A 314 -43.07 10.13 3.44
N GLU A 315 -41.85 10.07 3.96
CA GLU A 315 -41.59 10.43 5.38
C GLU A 315 -41.90 11.89 5.65
N THR A 316 -41.77 12.73 4.62
CA THR A 316 -42.09 14.16 4.68
C THR A 316 -43.31 14.55 3.83
N SER A 317 -43.60 13.82 2.76
CA SER A 317 -44.70 14.24 1.87
C SER A 317 -46.07 13.91 2.47
N VAL A 318 -46.24 12.69 2.98
CA VAL A 318 -47.51 12.31 3.58
C VAL A 318 -47.39 11.85 5.03
N GLY A 319 -46.17 11.84 5.57
CA GLY A 319 -45.91 11.29 6.89
C GLY A 319 -46.45 12.11 8.06
N LYS A 320 -46.24 11.59 9.26
CA LYS A 320 -46.82 12.15 10.48
C LYS A 320 -45.81 12.97 11.24
N TYR A 321 -44.52 12.69 11.02
CA TYR A 321 -43.47 13.40 11.71
C TYR A 321 -42.47 13.85 10.69
N PRO A 322 -42.90 14.73 9.79
CA PRO A 322 -42.04 15.19 8.70
C PRO A 322 -40.81 15.95 9.21
N LEU A 323 -40.98 16.64 10.33
CA LEU A 323 -39.93 17.39 10.94
C LEU A 323 -38.94 16.49 11.62
N ALA A 324 -39.48 15.48 12.29
CA ALA A 324 -38.67 14.62 13.06
C ALA A 324 -37.85 13.75 12.11
N ALA A 325 -38.41 13.46 10.93
CA ALA A 325 -37.73 12.61 9.97
C ALA A 325 -36.50 13.31 9.44
N VAL A 326 -36.64 14.58 9.14
CA VAL A 326 -35.55 15.39 8.69
C VAL A 326 -34.53 15.62 9.77
N ARG A 327 -34.99 15.82 11.00
CA ARG A 327 -34.09 16.04 12.12
C ARG A 327 -33.30 14.79 12.44
N THR A 328 -33.95 13.65 12.40
CA THR A 328 -33.30 12.43 12.71
C THR A 328 -32.27 12.11 11.68
N MET A 329 -32.65 12.26 10.43
CA MET A 329 -31.73 11.98 9.32
C MET A 329 -30.45 12.77 9.52
N SER A 330 -30.55 14.00 10.00
CA SER A 330 -29.41 14.88 10.16
C SER A 330 -28.55 14.47 11.38
N ARG A 331 -29.20 14.07 12.45
CA ARG A 331 -28.43 13.61 13.59
C ARG A 331 -27.54 12.43 13.19
N ILE A 332 -28.10 11.47 12.46
CA ILE A 332 -27.34 10.31 12.01
C ILE A 332 -26.22 10.71 11.06
N ILE A 333 -26.54 11.50 10.07
CA ILE A 333 -25.51 11.91 9.15
C ILE A 333 -24.40 12.55 9.97
N CYS A 334 -24.78 13.46 10.83
CA CYS A 334 -23.85 14.18 11.63
C CYS A 334 -23.04 13.24 12.52
N ALA A 335 -23.69 12.20 13.02
CA ALA A 335 -23.01 11.25 13.92
C ALA A 335 -21.90 10.53 13.22
N VAL A 336 -22.16 10.14 11.98
CA VAL A 336 -21.19 9.43 11.16
C VAL A 336 -20.04 10.31 10.78
N GLU A 337 -20.34 11.57 10.51
CA GLU A 337 -19.36 12.50 9.97
C GLU A 337 -18.44 12.99 11.04
N GLU A 338 -18.94 13.08 12.26
CA GLU A 338 -18.09 13.45 13.38
C GLU A 338 -16.97 12.43 13.50
N ASN A 339 -17.34 11.16 13.39
CA ASN A 339 -16.42 10.10 13.48
C ASN A 339 -15.36 10.25 12.39
N SER A 340 -15.78 10.19 11.13
CA SER A 340 -14.89 10.33 10.01
C SER A 340 -15.73 10.65 8.78
N THR A 341 -15.29 11.60 7.97
CA THR A 341 -15.97 11.89 6.69
C THR A 341 -15.32 11.09 5.51
N ALA A 342 -14.31 10.28 5.84
CA ALA A 342 -13.59 9.45 4.84
C ALA A 342 -14.54 8.70 3.92
N ALA A 343 -14.36 8.84 2.61
CA ALA A 343 -15.18 8.08 1.64
C ALA A 343 -14.28 7.17 0.84
N PRO A 344 -14.85 6.08 0.30
CA PRO A 344 -14.09 5.16 -0.49
C PRO A 344 -13.31 5.92 -1.57
N PRO A 345 -12.00 5.74 -1.61
CA PRO A 345 -11.17 6.46 -2.56
C PRO A 345 -11.53 6.22 -4.04
N LEU A 346 -11.11 7.15 -4.88
CA LEU A 346 -11.27 6.98 -6.30
C LEU A 346 -10.33 5.89 -6.79
N THR A 347 -10.72 5.27 -7.87
CA THR A 347 -9.98 4.18 -8.46
C THR A 347 -9.07 4.71 -9.56
N HIS A 348 -8.96 6.03 -9.64
CA HIS A 348 -8.12 6.62 -10.64
C HIS A 348 -7.55 7.92 -10.13
N ILE A 349 -6.48 8.35 -10.77
CA ILE A 349 -5.88 9.62 -10.50
C ILE A 349 -6.56 10.59 -11.42
N PRO A 350 -6.98 11.74 -10.88
CA PRO A 350 -7.56 12.77 -11.73
C PRO A 350 -6.68 13.16 -12.89
N ARG A 351 -7.32 13.38 -14.03
CA ARG A 351 -6.67 13.65 -15.30
C ARG A 351 -7.05 15.04 -15.87
N THR A 352 -8.17 15.58 -15.41
CA THR A 352 -8.68 16.82 -15.97
C THR A 352 -8.08 17.94 -15.21
N LYS A 353 -7.88 19.06 -15.88
CA LYS A 353 -7.29 20.24 -15.25
C LYS A 353 -7.99 20.57 -13.95
N ARG A 354 -9.30 20.67 -14.03
CA ARG A 354 -10.09 21.09 -12.89
C ARG A 354 -10.07 20.03 -11.80
N GLY A 355 -10.00 18.76 -12.20
CA GLY A 355 -9.91 17.67 -11.22
C GLY A 355 -8.57 17.67 -10.51
N VAL A 356 -7.51 17.87 -11.28
CA VAL A 356 -6.19 17.79 -10.75
C VAL A 356 -5.93 18.92 -9.78
N ILE A 357 -6.43 20.10 -10.08
CA ILE A 357 -6.15 21.28 -9.28
C ILE A 357 -6.95 21.25 -8.01
N SER A 358 -8.16 20.74 -8.08
CA SER A 358 -9.00 20.72 -6.90
C SER A 358 -8.49 19.66 -5.96
N TYR A 359 -7.81 18.64 -6.49
CA TYR A 359 -7.30 17.57 -5.64
C TYR A 359 -6.13 18.15 -4.85
N ALA A 360 -5.17 18.76 -5.57
CA ALA A 360 -4.04 19.41 -5.00
C ALA A 360 -4.44 20.43 -3.95
N ALA A 361 -5.49 21.20 -4.23
CA ALA A 361 -5.95 22.20 -3.27
C ALA A 361 -6.41 21.56 -1.98
N ARG A 362 -7.05 20.41 -2.07
CA ARG A 362 -7.47 19.68 -0.88
C ARG A 362 -6.24 19.27 -0.06
N ASP A 363 -5.21 18.83 -0.78
CA ASP A 363 -4.02 18.33 -0.16
C ASP A 363 -3.45 19.45 0.67
N ILE A 364 -3.21 20.59 0.02
CA ILE A 364 -2.55 21.72 0.66
C ILE A 364 -3.31 22.19 1.89
N GLY A 365 -4.61 22.31 1.77
CA GLY A 365 -5.43 22.80 2.85
C GLY A 365 -5.33 21.91 4.05
N GLU A 366 -5.44 20.62 3.84
CA GLU A 366 -5.44 19.66 4.94
C GLU A 366 -4.09 19.55 5.60
N ARG A 367 -3.04 19.55 4.78
CA ARG A 367 -1.65 19.53 5.30
C ARG A 367 -1.29 20.77 6.07
N LEU A 368 -1.82 21.92 5.66
CA LEU A 368 -1.48 23.18 6.31
C LEU A 368 -2.48 23.65 7.35
N ASP A 369 -3.38 22.75 7.78
CA ASP A 369 -4.30 23.04 8.86
C ASP A 369 -5.14 24.25 8.48
N ALA A 370 -5.56 24.33 7.23
CA ALA A 370 -6.32 25.50 6.74
C ALA A 370 -7.69 25.52 7.38
N LYS A 371 -8.28 26.70 7.44
CA LYS A 371 -9.58 26.87 8.07
C LYS A 371 -10.71 26.54 7.13
N ALA A 372 -10.47 26.74 5.84
CA ALA A 372 -11.48 26.51 4.84
C ALA A 372 -10.85 26.37 3.47
N LEU A 373 -11.58 25.75 2.57
CA LEU A 373 -11.18 25.67 1.15
C LEU A 373 -12.18 26.49 0.40
N VAL A 374 -11.75 27.32 -0.53
CA VAL A 374 -12.66 28.26 -1.18
C VAL A 374 -12.48 28.07 -2.64
N ALA A 375 -13.55 27.89 -3.37
CA ALA A 375 -13.44 27.59 -4.79
C ALA A 375 -14.40 28.39 -5.60
N PHE A 376 -13.89 28.93 -6.70
CA PHE A 376 -14.67 29.80 -7.56
C PHE A 376 -15.17 29.00 -8.74
N THR A 377 -16.44 29.17 -9.10
CA THR A 377 -16.95 28.44 -10.23
C THR A 377 -18.14 29.09 -10.91
N GLN A 378 -18.20 28.86 -12.20
CA GLN A 378 -19.18 29.41 -13.09
C GLN A 378 -20.33 28.41 -13.13
N SER A 379 -20.00 27.14 -13.34
CA SER A 379 -21.00 26.10 -13.49
C SER A 379 -21.03 25.17 -12.31
N GLY A 380 -19.98 25.17 -11.51
CA GLY A 380 -19.89 24.26 -10.35
C GLY A 380 -18.99 23.07 -10.56
N ASP A 381 -18.36 22.95 -11.74
CA ASP A 381 -17.57 21.76 -11.98
C ASP A 381 -16.36 21.66 -11.07
N THR A 382 -15.64 22.75 -10.93
CA THR A 382 -14.47 22.75 -10.08
C THR A 382 -14.84 22.37 -8.64
N VAL A 383 -15.97 22.87 -8.17
CA VAL A 383 -16.37 22.67 -6.80
C VAL A 383 -16.79 21.26 -6.52
N ARG A 384 -17.22 20.57 -7.56
CA ARG A 384 -17.75 19.23 -7.39
C ARG A 384 -16.66 18.20 -7.40
N ARG A 385 -15.53 18.52 -8.01
CA ARG A 385 -14.40 17.62 -8.05
C ARG A 385 -13.65 17.62 -6.75
N LEU A 386 -13.89 18.64 -5.94
CA LEU A 386 -13.33 18.69 -4.63
C LEU A 386 -14.34 18.11 -3.65
N ALA A 387 -15.62 18.30 -3.91
CA ALA A 387 -16.64 17.79 -2.99
C ALA A 387 -16.56 16.29 -2.95
N ARG A 388 -16.27 15.68 -4.09
CA ARG A 388 -16.33 14.23 -4.24
C ARG A 388 -15.28 13.58 -3.40
N LEU A 389 -14.26 14.33 -2.99
CA LEU A 389 -13.12 13.82 -2.18
C LEU A 389 -13.41 13.77 -0.71
N HIS A 390 -14.46 14.41 -0.31
CA HIS A 390 -14.93 14.36 1.08
C HIS A 390 -13.95 14.86 2.06
N THR A 391 -13.71 16.16 2.05
CA THR A 391 -12.83 16.73 3.03
C THR A 391 -13.51 17.12 4.34
N PRO A 392 -12.78 17.11 5.45
CA PRO A 392 -13.38 17.55 6.74
C PRO A 392 -13.36 19.06 6.89
N LEU A 393 -12.66 19.72 5.99
CA LEU A 393 -12.59 21.15 5.97
C LEU A 393 -13.84 21.67 5.35
N PRO A 394 -14.25 22.87 5.77
CA PRO A 394 -15.30 23.58 5.10
C PRO A 394 -14.96 23.82 3.64
N LEU A 395 -15.89 23.48 2.75
CA LEU A 395 -15.76 23.78 1.36
C LEU A 395 -16.73 24.86 1.05
N LEU A 396 -16.23 25.97 0.52
CA LEU A 396 -17.03 27.11 0.23
C LEU A 396 -16.93 27.50 -1.21
N ALA A 397 -18.07 27.51 -1.89
CA ALA A 397 -18.12 27.83 -3.30
C ALA A 397 -18.46 29.30 -3.48
N PHE A 398 -17.79 29.94 -4.43
CA PHE A 398 -18.00 31.34 -4.70
C PHE A 398 -18.35 31.46 -6.15
N THR A 399 -19.46 32.14 -6.42
CA THR A 399 -20.03 32.18 -7.78
C THR A 399 -20.85 33.45 -7.95
N ALA A 400 -20.98 33.90 -9.18
CA ALA A 400 -21.80 35.07 -9.44
C ALA A 400 -23.25 34.68 -9.82
N TRP A 401 -23.45 33.42 -10.17
CA TRP A 401 -24.71 32.99 -10.70
C TRP A 401 -25.50 32.30 -9.61
N PRO A 402 -26.52 32.98 -9.04
CA PRO A 402 -27.27 32.54 -7.84
C PRO A 402 -27.98 31.19 -7.94
N GLU A 403 -28.28 30.76 -9.15
CA GLU A 403 -28.92 29.48 -9.39
C GLU A 403 -27.96 28.35 -9.06
N VAL A 404 -26.67 28.62 -9.18
CA VAL A 404 -25.65 27.62 -8.95
C VAL A 404 -25.55 27.34 -7.45
N ARG A 405 -25.86 28.34 -6.65
CA ARG A 405 -25.99 28.15 -5.21
C ARG A 405 -27.06 27.16 -4.85
N SER A 406 -28.13 27.12 -5.62
CA SER A 406 -29.21 26.16 -5.40
C SER A 406 -28.89 24.81 -6.01
N GLN A 407 -28.09 24.82 -7.10
CA GLN A 407 -27.65 23.59 -7.70
C GLN A 407 -26.63 22.90 -6.82
N LEU A 408 -25.88 23.66 -6.05
CA LEU A 408 -24.80 23.10 -5.22
C LEU A 408 -25.30 22.76 -3.85
N ALA A 409 -26.61 22.87 -3.65
CA ALA A 409 -27.18 22.49 -2.38
C ALA A 409 -27.41 21.00 -2.32
N MET A 410 -27.21 20.30 -3.43
CA MET A 410 -27.24 18.85 -3.42
C MET A 410 -25.87 18.24 -3.58
N THR A 411 -24.83 19.08 -3.65
CA THR A 411 -23.46 18.57 -3.68
C THR A 411 -22.87 18.55 -2.27
N TRP A 412 -22.18 17.49 -1.97
CA TRP A 412 -21.66 17.20 -0.65
C TRP A 412 -20.88 18.34 0.04
N GLY A 413 -21.23 18.63 1.28
CA GLY A 413 -20.41 19.46 2.17
C GLY A 413 -20.06 20.86 1.67
N THR A 414 -20.88 21.38 0.77
CA THR A 414 -20.59 22.65 0.11
C THR A 414 -21.56 23.73 0.54
N GLU A 415 -21.01 24.88 0.88
CA GLU A 415 -21.77 26.06 1.25
C GLU A 415 -21.42 27.11 0.16
N THR A 416 -22.41 27.79 -0.37
CA THR A 416 -22.17 28.68 -1.46
C THR A 416 -22.45 30.14 -1.08
N PHE A 417 -21.72 31.01 -1.75
CA PHE A 417 -21.78 32.42 -1.50
C PHE A 417 -21.84 33.09 -2.84
N ILE A 418 -22.83 33.96 -3.02
CA ILE A 418 -22.97 34.62 -4.29
C ILE A 418 -22.23 35.92 -4.20
N VAL A 419 -21.54 36.27 -5.27
CA VAL A 419 -20.80 37.55 -5.31
C VAL A 419 -20.99 38.20 -6.65
N PRO A 420 -20.66 39.48 -6.76
CA PRO A 420 -20.70 40.15 -8.05
C PRO A 420 -19.62 39.61 -8.95
N LYS A 421 -19.75 39.84 -10.25
CA LYS A 421 -18.71 39.38 -11.15
C LYS A 421 -17.42 40.13 -10.89
N MET A 422 -16.32 39.40 -10.79
CA MET A 422 -15.03 40.03 -10.57
C MET A 422 -14.19 39.95 -11.81
N GLN A 423 -13.31 40.90 -11.97
CA GLN A 423 -12.55 41.04 -13.21
C GLN A 423 -11.06 41.00 -12.88
N SER A 424 -10.71 40.38 -11.77
CA SER A 424 -9.36 40.47 -11.22
C SER A 424 -9.24 39.43 -10.14
N THR A 425 -8.05 38.85 -10.03
CA THR A 425 -7.70 37.91 -8.95
C THR A 425 -7.76 38.64 -7.62
N ASP A 426 -7.31 39.89 -7.65
CA ASP A 426 -7.35 40.77 -6.51
C ASP A 426 -8.73 40.85 -6.00
N GLY A 427 -9.61 41.22 -6.92
CA GLY A 427 -11.00 41.43 -6.65
C GLY A 427 -11.59 40.21 -6.01
N MET A 428 -11.36 39.07 -6.64
CA MET A 428 -11.86 37.80 -6.13
C MET A 428 -11.48 37.60 -4.65
N ILE A 429 -10.21 37.81 -4.37
CA ILE A 429 -9.69 37.54 -3.06
C ILE A 429 -10.22 38.50 -2.02
N ARG A 430 -10.51 39.72 -2.43
CA ARG A 430 -11.01 40.69 -1.49
C ARG A 430 -12.45 40.40 -1.17
N GLN A 431 -13.18 39.91 -2.17
CA GLN A 431 -14.58 39.51 -1.97
C GLN A 431 -14.64 38.38 -0.97
N VAL A 432 -13.70 37.46 -1.05
CA VAL A 432 -13.70 36.31 -0.16
C VAL A 432 -13.51 36.81 1.26
N ASP A 433 -12.58 37.74 1.42
CA ASP A 433 -12.28 38.33 2.71
C ASP A 433 -13.50 39.00 3.30
N LYS A 434 -14.23 39.75 2.46
CA LYS A 434 -15.44 40.45 2.89
C LYS A 434 -16.48 39.46 3.38
N SER A 435 -16.81 38.50 2.54
CA SER A 435 -17.86 37.56 2.85
C SER A 435 -17.52 36.85 4.12
N LEU A 436 -16.31 36.31 4.18
CA LEU A 436 -15.97 35.41 5.27
C LEU A 436 -15.88 36.15 6.58
N LEU A 437 -15.43 37.38 6.51
CA LEU A 437 -15.30 38.19 7.69
C LEU A 437 -16.61 38.54 8.33
N GLU A 438 -17.66 38.59 7.51
CA GLU A 438 -18.95 39.09 7.98
C GLU A 438 -19.70 38.02 8.72
N LEU A 439 -19.18 36.80 8.70
CA LEU A 439 -19.69 35.75 9.58
C LEU A 439 -19.08 35.98 10.95
N ALA A 440 -19.81 35.66 12.01
CA ALA A 440 -19.18 35.60 13.32
C ALA A 440 -17.99 34.62 13.19
N ARG A 441 -18.29 33.47 12.56
CA ARG A 441 -17.38 32.36 12.38
C ARG A 441 -15.95 32.63 11.87
N TYR A 442 -15.70 33.73 11.17
CA TYR A 442 -14.34 33.96 10.67
C TYR A 442 -13.71 35.21 11.22
N LYS A 443 -12.39 35.19 11.27
CA LYS A 443 -11.61 36.29 11.76
C LYS A 443 -10.50 36.64 10.79
N ARG A 444 -9.97 37.83 10.92
CA ARG A 444 -8.90 38.29 10.08
C ARG A 444 -7.62 37.58 10.51
N GLY A 445 -6.75 37.25 9.55
CA GLY A 445 -5.54 36.49 9.84
C GLY A 445 -5.72 34.99 9.67
N ASP A 446 -6.99 34.54 9.60
CA ASP A 446 -7.29 33.11 9.38
C ASP A 446 -6.81 32.63 8.03
N LEU A 447 -6.45 31.36 7.96
CA LEU A 447 -5.81 30.79 6.80
C LEU A 447 -6.78 30.06 5.92
N VAL A 448 -6.75 30.34 4.62
CA VAL A 448 -7.62 29.64 3.68
C VAL A 448 -6.90 29.40 2.40
N VAL A 449 -7.38 28.40 1.65
CA VAL A 449 -6.88 28.08 0.34
C VAL A 449 -7.93 28.45 -0.68
N ILE A 450 -7.53 29.21 -1.70
CA ILE A 450 -8.49 29.64 -2.71
C ILE A 450 -8.19 29.09 -4.08
N VAL A 451 -9.18 28.47 -4.70
CA VAL A 451 -9.05 28.00 -6.06
C VAL A 451 -9.77 28.92 -6.98
N ALA A 452 -9.12 29.23 -8.08
CA ALA A 452 -9.73 30.12 -9.03
C ALA A 452 -9.20 29.91 -10.41
N GLY A 453 -9.60 30.81 -11.30
CA GLY A 453 -9.15 30.79 -12.66
C GLY A 453 -9.04 32.20 -13.19
N ALA A 454 -8.31 32.31 -14.28
CA ALA A 454 -8.26 33.52 -15.05
C ALA A 454 -8.03 33.06 -16.49
N PRO A 455 -8.81 33.54 -17.45
CA PRO A 455 -9.60 34.73 -17.38
C PRO A 455 -10.90 34.52 -16.63
N PRO A 456 -11.27 35.46 -15.78
CA PRO A 456 -12.47 35.32 -14.97
C PRO A 456 -13.72 35.23 -15.80
N GLY A 457 -14.77 34.68 -15.22
CA GLY A 457 -16.06 34.66 -15.90
C GLY A 457 -16.09 33.69 -17.08
N THR A 458 -15.25 32.66 -17.02
CA THR A 458 -15.16 31.67 -18.08
C THR A 458 -15.16 30.30 -17.41
N VAL A 459 -16.01 29.40 -17.91
CA VAL A 459 -16.13 28.07 -17.34
C VAL A 459 -14.88 27.28 -17.71
N GLY A 460 -14.28 26.65 -16.71
CA GLY A 460 -13.07 25.81 -16.91
C GLY A 460 -11.80 26.62 -17.10
N SER A 461 -11.82 27.86 -16.64
CA SER A 461 -10.67 28.72 -16.73
C SER A 461 -9.72 28.38 -15.61
N THR A 462 -10.24 27.68 -14.61
CA THR A 462 -9.54 27.33 -13.38
C THR A 462 -8.08 27.00 -13.55
N ASN A 463 -7.19 27.75 -12.88
CA ASN A 463 -5.76 27.53 -13.04
C ASN A 463 -4.90 28.12 -11.93
N LEU A 464 -5.52 28.44 -10.78
CA LEU A 464 -4.72 28.91 -9.69
C LEU A 464 -5.20 28.56 -8.32
N ILE A 465 -4.23 28.36 -7.45
CA ILE A 465 -4.46 28.16 -6.04
C ILE A 465 -3.70 29.22 -5.32
N HIS A 466 -4.28 29.71 -4.23
CA HIS A 466 -3.71 30.78 -3.48
C HIS A 466 -3.81 30.49 -2.01
N VAL A 467 -2.70 30.60 -1.29
CA VAL A 467 -2.77 30.36 0.14
C VAL A 467 -2.82 31.68 0.82
N HIS A 468 -3.95 31.96 1.47
CA HIS A 468 -4.24 33.32 1.86
C HIS A 468 -4.67 33.41 3.32
N ARG A 469 -4.24 34.43 4.01
CA ARG A 469 -4.68 34.66 5.37
C ARG A 469 -5.68 35.77 5.31
N ILE A 470 -6.80 35.59 5.98
CA ILE A 470 -7.87 36.56 5.94
C ILE A 470 -7.35 37.95 6.37
N GLY A 471 -7.34 38.84 5.39
CA GLY A 471 -7.13 40.27 5.60
C GLY A 471 -5.73 40.74 5.25
N GLU A 472 -4.82 39.81 5.00
CA GLU A 472 -3.41 40.17 4.94
C GLU A 472 -3.03 40.52 3.54
N ASP A 473 -1.83 41.10 3.41
CA ASP A 473 -1.32 41.43 2.11
C ASP A 473 -0.44 40.29 1.66
N ASP A 474 -1.05 39.38 0.89
CA ASP A 474 -0.29 38.28 0.29
C ASP A 474 -0.77 37.95 -1.12
N VAL A 475 -1.26 38.95 -1.83
CA VAL A 475 -1.86 38.73 -3.13
C VAL A 475 -0.94 39.31 -4.18
N THR B 5 -23.33 -22.75 -1.66
CA THR B 5 -24.35 -22.22 -0.72
C THR B 5 -23.91 -20.93 0.01
N ARG B 6 -24.77 -20.46 0.91
CA ARG B 6 -24.49 -19.37 1.81
C ARG B 6 -23.36 -19.64 2.83
N ARG B 7 -22.67 -18.57 3.19
CA ARG B 7 -21.58 -18.61 4.17
C ARG B 7 -21.99 -17.91 5.46
N GLY B 8 -22.69 -16.79 5.35
CA GLY B 8 -23.22 -16.07 6.51
C GLY B 8 -24.32 -16.83 7.25
N LYS B 9 -24.26 -16.84 8.58
CA LYS B 9 -25.19 -17.66 9.31
C LYS B 9 -26.44 -16.87 9.65
N ILE B 10 -27.57 -17.57 9.72
CA ILE B 10 -28.82 -16.98 10.11
C ILE B 10 -29.32 -17.50 11.45
N VAL B 11 -29.57 -16.58 12.38
CA VAL B 11 -30.14 -16.93 13.70
C VAL B 11 -31.64 -16.52 13.79
N CYS B 12 -32.51 -17.46 14.08
CA CYS B 12 -33.95 -17.11 14.22
C CYS B 12 -34.43 -17.24 15.65
N THR B 13 -35.25 -16.29 16.08
CA THR B 13 -35.90 -16.40 17.39
C THR B 13 -37.26 -17.16 17.32
N LEU B 14 -37.47 -18.11 18.20
CA LEU B 14 -38.66 -18.92 18.16
C LEU B 14 -39.75 -18.37 19.05
N GLY B 15 -41.01 -18.63 18.68
CA GLY B 15 -42.14 -18.16 19.45
C GLY B 15 -43.44 -18.62 18.86
N PRO B 16 -44.52 -17.91 19.16
CA PRO B 16 -45.89 -18.29 18.78
C PRO B 16 -46.09 -18.65 17.31
N ALA B 17 -45.34 -18.01 16.43
CA ALA B 17 -45.51 -18.21 15.00
C ALA B 17 -44.81 -19.44 14.53
N THR B 18 -44.03 -20.06 15.40
CA THR B 18 -43.28 -21.24 15.06
C THR B 18 -43.83 -22.46 15.76
N GLN B 19 -44.99 -22.33 16.40
CA GLN B 19 -45.56 -23.42 17.22
C GLN B 19 -46.58 -24.26 16.47
N ARG B 20 -46.69 -24.06 15.18
CA ARG B 20 -47.54 -24.92 14.34
C ARG B 20 -46.81 -26.22 14.04
N ASP B 21 -47.50 -27.16 13.40
CA ASP B 21 -46.86 -28.40 13.06
C ASP B 21 -45.92 -28.18 11.89
N ASP B 22 -44.72 -28.69 12.08
CA ASP B 22 -43.69 -28.63 11.08
C ASP B 22 -43.47 -27.22 10.69
N LEU B 23 -43.39 -26.33 11.63
CA LEU B 23 -43.03 -24.99 11.33
C LEU B 23 -41.59 -24.83 11.65
N VAL B 24 -41.16 -25.42 12.75
CA VAL B 24 -39.78 -25.37 13.07
C VAL B 24 -39.01 -26.04 11.96
N ARG B 25 -39.56 -27.10 11.44
CA ARG B 25 -38.92 -27.85 10.37
C ARG B 25 -38.68 -26.92 9.17
N ALA B 26 -39.72 -26.18 8.79
CA ALA B 26 -39.67 -25.31 7.64
C ALA B 26 -38.50 -24.33 7.68
N LEU B 27 -38.15 -23.87 8.89
CA LEU B 27 -37.10 -22.86 9.07
C LEU B 27 -35.77 -23.47 8.89
N VAL B 28 -35.61 -24.65 9.43
CA VAL B 28 -34.35 -25.34 9.32
C VAL B 28 -34.15 -25.68 7.83
N GLU B 29 -35.23 -26.16 7.20
CA GLU B 29 -35.21 -26.44 5.77
C GLU B 29 -34.98 -25.19 4.93
N ALA B 30 -35.38 -24.04 5.45
CA ALA B 30 -35.20 -22.79 4.73
C ALA B 30 -33.85 -22.11 5.00
N GLY B 31 -33.11 -22.57 6.02
CA GLY B 31 -31.78 -22.02 6.29
C GLY B 31 -31.39 -21.69 7.75
N MET B 32 -32.27 -21.90 8.72
CA MET B 32 -31.93 -21.52 10.10
C MET B 32 -30.70 -22.25 10.59
N ASP B 33 -29.70 -21.50 11.04
CA ASP B 33 -28.49 -22.09 11.56
C ASP B 33 -28.47 -22.13 13.06
N VAL B 34 -29.06 -21.12 13.70
CA VAL B 34 -29.15 -21.12 15.16
C VAL B 34 -30.57 -20.82 15.56
N ALA B 35 -31.04 -21.54 16.56
CA ALA B 35 -32.35 -21.32 17.08
C ALA B 35 -32.26 -20.63 18.43
N ARG B 36 -32.93 -19.51 18.53
CA ARG B 36 -32.87 -18.68 19.71
C ARG B 36 -34.18 -18.83 20.51
N MET B 37 -34.05 -19.34 21.72
CA MET B 37 -35.12 -19.42 22.66
C MET B 37 -35.01 -18.23 23.56
N ASN B 38 -35.98 -17.34 23.50
CA ASN B 38 -35.92 -16.17 24.35
C ASN B 38 -36.60 -16.45 25.68
N PHE B 39 -35.85 -16.32 26.77
CA PHE B 39 -36.39 -16.68 28.09
C PHE B 39 -37.11 -15.58 28.81
N SER B 40 -37.29 -14.45 28.12
CA SER B 40 -38.18 -13.41 28.57
C SER B 40 -39.63 -13.84 28.55
N HIS B 41 -40.02 -14.61 27.54
CA HIS B 41 -41.42 -14.94 27.35
C HIS B 41 -41.55 -16.44 27.30
N GLY B 42 -42.77 -16.93 27.61
CA GLY B 42 -43.11 -18.34 27.47
C GLY B 42 -42.74 -19.11 28.72
N ASP B 43 -43.12 -20.38 28.81
CA ASP B 43 -42.81 -21.17 29.97
C ASP B 43 -42.05 -22.40 29.56
N TYR B 44 -41.48 -23.07 30.55
CA TYR B 44 -40.55 -24.18 30.34
C TYR B 44 -41.06 -25.27 29.41
N ASP B 45 -42.36 -25.49 29.38
CA ASP B 45 -42.92 -26.50 28.51
C ASP B 45 -42.89 -26.02 27.07
N ASP B 46 -43.04 -24.71 26.89
CA ASP B 46 -43.02 -24.14 25.55
C ASP B 46 -41.62 -24.21 24.98
N HIS B 47 -40.66 -24.03 25.86
CA HIS B 47 -39.29 -24.02 25.45
C HIS B 47 -38.86 -25.41 25.15
N LYS B 48 -39.17 -26.34 26.05
CA LYS B 48 -38.84 -27.73 25.82
C LYS B 48 -39.34 -28.23 24.48
N VAL B 49 -40.59 -27.96 24.16
CA VAL B 49 -41.17 -28.50 22.93
C VAL B 49 -40.52 -27.86 21.70
N ALA B 50 -40.11 -26.61 21.83
CA ALA B 50 -39.45 -25.94 20.75
C ALA B 50 -38.10 -26.64 20.50
N TYR B 51 -37.37 -26.86 21.59
CA TYR B 51 -36.07 -27.47 21.56
C TYR B 51 -36.07 -28.88 21.01
N GLU B 52 -37.16 -29.57 21.21
CA GLU B 52 -37.32 -30.91 20.70
C GLU B 52 -37.48 -30.86 19.21
N ARG B 53 -38.20 -29.86 18.76
CA ARG B 53 -38.50 -29.75 17.37
C ARG B 53 -37.30 -29.34 16.59
N VAL B 54 -36.35 -28.67 17.24
CA VAL B 54 -35.16 -28.21 16.55
C VAL B 54 -34.25 -29.39 16.36
N ARG B 55 -34.09 -30.16 17.40
CA ARG B 55 -33.20 -31.29 17.36
C ARG B 55 -33.72 -32.34 16.39
N VAL B 56 -35.04 -32.48 16.25
CA VAL B 56 -35.59 -33.45 15.29
C VAL B 56 -35.25 -33.02 13.87
N ALA B 57 -35.51 -31.76 13.57
CA ALA B 57 -35.33 -31.25 12.24
C ALA B 57 -33.85 -31.11 11.89
N SER B 58 -33.01 -30.76 12.87
CA SER B 58 -31.58 -30.73 12.63
C SER B 58 -31.14 -32.11 12.23
N ASP B 59 -31.44 -33.07 13.10
CA ASP B 59 -31.02 -34.45 12.92
C ASP B 59 -31.64 -35.06 11.68
N ALA B 60 -32.86 -34.67 11.33
CA ALA B 60 -33.56 -35.32 10.24
C ALA B 60 -33.07 -34.80 8.90
N THR B 61 -32.61 -33.56 8.87
CA THR B 61 -32.14 -32.93 7.61
C THR B 61 -30.66 -33.05 7.33
N GLY B 62 -29.86 -33.28 8.36
CA GLY B 62 -28.43 -33.23 8.24
C GLY B 62 -27.85 -31.85 8.46
N ARG B 63 -28.69 -30.85 8.71
CA ARG B 63 -28.18 -29.49 8.90
C ARG B 63 -27.87 -29.23 10.36
N ALA B 64 -26.67 -28.76 10.61
CA ALA B 64 -26.27 -28.37 11.92
C ALA B 64 -27.20 -27.27 12.34
N VAL B 65 -27.76 -27.34 13.55
CA VAL B 65 -28.53 -26.21 14.09
C VAL B 65 -28.26 -25.99 15.55
N GLY B 66 -27.51 -24.94 15.88
CA GLY B 66 -27.22 -24.63 17.29
C GLY B 66 -28.44 -24.11 18.03
N VAL B 67 -28.43 -24.22 19.34
CA VAL B 67 -29.57 -23.81 20.15
C VAL B 67 -29.12 -22.83 21.21
N LEU B 68 -29.67 -21.63 21.17
CA LEU B 68 -29.21 -20.51 21.97
C LEU B 68 -30.23 -20.14 23.01
N ALA B 69 -29.79 -20.17 24.25
CA ALA B 69 -30.62 -19.75 25.38
C ALA B 69 -30.37 -18.28 25.64
N ASP B 70 -31.34 -17.43 25.34
CA ASP B 70 -31.25 -16.01 25.69
C ASP B 70 -31.85 -15.66 27.05
N LEU B 71 -30.99 -15.25 27.98
CA LEU B 71 -31.42 -14.91 29.33
C LEU B 71 -31.86 -13.43 29.39
N GLN B 72 -33.00 -13.18 30.04
CA GLN B 72 -33.57 -11.85 30.14
C GLN B 72 -32.62 -10.82 30.73
N GLY B 73 -31.86 -11.20 31.76
CA GLY B 73 -30.93 -10.24 32.41
C GLY B 73 -31.68 -9.38 33.41
N PRO B 74 -31.01 -8.35 33.95
CA PRO B 74 -31.65 -7.30 34.75
C PRO B 74 -32.40 -6.31 33.86
N LYS B 75 -33.48 -6.80 33.31
CA LYS B 75 -34.39 -6.00 32.53
C LYS B 75 -35.34 -5.32 33.51
N ILE B 76 -35.53 -4.02 33.35
CA ILE B 76 -36.42 -3.28 34.20
C ILE B 76 -37.76 -3.18 33.50
N ARG B 77 -38.83 -3.29 34.29
CA ARG B 77 -40.16 -3.42 33.74
C ARG B 77 -41.18 -2.67 34.54
N LEU B 78 -42.36 -2.55 33.95
CA LEU B 78 -43.50 -2.10 34.69
C LEU B 78 -44.22 -3.27 35.35
N GLY B 79 -45.10 -2.95 36.28
CA GLY B 79 -45.99 -3.93 36.83
C GLY B 79 -47.21 -4.11 35.99
N ARG B 80 -48.24 -4.67 36.59
CA ARG B 80 -49.44 -5.02 35.87
C ARG B 80 -50.46 -3.93 36.03
N PHE B 81 -51.20 -3.67 34.96
CA PHE B 81 -52.30 -2.73 35.02
C PHE B 81 -53.60 -3.49 35.28
N ALA B 82 -54.50 -2.88 36.04
CA ALA B 82 -55.81 -3.49 36.38
C ALA B 82 -56.53 -3.97 35.15
N SER B 83 -56.50 -3.15 34.11
CA SER B 83 -57.15 -3.50 32.86
C SER B 83 -56.19 -4.16 31.89
N GLY B 84 -54.93 -4.33 32.27
CA GLY B 84 -53.97 -5.02 31.42
C GLY B 84 -53.25 -4.12 30.43
N ALA B 85 -53.81 -2.96 30.16
CA ALA B 85 -53.21 -1.99 29.28
C ALA B 85 -53.91 -0.66 29.51
N THR B 86 -53.15 0.40 29.34
CA THR B 86 -53.73 1.72 29.29
C THR B 86 -53.14 2.50 28.13
N HIS B 87 -53.50 3.77 28.01
CA HIS B 87 -52.96 4.58 26.94
C HIS B 87 -52.48 5.85 27.52
N TRP B 88 -51.19 6.11 27.41
CA TRP B 88 -50.63 7.35 27.94
C TRP B 88 -50.48 8.35 26.83
N ALA B 89 -51.16 9.49 26.97
CA ALA B 89 -51.15 10.49 25.92
C ALA B 89 -50.40 11.69 26.40
N GLU B 90 -49.80 12.40 25.45
CA GLU B 90 -48.96 13.54 25.76
C GLU B 90 -49.75 14.50 26.61
N GLY B 91 -49.09 15.07 27.62
CA GLY B 91 -49.76 16.03 28.50
C GLY B 91 -50.23 15.44 29.80
N GLU B 92 -50.21 14.12 29.91
CA GLU B 92 -50.66 13.46 31.13
C GLU B 92 -49.54 13.38 32.14
N THR B 93 -49.92 13.25 33.40
CA THR B 93 -48.97 12.92 34.46
C THR B 93 -49.08 11.45 34.78
N VAL B 94 -47.95 10.78 34.98
CA VAL B 94 -47.94 9.40 35.42
C VAL B 94 -46.96 9.21 36.57
N ARG B 95 -47.29 8.34 37.51
CA ARG B 95 -46.39 8.06 38.63
C ARG B 95 -45.91 6.62 38.54
N ILE B 96 -44.62 6.43 38.37
CA ILE B 96 -44.05 5.08 38.48
C ILE B 96 -43.49 4.91 39.88
N THR B 97 -43.84 3.80 40.54
CA THR B 97 -43.48 3.67 41.93
C THR B 97 -42.71 2.38 42.26
N VAL B 98 -41.93 2.47 43.32
CA VAL B 98 -41.26 1.31 43.85
C VAL B 98 -42.13 0.64 44.87
N GLY B 99 -43.27 1.27 45.19
CA GLY B 99 -44.35 0.63 45.99
C GLY B 99 -45.07 -0.50 45.27
N ALA B 100 -45.61 -1.41 46.02
CA ALA B 100 -46.44 -2.48 45.45
C ALA B 100 -47.78 -1.87 45.12
N CYS B 101 -48.28 -2.16 43.92
CA CYS B 101 -49.64 -1.83 43.57
C CYS B 101 -49.99 -2.51 42.28
N GLU B 102 -51.28 -2.67 42.06
CA GLU B 102 -51.78 -3.08 40.77
C GLU B 102 -52.04 -1.81 40.01
N GLY B 103 -51.50 -1.77 38.81
CA GLY B 103 -51.46 -0.58 38.05
C GLY B 103 -52.80 -0.06 37.64
N SER B 104 -52.79 1.22 37.31
CA SER B 104 -53.87 1.86 36.64
C SER B 104 -53.29 2.95 35.74
N HIS B 105 -54.15 3.80 35.18
CA HIS B 105 -53.71 4.82 34.24
C HIS B 105 -52.68 5.81 34.85
N ASP B 106 -52.95 6.23 36.09
CA ASP B 106 -52.23 7.30 36.73
C ASP B 106 -51.17 6.84 37.71
N ARG B 107 -51.18 5.58 38.14
CA ARG B 107 -50.11 5.07 39.05
C ARG B 107 -49.84 3.57 38.84
N VAL B 108 -48.66 3.27 38.32
CA VAL B 108 -48.22 1.88 38.05
C VAL B 108 -46.84 1.62 38.72
N SER B 109 -46.50 0.35 38.86
CA SER B 109 -45.35 -0.09 39.59
C SER B 109 -44.21 -0.46 38.61
N THR B 110 -43.01 -0.66 39.17
CA THR B 110 -41.90 -1.13 38.38
C THR B 110 -41.10 -2.16 39.13
N THR B 111 -40.29 -2.94 38.42
CA THR B 111 -39.51 -4.00 39.05
C THR B 111 -38.21 -3.48 39.66
N TYR B 112 -37.64 -2.41 39.11
CA TYR B 112 -36.43 -1.82 39.66
C TYR B 112 -36.85 -1.09 40.88
N LYS B 113 -36.37 -1.53 42.02
CA LYS B 113 -36.87 -1.03 43.27
C LYS B 113 -36.04 0.13 43.78
N ARG B 114 -35.14 0.64 42.96
CA ARG B 114 -34.32 1.75 43.32
C ARG B 114 -34.63 2.92 42.43
N LEU B 115 -35.77 2.88 41.79
CA LEU B 115 -36.09 3.92 40.88
C LEU B 115 -36.20 5.21 41.67
N ALA B 116 -37.02 5.18 42.73
CA ALA B 116 -37.22 6.37 43.56
C ALA B 116 -35.95 6.78 44.28
N GLN B 117 -35.15 5.79 44.64
CA GLN B 117 -33.94 6.06 45.34
C GLN B 117 -32.94 6.82 44.47
N ASP B 118 -32.93 6.58 43.16
CA ASP B 118 -31.95 7.30 42.31
C ASP B 118 -32.43 7.67 40.89
N ALA B 119 -33.65 8.20 40.85
CA ALA B 119 -34.11 8.97 39.68
C ALA B 119 -34.11 10.46 40.04
N VAL B 120 -33.56 11.27 39.14
CA VAL B 120 -33.59 12.71 39.34
C VAL B 120 -34.37 13.36 38.23
N ALA B 121 -34.92 14.51 38.55
CA ALA B 121 -35.71 15.28 37.63
C ALA B 121 -34.85 15.63 36.46
N GLY B 122 -35.44 15.52 35.29
CA GLY B 122 -34.73 15.70 34.05
C GLY B 122 -34.55 14.37 33.35
N ASP B 123 -34.46 13.28 34.11
CA ASP B 123 -34.28 11.98 33.51
C ASP B 123 -35.40 11.61 32.61
N ARG B 124 -35.09 10.73 31.68
CA ARG B 124 -36.04 10.30 30.71
C ARG B 124 -36.34 8.82 30.93
N VAL B 125 -37.56 8.43 30.55
CA VAL B 125 -38.01 7.06 30.60
C VAL B 125 -38.60 6.73 29.26
N LEU B 126 -38.03 5.74 28.57
CA LEU B 126 -38.63 5.22 27.36
C LEU B 126 -39.34 3.92 27.67
N VAL B 127 -40.53 3.74 27.13
CA VAL B 127 -41.28 2.52 27.30
C VAL B 127 -41.38 1.82 25.95
N ASP B 128 -41.33 0.49 25.98
CA ASP B 128 -41.40 -0.33 24.78
C ASP B 128 -40.32 0.09 23.78
N ASP B 129 -39.07 0.12 24.26
CA ASP B 129 -37.92 0.52 23.44
C ASP B 129 -38.13 1.85 22.65
N GLY B 130 -38.97 2.74 23.19
CA GLY B 130 -38.93 4.14 22.76
C GLY B 130 -40.23 4.79 22.36
N LYS B 131 -41.22 3.97 22.03
CA LYS B 131 -42.44 4.49 21.36
C LYS B 131 -43.32 5.32 22.30
N VAL B 132 -43.00 5.28 23.59
CA VAL B 132 -43.68 6.11 24.58
C VAL B 132 -42.59 6.69 25.47
N ALA B 133 -42.48 8.01 25.53
CA ALA B 133 -41.43 8.65 26.30
C ALA B 133 -41.97 9.56 27.39
N LEU B 134 -41.37 9.46 28.57
CA LEU B 134 -41.73 10.28 29.71
C LEU B 134 -40.51 11.01 30.23
N VAL B 135 -40.75 12.14 30.89
CA VAL B 135 -39.67 12.88 31.51
C VAL B 135 -39.92 13.03 33.01
N VAL B 136 -38.89 12.80 33.80
CA VAL B 136 -39.02 12.77 35.24
C VAL B 136 -39.18 14.19 35.78
N ASP B 137 -40.23 14.41 36.58
CA ASP B 137 -40.47 15.72 37.19
C ASP B 137 -40.03 15.73 38.64
N ALA B 138 -40.44 14.73 39.41
CA ALA B 138 -40.07 14.69 40.83
C ALA B 138 -40.15 13.32 41.43
N VAL B 139 -39.59 13.21 42.63
CA VAL B 139 -39.76 12.01 43.44
C VAL B 139 -40.54 12.38 44.73
N GLU B 140 -41.79 11.97 44.80
CA GLU B 140 -42.59 12.15 46.03
C GLU B 140 -42.65 10.85 46.82
N GLY B 141 -41.79 10.73 47.82
CA GLY B 141 -41.81 9.54 48.67
C GLY B 141 -41.23 8.39 47.90
N ASP B 142 -42.03 7.44 47.45
CA ASP B 142 -41.46 6.42 46.58
C ASP B 142 -42.07 6.32 45.21
N ASP B 143 -42.82 7.35 44.83
CA ASP B 143 -43.32 7.44 43.43
C ASP B 143 -42.44 8.39 42.64
N VAL B 144 -42.34 8.14 41.34
CA VAL B 144 -41.54 8.99 40.46
C VAL B 144 -42.54 9.63 39.52
N VAL B 145 -42.62 10.95 39.58
CA VAL B 145 -43.69 11.66 38.90
C VAL B 145 -43.16 12.14 37.57
N CYS B 146 -43.79 11.73 36.47
CA CYS B 146 -43.28 12.06 35.15
C CYS B 146 -44.35 12.68 34.28
N THR B 147 -43.90 13.31 33.19
CA THR B 147 -44.83 13.84 32.22
C THR B 147 -44.70 13.02 30.96
N VAL B 148 -45.82 12.71 30.35
CA VAL B 148 -45.80 11.99 29.10
C VAL B 148 -45.47 12.97 28.01
N VAL B 149 -44.37 12.74 27.33
CA VAL B 149 -43.86 13.70 26.34
C VAL B 149 -43.93 13.13 24.91
N GLU B 150 -44.22 11.85 24.82
CA GLU B 150 -44.64 11.21 23.56
C GLU B 150 -45.65 10.19 23.98
N GLY B 151 -46.88 10.27 23.43
CA GLY B 151 -47.97 9.44 23.94
C GLY B 151 -47.98 8.04 23.31
N GLY B 152 -48.67 7.12 23.96
CA GLY B 152 -48.97 5.83 23.37
C GLY B 152 -49.45 4.82 24.42
N PRO B 153 -49.75 3.58 23.96
CA PRO B 153 -50.31 2.56 24.85
C PRO B 153 -49.22 1.83 25.61
N VAL B 154 -49.44 1.63 26.90
CA VAL B 154 -48.58 0.74 27.64
C VAL B 154 -49.41 -0.44 28.14
N SER B 155 -48.81 -1.60 28.09
CA SER B 155 -49.40 -2.77 28.64
C SER B 155 -48.58 -3.31 29.80
N ASP B 156 -49.14 -4.33 30.45
CA ASP B 156 -48.51 -5.04 31.55
C ASP B 156 -47.08 -5.42 31.30
N ASN B 157 -46.23 -5.25 32.31
CA ASN B 157 -44.83 -5.72 32.30
C ASN B 157 -43.99 -5.22 31.15
N LYS B 158 -44.22 -4.02 30.64
CA LYS B 158 -43.47 -3.54 29.49
C LYS B 158 -42.13 -3.03 29.91
N GLY B 159 -41.15 -3.17 29.03
CA GLY B 159 -39.79 -2.88 29.37
C GLY B 159 -39.60 -1.39 29.38
N ILE B 160 -38.86 -0.88 30.35
CA ILE B 160 -38.57 0.54 30.39
C ILE B 160 -37.09 0.74 30.51
N SER B 161 -36.62 1.82 29.92
CA SER B 161 -35.23 2.05 29.82
C SER B 161 -34.89 3.38 30.45
N LEU B 162 -33.91 3.34 31.33
CA LEU B 162 -33.52 4.50 32.03
C LEU B 162 -32.18 4.96 31.45
N PRO B 163 -32.23 5.57 30.26
CA PRO B 163 -31.00 6.01 29.66
C PRO B 163 -30.29 7.02 30.55
N GLY B 164 -29.00 6.80 30.77
CA GLY B 164 -28.18 7.76 31.43
C GLY B 164 -28.04 7.51 32.90
N MET B 165 -29.10 7.01 33.55
CA MET B 165 -28.97 6.80 34.97
C MET B 165 -28.33 5.44 35.27
N ASN B 166 -27.57 5.41 36.34
CA ASN B 166 -26.84 4.23 36.68
C ASN B 166 -27.78 3.37 37.41
N VAL B 167 -27.95 2.19 36.86
CA VAL B 167 -28.77 1.19 37.52
C VAL B 167 -27.86 0.26 38.26
N THR B 168 -28.15 0.00 39.53
CA THR B 168 -27.46 -1.08 40.21
C THR B 168 -28.34 -2.31 40.26
N ALA B 169 -27.94 -3.34 39.51
CA ALA B 169 -28.63 -4.60 39.55
C ALA B 169 -27.70 -5.69 39.11
N PRO B 170 -27.88 -6.88 39.68
CA PRO B 170 -26.91 -7.97 39.53
C PRO B 170 -26.80 -8.46 38.10
N ALA B 171 -25.63 -9.00 37.73
CA ALA B 171 -25.39 -9.46 36.37
C ALA B 171 -26.41 -10.50 35.97
N LEU B 172 -26.75 -11.37 36.93
CA LEU B 172 -27.74 -12.39 36.74
C LEU B 172 -28.80 -12.27 37.81
N SER B 173 -30.07 -12.30 37.41
CA SER B 173 -31.14 -12.34 38.37
C SER B 173 -31.47 -13.75 38.79
N GLU B 174 -32.36 -13.89 39.75
CA GLU B 174 -32.70 -15.21 40.20
C GLU B 174 -33.54 -15.96 39.18
N LYS B 175 -34.29 -15.23 38.37
CA LYS B 175 -35.04 -15.83 37.27
C LYS B 175 -34.08 -16.36 36.27
N ASP B 176 -33.03 -15.58 36.01
CA ASP B 176 -32.02 -15.93 35.05
C ASP B 176 -31.24 -17.17 35.51
N ILE B 177 -30.88 -17.24 36.80
CA ILE B 177 -30.13 -18.37 37.32
C ILE B 177 -30.91 -19.67 37.17
N GLU B 178 -32.23 -19.61 37.32
CA GLU B 178 -32.99 -20.86 37.26
C GLU B 178 -33.47 -21.15 35.86
N ASP B 179 -33.20 -20.24 34.95
CA ASP B 179 -33.41 -20.52 33.54
C ASP B 179 -32.12 -20.98 32.90
N LEU B 180 -31.01 -20.51 33.42
CA LEU B 180 -29.74 -21.05 33.07
C LEU B 180 -29.77 -22.53 33.42
N THR B 181 -30.15 -22.83 34.65
CA THR B 181 -30.24 -24.23 35.06
C THR B 181 -31.16 -25.03 34.14
N PHE B 182 -32.38 -24.57 33.92
CA PHE B 182 -33.29 -25.34 33.08
C PHE B 182 -32.74 -25.54 31.68
N ALA B 183 -32.13 -24.51 31.11
CA ALA B 183 -31.57 -24.60 29.74
C ALA B 183 -30.28 -25.48 29.66
N LEU B 184 -29.43 -25.42 30.68
CA LEU B 184 -28.28 -26.30 30.72
C LEU B 184 -28.70 -27.78 30.77
N ASN B 185 -29.68 -28.12 31.60
CA ASN B 185 -30.16 -29.50 31.68
C ASN B 185 -31.00 -29.91 30.47
N LEU B 186 -31.60 -28.95 29.79
CA LEU B 186 -32.32 -29.26 28.55
C LEU B 186 -31.35 -29.63 27.38
N GLY B 187 -30.08 -29.18 27.47
CA GLY B 187 -29.04 -29.52 26.47
C GLY B 187 -28.80 -28.46 25.37
N VAL B 188 -28.92 -27.19 25.73
CA VAL B 188 -28.62 -26.10 24.80
C VAL B 188 -27.10 -25.92 24.58
N ASP B 189 -26.75 -25.34 23.44
CA ASP B 189 -25.36 -25.33 22.98
C ASP B 189 -24.64 -24.09 23.42
N MET B 190 -25.41 -23.00 23.55
CA MET B 190 -24.85 -21.68 23.89
C MET B 190 -25.81 -20.94 24.77
N VAL B 191 -25.35 -19.89 25.39
CA VAL B 191 -26.16 -19.09 26.27
C VAL B 191 -25.82 -17.64 26.01
N ALA B 192 -26.83 -16.77 25.93
CA ALA B 192 -26.62 -15.32 25.82
C ALA B 192 -27.11 -14.61 27.09
N LEU B 193 -26.26 -13.71 27.60
CA LEU B 193 -26.57 -12.89 28.75
C LEU B 193 -26.90 -11.47 28.34
N SER B 194 -28.05 -10.97 28.77
CA SER B 194 -28.49 -9.62 28.42
C SER B 194 -27.95 -8.56 29.38
N PHE B 195 -27.74 -7.36 28.84
CA PHE B 195 -27.35 -6.16 29.61
C PHE B 195 -26.01 -6.32 30.32
N VAL B 196 -25.07 -6.92 29.62
CA VAL B 196 -23.73 -7.09 30.11
C VAL B 196 -23.10 -5.74 30.23
N ARG B 197 -22.35 -5.53 31.31
CA ARG B 197 -21.65 -4.28 31.52
C ARG B 197 -20.15 -4.46 31.71
N SER B 198 -19.75 -5.62 32.21
CA SER B 198 -18.40 -5.82 32.68
C SER B 198 -17.88 -7.14 32.21
N PRO B 199 -16.56 -7.23 32.06
CA PRO B 199 -15.91 -8.50 31.71
C PRO B 199 -16.03 -9.54 32.83
N ALA B 200 -16.31 -9.09 34.06
CA ALA B 200 -16.47 -10.00 35.19
C ALA B 200 -17.86 -10.64 35.23
N ASP B 201 -18.76 -10.26 34.32
CA ASP B 201 -20.13 -10.74 34.38
C ASP B 201 -20.24 -12.19 33.96
N VAL B 202 -19.28 -12.63 33.16
CA VAL B 202 -19.21 -14.02 32.73
C VAL B 202 -18.78 -14.93 33.86
N GLU B 203 -18.08 -14.39 34.85
CA GLU B 203 -17.65 -15.16 36.00
C GLU B 203 -18.86 -15.70 36.71
N LEU B 204 -19.83 -14.83 36.89
CA LEU B 204 -21.09 -15.17 37.49
C LEU B 204 -21.69 -16.36 36.75
N VAL B 205 -21.79 -16.22 35.45
CA VAL B 205 -22.40 -17.24 34.61
C VAL B 205 -21.60 -18.52 34.74
N HIS B 206 -20.28 -18.39 34.69
CA HIS B 206 -19.42 -19.55 34.74
C HIS B 206 -19.63 -20.32 36.03
N GLU B 207 -19.58 -19.60 37.14
CA GLU B 207 -19.80 -20.15 38.48
C GLU B 207 -21.05 -21.07 38.53
N VAL B 208 -22.18 -20.57 38.09
CA VAL B 208 -23.41 -21.32 38.08
C VAL B 208 -23.31 -22.57 37.22
N MET B 209 -22.59 -22.45 36.11
CA MET B 209 -22.34 -23.58 35.24
C MET B 209 -21.53 -24.59 35.98
N ASP B 210 -20.55 -24.13 36.76
CA ASP B 210 -19.70 -25.05 37.52
C ASP B 210 -20.43 -25.76 38.66
N ARG B 211 -21.35 -25.03 39.30
CA ARG B 211 -22.22 -25.64 40.27
C ARG B 211 -22.98 -26.78 39.59
N ILE B 212 -23.65 -26.43 38.50
CA ILE B 212 -24.49 -27.36 37.75
C ILE B 212 -23.66 -28.33 36.91
N GLY B 213 -22.38 -28.03 36.73
CA GLY B 213 -21.43 -29.00 36.22
C GLY B 213 -21.49 -29.14 34.71
N ARG B 214 -21.79 -28.05 34.05
CA ARG B 214 -21.86 -28.02 32.61
C ARG B 214 -21.64 -26.59 32.12
N ARG B 215 -20.53 -26.38 31.40
CA ARG B 215 -20.29 -25.10 30.73
C ARG B 215 -20.69 -25.16 29.24
N VAL B 216 -21.11 -24.05 28.71
CA VAL B 216 -21.27 -23.92 27.28
C VAL B 216 -20.74 -22.54 26.89
N PRO B 217 -20.81 -22.22 25.62
CA PRO B 217 -20.39 -20.90 25.17
C PRO B 217 -21.33 -19.81 25.67
N VAL B 218 -20.76 -18.75 26.19
CA VAL B 218 -21.51 -17.66 26.73
C VAL B 218 -21.37 -16.46 25.80
N ILE B 219 -22.49 -15.93 25.31
CA ILE B 219 -22.50 -14.81 24.36
C ILE B 219 -22.85 -13.54 25.14
N ALA B 220 -22.09 -12.48 24.94
CA ALA B 220 -22.44 -11.22 25.54
C ALA B 220 -23.33 -10.39 24.63
N LYS B 221 -24.44 -9.90 25.19
CA LYS B 221 -25.29 -8.99 24.48
C LYS B 221 -24.82 -7.57 24.79
N LEU B 222 -24.46 -6.85 23.73
CA LEU B 222 -23.97 -5.51 23.83
C LEU B 222 -25.12 -4.57 23.67
N GLU B 223 -25.65 -4.07 24.78
CA GLU B 223 -26.78 -3.16 24.76
C GLU B 223 -26.69 -2.10 25.88
N LYS B 224 -25.47 -1.81 26.30
CA LYS B 224 -25.25 -0.85 27.33
C LYS B 224 -24.05 0.00 26.99
N PRO B 225 -24.06 1.26 27.42
CA PRO B 225 -22.88 2.05 27.17
C PRO B 225 -21.65 1.49 27.89
N GLU B 226 -21.85 0.85 29.05
CA GLU B 226 -20.73 0.33 29.78
C GLU B 226 -20.08 -0.76 28.96
N ALA B 227 -20.91 -1.54 28.29
CA ALA B 227 -20.44 -2.65 27.45
C ALA B 227 -19.49 -2.16 26.39
N ILE B 228 -19.84 -1.03 25.78
CA ILE B 228 -19.09 -0.53 24.67
C ILE B 228 -17.84 0.19 25.16
N ASP B 229 -17.89 0.70 26.38
CA ASP B 229 -16.71 1.32 27.01
C ASP B 229 -15.65 0.23 27.35
N ASN B 230 -16.08 -1.02 27.54
CA ASN B 230 -15.20 -2.13 27.87
C ASN B 230 -15.24 -3.21 26.81
N LEU B 231 -15.39 -2.79 25.55
CA LEU B 231 -15.72 -3.73 24.48
C LEU B 231 -14.65 -4.78 24.30
N GLU B 232 -13.38 -4.36 24.23
CA GLU B 232 -12.28 -5.28 24.06
C GLU B 232 -12.27 -6.32 25.17
N ALA B 233 -12.37 -5.89 26.41
CA ALA B 233 -12.27 -6.80 27.56
C ALA B 233 -13.42 -7.77 27.60
N ILE B 234 -14.61 -7.30 27.25
CA ILE B 234 -15.79 -8.16 27.15
C ILE B 234 -15.64 -9.22 26.06
N VAL B 235 -15.07 -8.84 24.91
CA VAL B 235 -14.83 -9.80 23.81
C VAL B 235 -13.74 -10.83 24.14
N LEU B 236 -12.82 -10.47 25.02
CA LEU B 236 -11.83 -11.44 25.51
C LEU B 236 -12.33 -12.32 26.65
N ALA B 237 -13.24 -11.81 27.47
CA ALA B 237 -13.75 -12.60 28.58
C ALA B 237 -14.93 -13.47 28.18
N PHE B 238 -15.71 -13.02 27.20
CA PHE B 238 -16.84 -13.81 26.68
C PHE B 238 -16.44 -14.58 25.47
N ASP B 239 -17.25 -15.56 25.09
CA ASP B 239 -16.90 -16.45 23.96
C ASP B 239 -17.44 -15.90 22.66
N ALA B 240 -18.52 -15.16 22.74
CA ALA B 240 -19.09 -14.49 21.58
C ALA B 240 -19.74 -13.20 22.00
N VAL B 241 -20.08 -12.34 21.03
CA VAL B 241 -20.89 -11.16 21.32
C VAL B 241 -22.03 -11.02 20.32
N MET B 242 -23.13 -10.46 20.81
CA MET B 242 -24.25 -10.05 20.02
C MET B 242 -24.43 -8.55 20.12
N VAL B 243 -24.52 -7.92 18.96
CA VAL B 243 -24.79 -6.49 18.89
C VAL B 243 -26.31 -6.39 19.00
N ALA B 244 -26.78 -6.08 20.22
CA ALA B 244 -28.20 -6.16 20.57
C ALA B 244 -28.75 -4.79 20.40
N ARG B 245 -29.15 -4.46 19.18
CA ARG B 245 -29.34 -3.07 18.73
C ARG B 245 -30.61 -2.47 19.30
N GLY B 246 -31.62 -3.30 19.59
CA GLY B 246 -32.85 -2.80 20.19
C GLY B 246 -32.59 -1.93 21.42
N ASP B 247 -32.08 -2.56 22.47
CA ASP B 247 -31.86 -1.86 23.73
C ASP B 247 -30.69 -0.94 23.59
N LEU B 248 -29.74 -1.30 22.70
CA LEU B 248 -28.58 -0.46 22.47
C LEU B 248 -28.99 0.88 21.89
N GLY B 249 -30.06 0.86 21.09
CA GLY B 249 -30.55 2.04 20.41
C GLY B 249 -31.39 2.93 21.29
N VAL B 250 -31.78 2.49 22.49
CA VAL B 250 -32.42 3.41 23.43
C VAL B 250 -31.51 3.76 24.61
N GLU B 251 -30.52 2.91 24.86
CA GLU B 251 -29.55 3.13 25.94
C GLU B 251 -28.44 4.07 25.48
N LEU B 252 -28.18 4.02 24.19
CA LEU B 252 -27.31 4.97 23.51
C LEU B 252 -28.16 5.72 22.52
N PRO B 253 -27.68 6.85 22.05
CA PRO B 253 -28.37 7.54 20.98
C PRO B 253 -28.50 6.60 19.74
N LEU B 254 -29.69 6.54 19.15
CA LEU B 254 -29.91 5.55 18.09
C LEU B 254 -29.00 5.79 16.88
N GLU B 255 -28.52 7.02 16.76
CA GLU B 255 -27.58 7.38 15.72
C GLU B 255 -26.19 6.85 15.98
N GLU B 256 -25.89 6.46 17.21
CA GLU B 256 -24.51 6.01 17.55
C GLU B 256 -24.31 4.53 17.23
N VAL B 257 -25.41 3.81 17.05
CA VAL B 257 -25.36 2.38 16.94
C VAL B 257 -24.66 1.88 15.64
N PRO B 258 -25.00 2.47 14.51
CA PRO B 258 -24.41 1.94 13.30
C PRO B 258 -22.87 1.86 13.37
N LEU B 259 -22.22 2.79 14.06
CA LEU B 259 -20.78 2.76 14.11
C LEU B 259 -20.28 1.85 15.24
N VAL B 260 -21.07 1.73 16.28
CA VAL B 260 -20.73 0.80 17.37
C VAL B 260 -20.78 -0.63 16.82
N GLN B 261 -21.80 -0.92 16.03
CA GLN B 261 -21.93 -2.23 15.34
C GLN B 261 -20.64 -2.51 14.61
N LYS B 262 -20.21 -1.58 13.79
CA LYS B 262 -19.08 -1.83 12.91
C LYS B 262 -17.84 -2.02 13.73
N ARG B 263 -17.71 -1.22 14.78
CA ARG B 263 -16.54 -1.30 15.65
C ARG B 263 -16.53 -2.58 16.50
N ALA B 264 -17.71 -3.09 16.82
CA ALA B 264 -17.84 -4.30 17.61
C ALA B 264 -17.63 -5.54 16.79
N ILE B 265 -18.01 -5.49 15.50
CA ILE B 265 -17.79 -6.63 14.62
C ILE B 265 -16.31 -6.76 14.37
N GLN B 266 -15.65 -5.65 14.10
CA GLN B 266 -14.20 -5.68 13.89
C GLN B 266 -13.50 -6.23 15.11
N MET B 267 -13.99 -5.95 16.30
CA MET B 267 -13.29 -6.34 17.53
C MET B 267 -13.43 -7.88 17.72
N ALA B 268 -14.54 -8.43 17.27
CA ALA B 268 -14.79 -9.83 17.45
C ALA B 268 -13.94 -10.57 16.49
N ARG B 269 -13.87 -10.09 15.27
CA ARG B 269 -13.11 -10.76 14.24
C ARG B 269 -11.63 -10.77 14.60
N GLU B 270 -11.15 -9.67 15.16
CA GLU B 270 -9.75 -9.57 15.53
C GLU B 270 -9.36 -10.61 16.57
N ASN B 271 -10.24 -10.85 17.53
CA ASN B 271 -9.98 -11.82 18.60
C ASN B 271 -10.64 -13.15 18.36
N ALA B 272 -11.19 -13.27 17.14
CA ALA B 272 -11.69 -14.55 16.60
C ALA B 272 -12.91 -15.04 17.37
N LYS B 273 -13.82 -14.15 17.71
CA LYS B 273 -15.01 -14.55 18.43
C LYS B 273 -16.21 -14.23 17.56
N PRO B 274 -17.21 -15.12 17.60
CA PRO B 274 -18.33 -14.96 16.72
C PRO B 274 -19.11 -13.71 17.10
N VAL B 275 -19.73 -13.07 16.11
CA VAL B 275 -20.51 -11.91 16.38
C VAL B 275 -21.84 -12.01 15.65
N ILE B 276 -22.91 -11.75 16.40
CA ILE B 276 -24.26 -11.73 15.83
C ILE B 276 -24.77 -10.31 15.73
N VAL B 277 -25.40 -9.97 14.62
CA VAL B 277 -26.03 -8.66 14.52
C VAL B 277 -27.53 -8.85 14.62
N ALA B 278 -28.18 -8.14 15.55
CA ALA B 278 -29.56 -8.44 15.89
C ALA B 278 -30.49 -7.25 15.93
N THR B 279 -31.74 -7.55 15.64
CA THR B 279 -32.87 -6.72 15.99
C THR B 279 -33.27 -5.77 14.86
N GLN B 280 -34.50 -5.98 14.37
CA GLN B 280 -35.15 -5.20 13.30
C GLN B 280 -34.43 -5.22 11.97
N MET B 281 -33.68 -6.27 11.66
CA MET B 281 -32.96 -6.24 10.39
C MET B 281 -33.95 -6.29 9.26
N LEU B 282 -35.05 -7.01 9.46
CA LEU B 282 -36.10 -7.04 8.48
C LEU B 282 -37.45 -6.82 9.16
N ASP B 283 -37.49 -5.82 10.03
CA ASP B 283 -38.65 -5.59 10.90
C ASP B 283 -39.97 -5.53 10.15
N SER B 284 -39.93 -4.88 9.00
CA SER B 284 -41.07 -4.70 8.11
C SER B 284 -41.76 -6.05 7.79
N MET B 285 -40.98 -7.13 7.76
CA MET B 285 -41.52 -8.42 7.30
C MET B 285 -42.52 -9.11 8.27
N ILE B 286 -42.73 -8.51 9.43
CA ILE B 286 -43.76 -9.00 10.37
C ILE B 286 -45.15 -8.88 9.76
N GLU B 287 -45.36 -7.82 8.98
CA GLU B 287 -46.65 -7.58 8.36
C GLU B 287 -46.58 -7.73 6.83
N ASN B 288 -45.39 -7.73 6.26
CA ASN B 288 -45.26 -7.63 4.83
C ASN B 288 -44.47 -8.77 4.26
N SER B 289 -44.86 -9.20 3.07
CA SER B 289 -44.21 -10.31 2.38
C SER B 289 -42.81 -9.94 1.84
N ARG B 290 -42.57 -8.64 1.72
CA ARG B 290 -41.30 -8.13 1.26
C ARG B 290 -40.81 -7.04 2.22
N PRO B 291 -39.49 -6.87 2.29
CA PRO B 291 -38.92 -5.88 3.20
C PRO B 291 -38.84 -4.49 2.57
N THR B 292 -38.33 -3.53 3.33
CA THR B 292 -38.06 -2.20 2.79
C THR B 292 -36.67 -2.21 2.11
N ARG B 293 -36.37 -1.09 1.47
CA ARG B 293 -35.13 -0.93 0.79
C ARG B 293 -34.01 -0.74 1.82
N ALA B 294 -34.38 -0.16 2.98
CA ALA B 294 -33.47 0.08 4.09
C ALA B 294 -33.11 -1.20 4.80
N GLU B 295 -34.10 -2.07 4.93
CA GLU B 295 -33.91 -3.30 5.61
C GLU B 295 -32.96 -4.14 4.77
N ALA B 296 -33.24 -4.28 3.47
CA ALA B 296 -32.36 -5.03 2.58
C ALA B 296 -30.90 -4.47 2.67
N SER B 297 -30.77 -3.14 2.68
CA SER B 297 -29.46 -2.52 2.83
C SER B 297 -28.81 -2.85 4.17
N ASP B 298 -29.61 -3.02 5.20
CA ASP B 298 -29.06 -3.18 6.53
C ASP B 298 -28.44 -4.55 6.64
N VAL B 299 -29.07 -5.53 6.00
CA VAL B 299 -28.59 -6.88 5.95
C VAL B 299 -27.32 -7.01 5.13
N ALA B 300 -27.33 -6.46 3.93
CA ALA B 300 -26.14 -6.47 3.07
C ALA B 300 -24.96 -5.79 3.74
N ASN B 301 -25.25 -4.75 4.52
CA ASN B 301 -24.19 -4.02 5.22
C ASN B 301 -23.64 -4.77 6.44
N ALA B 302 -24.47 -5.59 7.06
CA ALA B 302 -24.01 -6.42 8.15
C ALA B 302 -23.07 -7.49 7.59
N VAL B 303 -23.36 -7.94 6.37
CA VAL B 303 -22.46 -8.87 5.72
C VAL B 303 -21.11 -8.19 5.43
N LEU B 304 -21.13 -6.98 4.87
CA LEU B 304 -19.91 -6.36 4.41
C LEU B 304 -19.09 -5.84 5.56
N ASP B 305 -19.75 -5.60 6.69
CA ASP B 305 -19.08 -5.28 7.95
C ASP B 305 -18.26 -6.48 8.45
N GLY B 306 -18.74 -7.70 8.16
CA GLY B 306 -18.01 -8.95 8.51
C GLY B 306 -18.69 -9.85 9.55
N ALA B 307 -20.02 -9.72 9.71
CA ALA B 307 -20.73 -10.42 10.75
C ALA B 307 -20.69 -11.92 10.52
N ASP B 308 -20.50 -12.68 11.58
CA ASP B 308 -20.57 -14.14 11.48
C ASP B 308 -22.03 -14.48 11.19
N ALA B 309 -22.93 -13.82 11.89
CA ALA B 309 -24.34 -14.17 11.84
C ALA B 309 -25.24 -12.96 11.95
N LEU B 310 -26.39 -13.05 11.29
CA LEU B 310 -27.45 -12.06 11.42
C LEU B 310 -28.66 -12.72 12.04
N MET B 311 -29.44 -11.95 12.76
CA MET B 311 -30.55 -12.53 13.56
C MET B 311 -31.90 -11.91 13.19
N LEU B 312 -32.94 -12.70 13.34
CA LEU B 312 -34.30 -12.23 13.21
C LEU B 312 -34.98 -12.46 14.54
N SER B 313 -35.76 -11.50 15.00
CA SER B 313 -36.40 -11.58 16.29
C SER B 313 -37.89 -11.77 16.13
N GLY B 314 -38.62 -10.68 16.10
CA GLY B 314 -40.07 -10.76 15.91
C GLY B 314 -40.46 -11.28 14.54
N GLU B 315 -39.58 -11.19 13.58
CA GLU B 315 -39.91 -11.55 12.19
C GLU B 315 -40.23 -13.04 12.05
N THR B 316 -39.64 -13.86 12.93
CA THR B 316 -39.92 -15.30 13.01
C THR B 316 -40.68 -15.73 14.26
N SER B 317 -40.55 -14.98 15.36
CA SER B 317 -41.20 -15.40 16.60
C SER B 317 -42.71 -15.12 16.60
N VAL B 318 -43.12 -13.93 16.17
CA VAL B 318 -44.53 -13.59 16.14
C VAL B 318 -45.03 -13.15 14.76
N GLY B 319 -44.13 -13.12 13.79
CA GLY B 319 -44.46 -12.55 12.47
C GLY B 319 -45.36 -13.42 11.62
N LYS B 320 -45.88 -12.85 10.54
CA LYS B 320 -46.82 -13.55 9.67
C LYS B 320 -46.15 -14.24 8.49
N TYR B 321 -44.92 -13.85 8.22
CA TYR B 321 -44.14 -14.51 7.19
C TYR B 321 -42.79 -14.87 7.77
N PRO B 322 -42.79 -15.84 8.69
CA PRO B 322 -41.55 -16.30 9.28
C PRO B 322 -40.64 -16.98 8.28
N LEU B 323 -41.25 -17.64 7.31
CA LEU B 323 -40.49 -18.40 6.34
C LEU B 323 -39.85 -17.52 5.30
N ALA B 324 -40.62 -16.53 4.91
CA ALA B 324 -40.18 -15.63 3.90
C ALA B 324 -39.08 -14.76 4.47
N ALA B 325 -39.13 -14.49 5.78
CA ALA B 325 -38.12 -13.64 6.42
C ALA B 325 -36.78 -14.31 6.37
N VAL B 326 -36.77 -15.58 6.67
CA VAL B 326 -35.57 -16.38 6.65
C VAL B 326 -35.06 -16.53 5.23
N ARG B 327 -35.98 -16.76 4.29
CA ARG B 327 -35.61 -16.94 2.90
C ARG B 327 -35.05 -15.66 2.31
N THR B 328 -35.65 -14.54 2.63
CA THR B 328 -35.23 -13.28 2.10
C THR B 328 -33.88 -12.94 2.61
N MET B 329 -33.70 -13.09 3.91
CA MET B 329 -32.42 -12.76 4.53
C MET B 329 -31.30 -13.51 3.84
N SER B 330 -31.57 -14.75 3.43
CA SER B 330 -30.56 -15.60 2.81
C SER B 330 -30.30 -15.19 1.36
N ARG B 331 -31.34 -14.84 0.63
CA ARG B 331 -31.13 -14.37 -0.73
C ARG B 331 -30.18 -13.16 -0.74
N ILE B 332 -30.41 -12.21 0.16
CA ILE B 332 -29.58 -11.02 0.22
C ILE B 332 -28.16 -11.35 0.65
N ILE B 333 -28.03 -12.16 1.69
CA ILE B 333 -26.71 -12.52 2.09
C ILE B 333 -26.03 -13.15 0.91
N CYS B 334 -26.69 -14.09 0.28
CA CYS B 334 -26.13 -14.83 -0.82
C CYS B 334 -25.79 -13.91 -1.96
N ALA B 335 -26.60 -12.87 -2.17
CA ALA B 335 -26.36 -11.94 -3.29
C ALA B 335 -25.07 -11.17 -3.09
N VAL B 336 -24.82 -10.77 -1.86
CA VAL B 336 -23.62 -10.02 -1.51
C VAL B 336 -22.39 -10.88 -1.63
N GLU B 337 -22.54 -12.14 -1.25
CA GLU B 337 -21.41 -13.03 -1.15
C GLU B 337 -21.01 -13.56 -2.49
N GLU B 338 -21.96 -13.67 -3.41
CA GLU B 338 -21.65 -14.08 -4.76
C GLU B 338 -20.69 -13.05 -5.34
N ASN B 339 -20.97 -11.79 -5.11
CA ASN B 339 -20.10 -10.77 -5.62
C ASN B 339 -18.72 -10.89 -5.01
N SER B 340 -18.64 -10.76 -3.69
CA SER B 340 -17.37 -10.81 -3.01
C SER B 340 -17.64 -11.16 -1.56
N THR B 341 -16.87 -12.07 -1.00
CA THR B 341 -16.94 -12.34 0.45
C THR B 341 -15.86 -11.53 1.22
N ALA B 342 -15.08 -10.72 0.50
CA ALA B 342 -14.00 -9.90 1.13
C ALA B 342 -14.50 -9.15 2.36
N ALA B 343 -13.79 -9.26 3.48
CA ALA B 343 -14.18 -8.52 4.70
C ALA B 343 -13.12 -7.51 5.06
N PRO B 344 -13.49 -6.49 5.81
CA PRO B 344 -12.50 -5.49 6.22
C PRO B 344 -11.33 -6.17 6.90
N PRO B 345 -10.13 -5.96 6.40
CA PRO B 345 -8.95 -6.67 6.91
C PRO B 345 -8.67 -6.42 8.40
N LEU B 346 -7.97 -7.35 9.01
CA LEU B 346 -7.52 -7.19 10.37
C LEU B 346 -6.46 -6.10 10.42
N THR B 347 -6.37 -5.47 11.57
CA THR B 347 -5.44 -4.39 11.83
C THR B 347 -4.19 -4.94 12.48
N HIS B 348 -4.03 -6.27 12.45
CA HIS B 348 -2.82 -6.86 12.94
C HIS B 348 -2.49 -8.10 12.15
N ILE B 349 -1.23 -8.49 12.19
CA ILE B 349 -0.80 -9.75 11.64
C ILE B 349 -0.95 -10.73 12.77
N PRO B 350 -1.55 -11.90 12.49
CA PRO B 350 -1.70 -12.92 13.54
C PRO B 350 -0.38 -13.28 14.20
N ARG B 351 -0.38 -13.47 15.51
CA ARG B 351 0.83 -13.93 16.20
C ARG B 351 0.65 -15.18 17.06
N THR B 352 -0.57 -15.69 17.17
CA THR B 352 -0.80 -16.91 17.95
C THR B 352 -0.59 -18.08 17.04
N LYS B 353 -0.10 -19.18 17.59
CA LYS B 353 0.27 -20.32 16.73
C LYS B 353 -0.88 -20.70 15.83
N ARG B 354 -2.03 -20.88 16.44
CA ARG B 354 -3.20 -21.35 15.71
C ARG B 354 -3.73 -20.29 14.77
N GLY B 355 -3.55 -19.01 15.13
CA GLY B 355 -3.94 -17.92 14.22
C GLY B 355 -3.02 -17.88 13.01
N VAL B 356 -1.73 -18.01 13.24
CA VAL B 356 -0.78 -17.91 12.17
C VAL B 356 -0.94 -19.05 11.18
N ILE B 357 -1.18 -20.26 11.67
CA ILE B 357 -1.26 -21.44 10.84
C ILE B 357 -2.54 -21.45 10.04
N SER B 358 -3.61 -20.95 10.62
CA SER B 358 -4.86 -20.93 9.90
C SER B 358 -4.79 -19.86 8.82
N TYR B 359 -3.93 -18.85 9.03
CA TYR B 359 -3.78 -17.78 8.08
C TYR B 359 -3.07 -18.33 6.86
N ALA B 360 -1.90 -18.93 7.11
CA ALA B 360 -1.11 -19.61 6.08
C ALA B 360 -1.92 -20.62 5.31
N ALA B 361 -2.78 -21.37 6.00
CA ALA B 361 -3.62 -22.37 5.32
C ALA B 361 -4.56 -21.72 4.33
N ARG B 362 -5.07 -20.56 4.68
CA ARG B 362 -5.95 -19.83 3.78
C ARG B 362 -5.18 -19.40 2.53
N ASP B 363 -3.95 -18.96 2.76
CA ASP B 363 -3.09 -18.49 1.71
C ASP B 363 -2.92 -19.61 0.70
N ILE B 364 -2.46 -20.75 1.20
CA ILE B 364 -2.11 -21.89 0.36
C ILE B 364 -3.28 -22.33 -0.47
N GLY B 365 -4.43 -22.46 0.17
CA GLY B 365 -5.61 -22.94 -0.49
C GLY B 365 -6.00 -22.04 -1.63
N GLU B 366 -6.05 -20.75 -1.38
CA GLU B 366 -6.50 -19.80 -2.38
C GLU B 366 -5.53 -19.72 -3.55
N ARG B 367 -4.23 -19.70 -3.23
CA ARG B 367 -3.17 -19.67 -4.26
C ARG B 367 -3.13 -20.93 -5.14
N LEU B 368 -3.50 -22.08 -4.56
CA LEU B 368 -3.51 -23.30 -5.31
C LEU B 368 -4.86 -23.68 -5.93
N ASP B 369 -5.83 -22.77 -5.88
CA ASP B 369 -7.17 -23.06 -6.34
C ASP B 369 -7.69 -24.38 -5.73
N ALA B 370 -7.48 -24.51 -4.43
CA ALA B 370 -7.96 -25.69 -3.71
C ALA B 370 -9.48 -25.76 -3.71
N LYS B 371 -10.02 -26.97 -3.55
CA LYS B 371 -11.46 -27.18 -3.55
C LYS B 371 -12.08 -26.85 -2.21
N ALA B 372 -11.32 -27.04 -1.13
CA ALA B 372 -11.81 -26.78 0.20
C ALA B 372 -10.68 -26.61 1.20
N LEU B 373 -11.00 -25.98 2.31
CA LEU B 373 -10.08 -25.85 3.45
C LEU B 373 -10.66 -26.70 4.55
N VAL B 374 -9.84 -27.49 5.21
CA VAL B 374 -10.34 -28.47 6.17
C VAL B 374 -9.60 -28.26 7.43
N ALA B 375 -10.30 -28.12 8.53
CA ALA B 375 -9.65 -27.84 9.78
C ALA B 375 -10.14 -28.75 10.86
N PHE B 376 -9.19 -29.31 11.61
CA PHE B 376 -9.51 -30.17 12.73
C PHE B 376 -9.48 -29.34 14.00
N THR B 377 -10.49 -29.49 14.83
CA THR B 377 -10.54 -28.70 16.03
C THR B 377 -11.28 -29.37 17.16
N GLN B 378 -10.77 -29.16 18.36
CA GLN B 378 -11.28 -29.77 19.55
C GLN B 378 -12.32 -28.83 20.13
N SER B 379 -11.98 -27.55 20.19
CA SER B 379 -12.91 -26.55 20.74
C SER B 379 -13.47 -25.66 19.64
N GLY B 380 -12.84 -25.64 18.50
CA GLY B 380 -13.26 -24.74 17.41
C GLY B 380 -12.41 -23.49 17.30
N ASP B 381 -11.36 -23.34 18.11
CA ASP B 381 -10.59 -22.12 18.06
C ASP B 381 -9.87 -21.98 16.75
N THR B 382 -9.23 -23.05 16.33
CA THR B 382 -8.50 -23.04 15.08
C THR B 382 -9.41 -22.74 13.91
N VAL B 383 -10.61 -23.26 13.93
CA VAL B 383 -11.54 -23.09 12.85
C VAL B 383 -12.07 -21.67 12.74
N ARG B 384 -12.07 -20.97 13.87
CA ARG B 384 -12.67 -19.66 13.93
C ARG B 384 -11.70 -18.61 13.50
N ARG B 385 -10.41 -18.90 13.58
CA ARG B 385 -9.38 -17.96 13.17
C ARG B 385 -9.24 -17.95 11.66
N LEU B 386 -9.76 -18.99 11.02
CA LEU B 386 -9.81 -19.00 9.59
C LEU B 386 -11.15 -18.45 9.11
N ALA B 387 -12.21 -18.69 9.89
CA ALA B 387 -13.52 -18.21 9.49
C ALA B 387 -13.54 -16.70 9.44
N ARG B 388 -12.82 -16.07 10.36
CA ARG B 388 -12.86 -14.62 10.53
C ARG B 388 -12.29 -13.95 9.32
N LEU B 389 -11.46 -14.69 8.54
CA LEU B 389 -10.75 -14.16 7.36
C LEU B 389 -11.60 -14.13 6.12
N HIS B 390 -12.74 -14.77 6.16
CA HIS B 390 -13.70 -14.75 5.09
C HIS B 390 -13.20 -15.24 3.79
N THR B 391 -12.92 -16.53 3.68
CA THR B 391 -12.49 -17.06 2.42
C THR B 391 -13.65 -17.51 1.54
N PRO B 392 -13.47 -17.48 0.22
CA PRO B 392 -14.55 -17.93 -0.70
C PRO B 392 -14.55 -19.44 -0.86
N LEU B 393 -13.50 -20.07 -0.33
CA LEU B 393 -13.38 -21.48 -0.31
C LEU B 393 -14.26 -22.03 0.75
N PRO B 394 -14.79 -23.24 0.52
CA PRO B 394 -15.52 -23.96 1.53
C PRO B 394 -14.63 -24.25 2.72
N LEU B 395 -15.10 -23.89 3.92
CA LEU B 395 -14.38 -24.16 5.12
C LEU B 395 -15.12 -25.25 5.83
N LEU B 396 -14.43 -26.36 6.09
CA LEU B 396 -15.01 -27.51 6.68
C LEU B 396 -14.28 -27.88 7.96
N ALA B 397 -15.04 -27.95 9.05
CA ALA B 397 -14.49 -28.30 10.34
C ALA B 397 -14.64 -29.79 10.60
N PHE B 398 -13.64 -30.39 11.21
CA PHE B 398 -13.70 -31.79 11.55
C PHE B 398 -13.44 -31.87 13.02
N THR B 399 -14.35 -32.53 13.74
CA THR B 399 -14.29 -32.57 15.19
C THR B 399 -14.94 -33.83 15.73
N ALA B 400 -14.44 -34.28 16.86
CA ALA B 400 -14.99 -35.50 17.47
C ALA B 400 -16.13 -35.18 18.45
N TRP B 401 -16.19 -33.94 18.92
CA TRP B 401 -17.12 -33.57 19.96
C TRP B 401 -18.33 -32.89 19.30
N PRO B 402 -19.49 -33.60 19.29
CA PRO B 402 -20.67 -33.22 18.45
C PRO B 402 -21.27 -31.87 18.78
N GLU B 403 -21.06 -31.40 20.01
CA GLU B 403 -21.58 -30.14 20.45
C GLU B 403 -20.91 -29.00 19.72
N VAL B 404 -19.66 -29.23 19.30
CA VAL B 404 -18.87 -28.22 18.64
C VAL B 404 -19.44 -27.96 17.25
N ARG B 405 -20.05 -28.97 16.66
CA ARG B 405 -20.75 -28.79 15.40
C ARG B 405 -21.90 -27.82 15.52
N SER B 406 -22.58 -27.81 16.67
CA SER B 406 -23.66 -26.88 16.91
C SER B 406 -23.18 -25.52 17.34
N GLN B 407 -22.02 -25.49 18.00
CA GLN B 407 -21.37 -24.25 18.37
C GLN B 407 -20.83 -23.54 17.13
N LEU B 408 -20.47 -24.30 16.10
CA LEU B 408 -19.87 -23.71 14.91
C LEU B 408 -20.91 -23.36 13.87
N ALA B 409 -22.16 -23.50 14.24
CA ALA B 409 -23.22 -23.16 13.32
C ALA B 409 -23.49 -21.68 13.36
N MET B 410 -22.87 -20.96 14.29
CA MET B 410 -22.93 -19.51 14.29
C MET B 410 -21.62 -18.87 13.86
N THR B 411 -20.65 -19.67 13.48
CA THR B 411 -19.38 -19.16 12.96
C THR B 411 -19.44 -19.12 11.45
N TRP B 412 -18.93 -18.04 10.90
CA TRP B 412 -19.05 -17.73 9.47
C TRP B 412 -18.59 -18.85 8.52
N GLY B 413 -19.44 -19.16 7.53
CA GLY B 413 -19.04 -19.99 6.39
C GLY B 413 -18.47 -21.37 6.71
N THR B 414 -18.83 -21.91 7.87
CA THR B 414 -18.25 -23.17 8.34
C THR B 414 -19.29 -24.27 8.34
N GLU B 415 -18.90 -25.41 7.81
CA GLU B 415 -19.71 -26.62 7.76
C GLU B 415 -18.92 -27.66 8.59
N THR B 416 -19.59 -28.41 9.44
CA THR B 416 -18.87 -29.31 10.32
C THR B 416 -19.18 -30.78 10.04
N PHE B 417 -18.23 -31.63 10.38
CA PHE B 417 -18.32 -33.05 10.14
C PHE B 417 -17.85 -33.73 11.38
N ILE B 418 -18.64 -34.66 11.88
CA ILE B 418 -18.27 -35.30 13.14
C ILE B 418 -17.50 -36.54 12.81
N VAL B 419 -16.41 -36.79 13.52
CA VAL B 419 -15.59 -37.97 13.28
C VAL B 419 -15.19 -38.59 14.58
N PRO B 420 -14.72 -39.83 14.54
CA PRO B 420 -14.29 -40.50 15.73
C PRO B 420 -13.04 -39.88 16.28
N LYS B 421 -12.71 -40.21 17.52
CA LYS B 421 -11.39 -39.88 18.02
C LYS B 421 -10.35 -40.70 17.27
N MET B 422 -9.30 -40.05 16.78
CA MET B 422 -8.24 -40.75 16.05
C MET B 422 -6.96 -40.59 16.84
N GLN B 423 -5.98 -41.45 16.56
CA GLN B 423 -4.66 -41.26 17.11
C GLN B 423 -3.62 -41.16 16.01
N SER B 424 -4.06 -40.91 14.77
CA SER B 424 -3.14 -41.03 13.63
C SER B 424 -3.33 -39.90 12.67
N THR B 425 -2.22 -39.32 12.19
CA THR B 425 -2.29 -38.29 11.16
C THR B 425 -2.86 -38.92 9.92
N ASP B 426 -2.40 -40.14 9.65
CA ASP B 426 -2.85 -40.90 8.48
C ASP B 426 -4.30 -41.15 8.60
N GLY B 427 -4.69 -41.59 9.81
CA GLY B 427 -6.07 -41.84 10.13
C GLY B 427 -6.90 -40.64 9.78
N MET B 428 -6.52 -39.49 10.31
CA MET B 428 -7.30 -38.25 10.14
C MET B 428 -7.48 -37.96 8.64
N ILE B 429 -6.41 -38.10 7.85
CA ILE B 429 -6.49 -37.76 6.45
C ILE B 429 -7.37 -38.72 5.67
N ARG B 430 -7.41 -39.96 6.10
CA ARG B 430 -8.26 -40.92 5.42
C ARG B 430 -9.71 -40.66 5.79
N GLN B 431 -9.92 -40.23 7.02
CA GLN B 431 -11.25 -39.86 7.51
C GLN B 431 -11.81 -38.73 6.68
N VAL B 432 -10.95 -37.77 6.33
CA VAL B 432 -11.38 -36.65 5.53
C VAL B 432 -11.87 -37.15 4.21
N ASP B 433 -11.09 -38.06 3.62
CA ASP B 433 -11.41 -38.63 2.33
C ASP B 433 -12.70 -39.36 2.34
N LYS B 434 -12.94 -40.11 3.41
CA LYS B 434 -14.19 -40.88 3.57
C LYS B 434 -15.38 -39.94 3.63
N SER B 435 -15.32 -38.98 4.52
CA SER B 435 -16.42 -38.09 4.75
C SER B 435 -16.69 -37.26 3.52
N LEU B 436 -15.64 -36.78 2.88
CA LEU B 436 -15.83 -35.87 1.77
C LEU B 436 -16.41 -36.60 0.59
N LEU B 437 -16.01 -37.85 0.42
CA LEU B 437 -16.48 -38.63 -0.68
C LEU B 437 -17.94 -38.96 -0.61
N GLU B 438 -18.54 -38.89 0.58
CA GLU B 438 -19.96 -39.21 0.71
C GLU B 438 -20.81 -38.06 0.20
N LEU B 439 -20.20 -36.88 0.06
CA LEU B 439 -20.85 -35.81 -0.70
C LEU B 439 -20.70 -36.02 -2.17
N ALA B 440 -21.75 -35.76 -2.93
CA ALA B 440 -21.67 -35.95 -4.38
C ALA B 440 -20.51 -35.05 -4.84
N ARG B 441 -20.53 -33.83 -4.35
CA ARG B 441 -19.73 -32.74 -4.90
C ARG B 441 -18.20 -32.87 -4.61
N TYR B 442 -17.78 -33.88 -3.83
CA TYR B 442 -16.36 -34.14 -3.68
C TYR B 442 -15.99 -35.48 -4.27
N LYS B 443 -14.86 -35.51 -4.97
CA LYS B 443 -14.47 -36.68 -5.73
C LYS B 443 -13.00 -37.02 -5.44
N ARG B 444 -12.48 -38.02 -6.14
CA ARG B 444 -11.13 -38.42 -5.96
C ARG B 444 -10.24 -37.52 -6.79
N GLY B 445 -9.05 -37.21 -6.29
CA GLY B 445 -8.10 -36.39 -7.02
C GLY B 445 -8.19 -34.92 -6.65
N ASP B 446 -9.37 -34.51 -6.15
CA ASP B 446 -9.64 -33.14 -5.69
C ASP B 446 -8.68 -32.71 -4.62
N LEU B 447 -8.33 -31.44 -4.67
CA LEU B 447 -7.26 -30.90 -3.86
C LEU B 447 -7.85 -30.20 -2.66
N VAL B 448 -7.32 -30.51 -1.48
CA VAL B 448 -7.81 -29.90 -0.26
C VAL B 448 -6.65 -29.67 0.66
N VAL B 449 -6.79 -28.66 1.50
CA VAL B 449 -5.76 -28.27 2.44
C VAL B 449 -6.25 -28.56 3.84
N ILE B 450 -5.46 -29.31 4.61
CA ILE B 450 -5.92 -29.78 5.89
C ILE B 450 -5.07 -29.27 7.02
N VAL B 451 -5.72 -28.66 8.00
CA VAL B 451 -5.05 -28.18 9.18
C VAL B 451 -5.28 -29.11 10.31
N ALA B 452 -4.22 -29.42 11.03
CA ALA B 452 -4.33 -30.34 12.12
C ALA B 452 -3.21 -30.19 13.09
N GLY B 453 -3.08 -31.15 14.00
CA GLY B 453 -2.15 -31.02 15.09
C GLY B 453 -1.89 -32.33 15.72
N ALA B 454 -0.78 -32.45 16.43
CA ALA B 454 -0.49 -33.69 17.13
C ALA B 454 0.31 -33.31 18.37
N PRO B 455 -0.04 -33.81 19.55
CA PRO B 455 -0.84 -35.01 19.74
C PRO B 455 -2.32 -34.76 19.55
N PRO B 456 -3.00 -35.68 18.88
CA PRO B 456 -4.43 -35.57 18.67
C PRO B 456 -5.21 -35.50 19.96
N GLY B 457 -6.41 -34.97 19.88
CA GLY B 457 -7.28 -34.93 21.04
C GLY B 457 -6.83 -33.92 22.08
N THR B 458 -6.09 -32.90 21.64
CA THR B 458 -5.63 -31.86 22.56
C THR B 458 -5.99 -30.51 21.95
N VAL B 459 -6.58 -29.63 22.74
CA VAL B 459 -6.98 -28.32 22.24
C VAL B 459 -5.74 -27.47 22.12
N GLY B 460 -5.53 -26.85 20.97
CA GLY B 460 -4.31 -26.06 20.70
C GLY B 460 -3.09 -26.90 20.36
N SER B 461 -3.33 -28.13 19.95
CA SER B 461 -2.28 -29.03 19.50
C SER B 461 -1.81 -28.61 18.14
N THR B 462 -2.73 -27.98 17.41
CA THR B 462 -2.56 -27.59 16.02
C THR B 462 -1.17 -27.16 15.62
N ASN B 463 -0.56 -27.87 14.64
CA ASN B 463 0.78 -27.55 14.18
C ASN B 463 1.10 -28.13 12.80
N LEU B 464 0.10 -28.48 12.00
CA LEU B 464 0.43 -28.91 10.66
C LEU B 464 -0.57 -28.64 9.58
N ILE B 465 -0.06 -28.44 8.40
CA ILE B 465 -0.87 -28.27 7.21
C ILE B 465 -0.46 -29.33 6.24
N HIS B 466 -1.43 -29.84 5.51
CA HIS B 466 -1.18 -30.88 4.56
C HIS B 466 -1.95 -30.60 3.29
N VAL B 467 -1.27 -30.69 2.15
CA VAL B 467 -1.95 -30.52 0.90
C VAL B 467 -2.24 -31.87 0.35
N HIS B 468 -3.52 -32.17 0.21
CA HIS B 468 -3.90 -33.52 -0.13
C HIS B 468 -4.92 -33.59 -1.25
N ARG B 469 -4.76 -34.56 -2.13
CA ARG B 469 -5.70 -34.82 -3.19
C ARG B 469 -6.54 -35.98 -2.73
N ILE B 470 -7.86 -35.88 -2.85
CA ILE B 470 -8.70 -36.96 -2.42
C ILE B 470 -8.34 -38.30 -3.08
N GLY B 471 -7.84 -39.22 -2.25
CA GLY B 471 -7.64 -40.61 -2.66
C GLY B 471 -6.23 -40.94 -3.07
N GLU B 472 -5.37 -39.94 -3.19
CA GLU B 472 -4.04 -40.15 -3.72
C GLU B 472 -3.07 -40.45 -2.60
N ASP B 473 -1.81 -40.65 -2.96
CA ASP B 473 -0.84 -41.19 -2.04
C ASP B 473 0.00 -40.16 -1.30
N ASP B 474 -0.45 -38.91 -1.28
CA ASP B 474 0.38 -37.82 -0.75
C ASP B 474 0.35 -37.69 0.78
N VAL B 475 0.58 -38.79 1.46
CA VAL B 475 0.45 -38.82 2.91
C VAL B 475 1.80 -38.95 3.60
N THR C 5 18.43 15.63 -21.18
CA THR C 5 19.71 15.87 -20.49
C THR C 5 19.63 15.67 -18.95
N ARG C 6 20.77 15.87 -18.32
CA ARG C 6 21.00 15.37 -16.98
C ARG C 6 20.31 16.16 -15.87
N ARG C 7 19.95 15.46 -14.81
CA ARG C 7 19.32 16.06 -13.63
C ARG C 7 20.29 16.05 -12.45
N GLY C 8 21.01 14.94 -12.29
CA GLY C 8 22.01 14.82 -11.22
C GLY C 8 23.22 15.76 -11.42
N LYS C 9 23.66 16.39 -10.36
CA LYS C 9 24.70 17.35 -10.51
C LYS C 9 26.07 16.70 -10.32
N ILE C 10 27.05 17.28 -11.01
CA ILE C 10 28.43 16.80 -10.91
C ILE C 10 29.33 17.82 -10.26
N VAL C 11 30.00 17.43 -9.18
CA VAL C 11 30.99 18.30 -8.49
C VAL C 11 32.42 17.86 -8.78
N CYS C 12 33.26 18.75 -9.33
CA CYS C 12 34.66 18.39 -9.61
C CYS C 12 35.61 19.13 -8.70
N THR C 13 36.63 18.45 -8.26
CA THR C 13 37.72 19.10 -7.50
C THR C 13 38.81 19.57 -8.47
N LEU C 14 39.25 20.81 -8.28
CA LEU C 14 40.25 21.39 -9.15
C LEU C 14 41.61 21.17 -8.57
N GLY C 15 42.59 21.12 -9.46
CA GLY C 15 43.98 20.99 -9.06
C GLY C 15 44.90 21.09 -10.26
N PRO C 16 46.10 20.55 -10.14
CA PRO C 16 47.12 20.56 -11.18
C PRO C 16 46.67 20.10 -12.57
N ALA C 17 45.71 19.20 -12.63
CA ALA C 17 45.25 18.67 -13.92
C ALA C 17 44.26 19.60 -14.59
N THR C 18 43.84 20.64 -13.87
CA THR C 18 42.89 21.57 -14.38
C THR C 18 43.55 22.93 -14.60
N GLN C 19 44.87 22.98 -14.52
CA GLN C 19 45.60 24.25 -14.66
C GLN C 19 46.00 24.55 -16.11
N ARG C 20 46.07 23.50 -16.91
CA ARG C 20 46.47 23.65 -18.31
C ARG C 20 45.35 24.29 -19.14
N ASP C 21 45.70 24.75 -20.33
CA ASP C 21 44.96 25.82 -20.94
C ASP C 21 43.55 25.45 -21.27
N ASP C 22 42.66 26.29 -20.76
CA ASP C 22 41.24 26.16 -20.92
C ASP C 22 40.82 24.78 -20.65
N LEU C 23 41.17 24.28 -19.50
CA LEU C 23 40.70 22.99 -19.13
C LEU C 23 39.51 23.12 -18.25
N VAL C 24 39.52 24.14 -17.42
CA VAL C 24 38.36 24.44 -16.64
C VAL C 24 37.20 24.67 -17.56
N ARG C 25 37.43 25.32 -18.68
CA ARG C 25 36.33 25.55 -19.62
C ARG C 25 35.78 24.20 -20.11
N ALA C 26 36.69 23.33 -20.52
CA ALA C 26 36.33 22.02 -21.04
C ALA C 26 35.46 21.22 -20.08
N LEU C 27 35.70 21.38 -18.75
CA LEU C 27 34.94 20.67 -17.70
C LEU C 27 33.56 21.21 -17.61
N VAL C 28 33.46 22.52 -17.70
CA VAL C 28 32.18 23.16 -17.62
C VAL C 28 31.39 22.75 -18.86
N GLU C 29 32.05 22.76 -20.02
CA GLU C 29 31.45 22.34 -21.27
C GLU C 29 31.09 20.86 -21.23
N ALA C 30 31.82 20.07 -20.43
CA ALA C 30 31.58 18.65 -20.35
C ALA C 30 30.57 18.27 -19.27
N GLY C 31 30.20 19.24 -18.43
CA GLY C 31 29.16 19.01 -17.41
C GLY C 31 29.38 19.48 -15.97
N MET C 32 30.56 20.01 -15.61
CA MET C 32 30.80 20.43 -14.21
C MET C 32 29.77 21.40 -13.74
N ASP C 33 29.10 21.06 -12.65
CA ASP C 33 28.13 21.99 -12.06
C ASP C 33 28.71 22.73 -10.88
N VAL C 34 29.56 22.09 -10.10
CA VAL C 34 30.22 22.79 -8.99
C VAL C 34 31.71 22.57 -9.07
N ALA C 35 32.46 23.62 -8.80
CA ALA C 35 33.88 23.54 -8.72
C ALA C 35 34.30 23.56 -7.27
N ARG C 36 35.02 22.54 -6.88
CA ARG C 36 35.58 22.46 -5.55
C ARG C 36 37.06 22.88 -5.56
N MET C 37 37.34 23.95 -4.82
CA MET C 37 38.69 24.32 -4.52
C MET C 37 39.04 23.68 -3.20
N ASN C 38 39.98 22.78 -3.20
CA ASN C 38 40.40 22.17 -1.96
C ASN C 38 41.49 23.02 -1.30
N PHE C 39 41.24 23.45 -0.08
CA PHE C 39 42.20 24.31 0.61
C PHE C 39 43.25 23.57 1.40
N SER C 40 43.17 22.25 1.40
CA SER C 40 44.24 21.39 1.86
C SER C 40 45.51 21.54 1.07
N HIS C 41 45.37 21.80 -0.23
CA HIS C 41 46.47 21.94 -1.11
C HIS C 41 46.49 23.35 -1.66
N GLY C 42 47.65 23.77 -2.17
CA GLY C 42 47.74 24.87 -3.10
C GLY C 42 47.98 26.17 -2.40
N ASP C 43 48.18 27.20 -3.18
CA ASP C 43 48.64 28.49 -2.75
C ASP C 43 47.55 29.46 -3.16
N TYR C 44 47.35 30.53 -2.39
CA TYR C 44 46.34 31.53 -2.71
C TYR C 44 46.26 32.01 -4.15
N ASP C 45 47.40 32.04 -4.84
CA ASP C 45 47.42 32.43 -6.23
C ASP C 45 46.78 31.36 -7.09
N ASP C 46 46.96 30.11 -6.70
CA ASP C 46 46.48 28.99 -7.50
C ASP C 46 44.99 28.91 -7.40
N HIS C 47 44.47 29.24 -6.23
CA HIS C 47 43.05 29.18 -5.99
C HIS C 47 42.41 30.30 -6.76
N LYS C 48 42.93 31.52 -6.59
CA LYS C 48 42.37 32.66 -7.27
C LYS C 48 42.32 32.47 -8.78
N VAL C 49 43.35 31.93 -9.38
CA VAL C 49 43.36 31.74 -10.82
C VAL C 49 42.34 30.70 -11.25
N ALA C 50 42.14 29.72 -10.40
CA ALA C 50 41.21 28.66 -10.70
C ALA C 50 39.79 29.25 -10.69
N TYR C 51 39.52 30.03 -9.66
CA TYR C 51 38.22 30.65 -9.45
C TYR C 51 37.85 31.63 -10.56
N GLU C 52 38.85 32.21 -11.19
CA GLU C 52 38.60 33.14 -12.26
C GLU C 52 38.27 32.39 -13.49
N ARG C 53 38.95 31.28 -13.68
CA ARG C 53 38.72 30.49 -14.85
C ARG C 53 37.33 29.88 -14.85
N VAL C 54 36.78 29.69 -13.67
CA VAL C 54 35.45 29.14 -13.54
C VAL C 54 34.46 30.21 -13.86
N ARG C 55 34.70 31.41 -13.38
CA ARG C 55 33.75 32.47 -13.62
C ARG C 55 33.71 32.84 -15.08
N VAL C 56 34.86 32.77 -15.75
CA VAL C 56 34.93 33.09 -17.18
C VAL C 56 34.15 32.05 -17.95
N ALA C 57 34.42 30.78 -17.65
CA ALA C 57 33.82 29.69 -18.38
C ALA C 57 32.35 29.56 -18.11
N SER C 58 31.94 29.79 -16.87
CA SER C 58 30.52 29.78 -16.54
C SER C 58 29.84 30.85 -17.38
N ASP C 59 30.33 32.08 -17.26
CA ASP C 59 29.76 33.20 -17.97
C ASP C 59 29.91 33.10 -19.49
N ALA C 60 30.95 32.45 -19.98
CA ALA C 60 31.16 32.37 -21.42
C ALA C 60 30.25 31.34 -22.04
N THR C 61 29.88 30.32 -21.28
CA THR C 61 29.04 29.22 -21.78
C THR C 61 27.56 29.36 -21.53
N GLY C 62 27.19 30.15 -20.52
CA GLY C 62 25.82 30.20 -20.05
C GLY C 62 25.51 29.17 -18.96
N ARG C 63 26.45 28.31 -18.63
CA ARG C 63 26.18 27.24 -17.67
C ARG C 63 26.48 27.66 -16.26
N ALA C 64 25.50 27.50 -15.38
CA ALA C 64 25.65 27.82 -13.98
C ALA C 64 26.76 26.97 -13.46
N VAL C 65 27.69 27.56 -12.74
CA VAL C 65 28.72 26.77 -12.05
C VAL C 65 29.03 27.33 -10.64
N GLY C 66 28.61 26.65 -9.61
CA GLY C 66 28.92 27.11 -8.24
C GLY C 66 30.36 26.87 -7.87
N VAL C 67 30.85 27.62 -6.87
CA VAL C 67 32.24 27.52 -6.44
C VAL C 67 32.30 27.20 -4.96
N LEU C 68 32.92 26.09 -4.62
CA LEU C 68 32.88 25.55 -3.27
C LEU C 68 34.26 25.58 -2.65
N ALA C 69 34.35 26.27 -1.52
CA ALA C 69 35.61 26.35 -0.77
C ALA C 69 35.63 25.24 0.25
N ASP C 70 36.52 24.27 0.05
CA ASP C 70 36.66 23.17 1.00
C ASP C 70 37.77 23.44 1.99
N LEU C 71 37.40 23.58 3.26
CA LEU C 71 38.34 23.93 4.31
C LEU C 71 38.95 22.65 4.89
N GLN C 72 40.27 22.65 5.05
CA GLN C 72 41.02 21.46 5.45
C GLN C 72 40.52 20.88 6.74
N GLY C 73 40.23 21.73 7.72
CA GLY C 73 39.78 21.28 9.05
C GLY C 73 40.95 20.79 9.87
N PRO C 74 40.68 20.06 10.95
CA PRO C 74 41.69 19.40 11.77
C PRO C 74 42.19 18.12 11.12
N LYS C 75 42.83 18.26 9.98
CA LYS C 75 43.41 17.14 9.28
C LYS C 75 44.81 16.92 9.84
N ILE C 76 45.13 15.67 10.17
CA ILE C 76 46.47 15.34 10.57
C ILE C 76 47.24 14.82 9.38
N ARG C 77 48.50 15.23 9.27
CA ARG C 77 49.29 14.92 8.10
C ARG C 77 50.74 14.55 8.51
N LEU C 78 51.42 13.89 7.57
CA LEU C 78 52.86 13.75 7.58
C LEU C 78 53.61 15.01 7.10
N GLY C 79 54.91 15.02 7.31
CA GLY C 79 55.75 16.08 6.78
C GLY C 79 56.24 15.72 5.40
N ARG C 80 57.41 16.26 5.06
CA ARG C 80 58.01 15.98 3.81
C ARG C 80 59.06 14.91 4.00
N PHE C 81 59.21 14.09 2.99
CA PHE C 81 60.31 13.16 2.92
C PHE C 81 61.45 13.80 2.11
N ALA C 82 62.68 13.47 2.49
CA ALA C 82 63.88 13.89 1.73
C ALA C 82 63.79 13.48 0.29
N SER C 83 63.20 12.29 0.05
CA SER C 83 62.96 11.80 -1.30
C SER C 83 61.72 12.47 -1.96
N GLY C 84 60.85 13.03 -1.12
CA GLY C 84 59.55 13.52 -1.58
C GLY C 84 58.46 12.44 -1.60
N ALA C 85 58.87 11.20 -1.80
CA ALA C 85 57.98 10.08 -1.68
C ALA C 85 58.82 8.84 -1.45
N THR C 86 58.42 8.02 -0.49
CA THR C 86 59.12 6.78 -0.26
C THR C 86 58.15 5.60 -0.33
N HIS C 87 58.70 4.39 -0.15
CA HIS C 87 57.90 3.18 -0.13
C HIS C 87 58.03 2.57 1.25
N TRP C 88 56.93 2.46 1.97
CA TRP C 88 56.95 1.74 3.23
C TRP C 88 56.45 0.32 3.06
N ALA C 89 57.33 -0.65 3.27
CA ALA C 89 57.01 -2.06 2.99
C ALA C 89 56.69 -2.83 4.26
N GLU C 90 55.83 -3.83 4.12
CA GLU C 90 55.38 -4.58 5.28
C GLU C 90 56.60 -5.15 5.97
N GLY C 91 56.60 -5.12 7.30
CA GLY C 91 57.70 -5.66 8.07
C GLY C 91 58.68 -4.62 8.55
N GLU C 92 58.64 -3.43 7.98
CA GLU C 92 59.62 -2.39 8.29
C GLU C 92 59.14 -1.56 9.43
N THR C 93 60.08 -0.90 10.10
CA THR C 93 59.80 -0.04 11.23
C THR C 93 59.92 1.41 10.80
N VAL C 94 59.04 2.26 11.31
CA VAL C 94 59.00 3.69 10.98
C VAL C 94 58.74 4.46 12.28
N ARG C 95 59.35 5.63 12.42
CA ARG C 95 59.12 6.46 13.60
C ARG C 95 58.41 7.74 13.15
N ILE C 96 57.19 7.96 13.61
CA ILE C 96 56.54 9.25 13.40
C ILE C 96 56.76 10.11 14.64
N THR C 97 57.15 11.35 14.42
CA THR C 97 57.54 12.21 15.51
C THR C 97 56.84 13.56 15.51
N VAL C 98 56.79 14.12 16.72
CA VAL C 98 56.32 15.47 16.97
C VAL C 98 57.48 16.42 16.72
N GLY C 99 58.70 15.88 16.80
CA GLY C 99 59.92 16.69 16.78
C GLY C 99 60.32 17.08 15.38
N ALA C 100 60.89 18.27 15.23
CA ALA C 100 61.31 18.74 13.93
C ALA C 100 62.52 17.93 13.52
N CYS C 101 62.50 17.46 12.29
CA CYS C 101 63.55 16.62 11.79
C CYS C 101 63.66 16.80 10.29
N GLU C 102 64.75 16.30 9.74
CA GLU C 102 64.87 16.16 8.31
C GLU C 102 64.22 14.83 7.98
N GLY C 103 63.19 14.91 7.15
CA GLY C 103 62.24 13.81 7.01
C GLY C 103 62.72 12.75 6.06
N SER C 104 62.48 11.49 6.39
CA SER C 104 63.12 10.39 5.72
C SER C 104 62.21 9.18 5.82
N HIS C 105 62.67 8.08 5.23
CA HIS C 105 61.95 6.80 5.26
C HIS C 105 61.87 6.17 6.66
N ASP C 106 62.89 6.40 7.50
CA ASP C 106 62.96 5.81 8.83
C ASP C 106 62.42 6.72 9.96
N ARG C 107 62.38 8.04 9.73
CA ARG C 107 61.79 8.97 10.68
C ARG C 107 61.15 10.13 9.87
N VAL C 108 59.84 10.35 10.06
CA VAL C 108 59.09 11.40 9.36
C VAL C 108 58.34 12.28 10.39
N SER C 109 57.93 13.47 9.96
CA SER C 109 57.30 14.43 10.87
C SER C 109 55.78 14.43 10.69
N THR C 110 55.05 14.95 11.68
CA THR C 110 53.60 15.08 11.52
C THR C 110 53.12 16.40 12.08
N THR C 111 51.93 16.82 11.68
CA THR C 111 51.37 18.09 12.13
C THR C 111 50.75 18.01 13.53
N TYR C 112 50.19 16.85 13.90
CA TYR C 112 49.54 16.74 15.20
C TYR C 112 50.60 16.61 16.22
N LYS C 113 50.71 17.55 17.11
CA LYS C 113 51.86 17.57 17.99
C LYS C 113 51.61 16.87 19.29
N ARG C 114 50.39 16.34 19.46
CA ARG C 114 50.03 15.56 20.64
C ARG C 114 50.12 14.09 20.33
N LEU C 115 50.75 13.75 19.22
CA LEU C 115 50.73 12.41 18.76
C LEU C 115 51.38 11.53 19.80
N ALA C 116 52.60 11.88 20.23
CA ALA C 116 53.30 11.07 21.23
C ALA C 116 52.58 11.10 22.57
N GLN C 117 51.97 12.23 22.87
CA GLN C 117 51.25 12.34 24.10
C GLN C 117 49.97 11.48 24.08
N ASP C 118 49.34 11.36 22.92
CA ASP C 118 48.06 10.68 22.83
C ASP C 118 48.07 9.26 22.24
N ALA C 119 49.18 8.82 21.69
CA ALA C 119 49.23 7.53 21.00
C ALA C 119 49.77 6.42 21.90
N VAL C 120 49.03 5.33 21.99
CA VAL C 120 49.42 4.22 22.80
C VAL C 120 49.71 3.02 21.91
N ALA C 121 50.57 2.14 22.39
CA ALA C 121 50.93 0.95 21.68
C ALA C 121 49.70 0.13 21.45
N GLY C 122 49.60 -0.38 20.23
CA GLY C 122 48.43 -1.06 19.76
C GLY C 122 47.74 -0.21 18.71
N ASP C 123 47.80 1.11 18.83
CA ASP C 123 46.94 1.96 18.04
C ASP C 123 47.31 1.86 16.62
N ARG C 124 46.33 2.14 15.77
CA ARG C 124 46.54 1.96 14.36
C ARG C 124 46.71 3.27 13.64
N VAL C 125 47.49 3.23 12.57
CA VAL C 125 47.77 4.40 11.76
C VAL C 125 47.52 4.06 10.32
N LEU C 126 46.55 4.71 9.70
CA LEU C 126 46.23 4.44 8.31
C LEU C 126 46.71 5.60 7.48
N VAL C 127 47.31 5.30 6.34
CA VAL C 127 47.89 6.37 5.52
C VAL C 127 47.11 6.38 4.21
N ASP C 128 46.83 7.57 3.71
CA ASP C 128 46.13 7.72 2.45
C ASP C 128 44.83 6.88 2.40
N ASP C 129 44.09 6.89 3.51
CA ASP C 129 42.81 6.18 3.68
C ASP C 129 42.89 4.64 3.63
N GLY C 130 44.09 4.09 3.85
CA GLY C 130 44.30 2.64 3.86
C GLY C 130 45.35 2.12 2.87
N LYS C 131 46.00 3.04 2.14
CA LYS C 131 47.08 2.70 1.19
C LYS C 131 48.23 2.00 1.88
N VAL C 132 48.54 2.47 3.07
CA VAL C 132 49.42 1.76 3.99
C VAL C 132 48.74 1.74 5.36
N ALA C 133 49.02 0.70 6.13
CA ALA C 133 48.52 0.62 7.52
C ALA C 133 49.66 0.26 8.45
N LEU C 134 49.75 0.93 9.59
CA LEU C 134 50.73 0.64 10.61
C LEU C 134 50.06 0.37 11.95
N VAL C 135 50.80 -0.26 12.85
CA VAL C 135 50.42 -0.35 14.23
C VAL C 135 51.53 0.24 15.12
N VAL C 136 51.12 0.96 16.17
CA VAL C 136 52.07 1.53 17.08
C VAL C 136 52.69 0.45 17.97
N ASP C 137 54.03 0.44 18.05
CA ASP C 137 54.76 -0.48 18.90
C ASP C 137 55.14 0.16 20.22
N ALA C 138 55.63 1.38 20.17
CA ALA C 138 55.92 2.15 21.38
C ALA C 138 56.08 3.63 21.10
N VAL C 139 56.13 4.40 22.18
CA VAL C 139 56.45 5.80 22.14
C VAL C 139 57.82 6.04 22.79
N GLU C 140 58.82 6.33 21.96
CA GLU C 140 60.18 6.52 22.43
C GLU C 140 60.50 8.00 22.42
N GLY C 141 60.15 8.66 23.52
CA GLY C 141 60.39 10.08 23.68
C GLY C 141 59.43 10.86 22.81
N ASP C 142 59.96 11.59 21.86
CA ASP C 142 59.07 12.38 21.00
C ASP C 142 58.69 11.68 19.70
N ASP C 143 59.11 10.42 19.53
CA ASP C 143 58.72 9.61 18.40
C ASP C 143 57.65 8.60 18.75
N VAL C 144 56.99 8.06 17.73
CA VAL C 144 56.08 6.94 17.86
C VAL C 144 56.67 5.88 16.95
N VAL C 145 57.02 4.72 17.50
CA VAL C 145 57.63 3.65 16.69
C VAL C 145 56.55 2.70 16.26
N CYS C 146 56.41 2.52 14.96
CA CYS C 146 55.34 1.67 14.42
C CYS C 146 55.92 0.61 13.48
N THR C 147 55.25 -0.52 13.38
CA THR C 147 55.67 -1.52 12.44
C THR C 147 54.65 -1.56 11.32
N VAL C 148 55.16 -1.61 10.09
CA VAL C 148 54.31 -1.45 8.93
C VAL C 148 53.60 -2.77 8.70
N VAL C 149 52.28 -2.72 8.70
CA VAL C 149 51.46 -3.91 8.64
C VAL C 149 50.85 -4.11 7.25
N GLU C 150 50.87 -3.06 6.44
CA GLU C 150 50.50 -3.16 5.03
C GLU C 150 51.38 -2.20 4.31
N GLY C 151 52.20 -2.69 3.38
CA GLY C 151 53.22 -1.87 2.77
C GLY C 151 52.72 -1.14 1.54
N GLY C 152 53.29 0.03 1.29
CA GLY C 152 53.06 0.75 0.04
C GLY C 152 53.81 2.07 0.01
N PRO C 153 53.65 2.84 -1.09
CA PRO C 153 54.26 4.17 -1.25
C PRO C 153 53.58 5.24 -0.41
N VAL C 154 54.36 6.07 0.25
CA VAL C 154 53.86 7.27 0.92
C VAL C 154 54.55 8.53 0.36
N SER C 155 53.86 9.68 0.32
CA SER C 155 54.46 10.93 -0.19
C SER C 155 54.35 12.08 0.81
N ASP C 156 55.04 13.18 0.49
CA ASP C 156 55.08 14.39 1.34
C ASP C 156 53.72 14.84 1.82
N ASN C 157 53.63 15.21 3.10
CA ASN C 157 52.41 15.77 3.70
C ASN C 157 51.15 14.93 3.52
N LYS C 158 51.24 13.61 3.55
CA LYS C 158 50.08 12.75 3.28
C LYS C 158 49.20 12.62 4.52
N GLY C 159 47.93 12.33 4.32
CA GLY C 159 46.99 12.35 5.42
C GLY C 159 47.11 11.08 6.21
N ILE C 160 47.05 11.19 7.53
CA ILE C 160 47.05 9.98 8.35
C ILE C 160 45.87 10.00 9.28
N SER C 161 45.37 8.83 9.62
CA SER C 161 44.19 8.73 10.42
C SER C 161 44.43 7.79 11.57
N LEU C 162 44.10 8.24 12.77
CA LEU C 162 44.41 7.45 13.95
C LEU C 162 43.07 7.03 14.52
N PRO C 163 42.50 5.96 13.99
CA PRO C 163 41.17 5.56 14.48
C PRO C 163 41.19 5.28 15.97
N GLY C 164 40.25 5.88 16.68
CA GLY C 164 40.04 5.59 18.08
C GLY C 164 40.83 6.45 19.03
N MET C 165 41.74 7.25 18.51
CA MET C 165 42.47 8.18 19.33
C MET C 165 41.60 9.42 19.46
N ASN C 166 41.40 9.89 20.70
CA ASN C 166 40.73 11.16 20.89
C ASN C 166 41.64 12.22 20.39
N VAL C 167 41.27 12.85 19.30
CA VAL C 167 42.09 13.88 18.71
C VAL C 167 41.59 15.24 19.15
N THR C 168 42.47 16.04 19.73
CA THR C 168 42.09 17.34 20.21
C THR C 168 42.63 18.40 19.27
N ALA C 169 41.75 19.03 18.53
CA ALA C 169 42.13 20.10 17.64
C ALA C 169 40.88 20.89 17.29
N PRO C 170 41.05 22.19 17.06
CA PRO C 170 39.88 23.06 16.93
C PRO C 170 39.12 22.78 15.63
N ALA C 171 37.82 23.06 15.62
CA ALA C 171 36.99 22.85 14.41
C ALA C 171 37.58 23.60 13.25
N LEU C 172 38.01 24.83 13.54
CA LEU C 172 38.66 25.70 12.59
C LEU C 172 39.97 26.13 13.18
N SER C 173 41.07 25.83 12.50
CA SER C 173 42.38 26.35 12.87
C SER C 173 42.62 27.72 12.29
N GLU C 174 43.78 28.28 12.52
CA GLU C 174 44.09 29.58 11.99
C GLU C 174 44.28 29.56 10.49
N LYS C 175 44.75 28.44 9.96
CA LYS C 175 44.83 28.25 8.51
C LYS C 175 43.46 28.23 7.93
N ASP C 176 42.54 27.56 8.61
CA ASP C 176 41.17 27.46 8.16
C ASP C 176 40.47 28.82 8.16
N ILE C 177 40.67 29.58 9.24
CA ILE C 177 40.07 30.90 9.37
C ILE C 177 40.56 31.84 8.28
N GLU C 178 41.82 31.69 7.93
CA GLU C 178 42.49 32.58 7.01
C GLU C 178 42.21 32.18 5.57
N ASP C 179 41.68 30.97 5.38
CA ASP C 179 41.30 30.52 4.08
C ASP C 179 39.81 30.79 3.87
N LEU C 180 39.05 30.72 4.94
CA LEU C 180 37.69 31.14 4.92
C LEU C 180 37.67 32.62 4.51
N THR C 181 38.50 33.42 5.17
CA THR C 181 38.56 34.83 4.85
C THR C 181 38.91 35.06 3.41
N PHE C 182 40.00 34.46 2.94
CA PHE C 182 40.40 34.68 1.57
C PHE C 182 39.31 34.24 0.59
N ALA C 183 38.66 33.11 0.88
CA ALA C 183 37.61 32.57 -0.02
C ALA C 183 36.28 33.36 0.01
N LEU C 184 35.89 33.86 1.17
CA LEU C 184 34.74 34.73 1.25
C LEU C 184 34.94 36.01 0.42
N ASN C 185 36.11 36.65 0.58
CA ASN C 185 36.39 37.87 -0.18
C ASN C 185 36.68 37.62 -1.65
N LEU C 186 37.10 36.40 -1.99
CA LEU C 186 37.28 36.04 -3.39
C LEU C 186 35.94 35.92 -4.14
N GLY C 187 34.86 35.64 -3.41
CA GLY C 187 33.53 35.56 -3.97
C GLY C 187 32.90 34.16 -4.06
N VAL C 188 33.47 33.17 -3.40
CA VAL C 188 32.93 31.80 -3.50
C VAL C 188 31.48 31.72 -3.01
N ASP C 189 30.75 30.71 -3.48
CA ASP C 189 29.32 30.66 -3.29
C ASP C 189 28.99 29.89 -2.05
N MET C 190 29.84 28.93 -1.70
CA MET C 190 29.56 27.98 -0.62
C MET C 190 30.86 27.66 0.08
N VAL C 191 30.77 27.08 1.25
CA VAL C 191 31.94 26.69 1.99
C VAL C 191 31.65 25.32 2.59
N ALA C 192 32.65 24.42 2.53
CA ALA C 192 32.57 23.12 3.20
C ALA C 192 33.55 23.03 4.36
N LEU C 193 33.06 22.53 5.49
CA LEU C 193 33.87 22.35 6.68
C LEU C 193 34.16 20.89 6.90
N SER C 194 35.44 20.56 7.04
CA SER C 194 35.88 19.16 7.19
C SER C 194 35.83 18.72 8.66
N PHE C 195 35.57 17.42 8.86
CA PHE C 195 35.62 16.76 10.17
C PHE C 195 34.66 17.33 11.21
N VAL C 196 33.44 17.55 10.76
CA VAL C 196 32.39 18.09 11.58
C VAL C 196 32.01 17.06 12.63
N ARG C 197 31.78 17.52 13.84
CA ARG C 197 31.40 16.63 14.95
C ARG C 197 30.09 17.00 15.62
N SER C 198 29.75 18.28 15.58
CA SER C 198 28.63 18.79 16.32
C SER C 198 27.83 19.72 15.47
N PRO C 199 26.55 19.88 15.79
CA PRO C 199 25.70 20.84 15.12
C PRO C 199 26.13 22.28 15.39
N ALA C 200 26.86 22.52 16.47
CA ALA C 200 27.28 23.88 16.78
C ALA C 200 28.58 24.27 16.09
N ASP C 201 29.14 23.40 15.27
CA ASP C 201 30.41 23.70 14.60
C ASP C 201 30.26 24.76 13.52
N VAL C 202 29.05 24.85 12.98
CA VAL C 202 28.70 25.86 12.01
C VAL C 202 28.67 27.28 12.61
N GLU C 203 28.43 27.34 13.92
CA GLU C 203 28.37 28.60 14.61
C GLU C 203 29.71 29.27 14.51
N LEU C 204 30.75 28.50 14.70
CA LEU C 204 32.09 29.05 14.59
C LEU C 204 32.32 29.60 13.18
N VAL C 205 31.91 28.84 12.17
CA VAL C 205 32.07 29.29 10.80
C VAL C 205 31.24 30.56 10.60
N HIS C 206 30.02 30.55 11.12
CA HIS C 206 29.16 31.68 10.96
C HIS C 206 29.77 32.95 11.56
N GLU C 207 30.25 32.83 12.79
CA GLU C 207 30.95 33.91 13.48
C GLU C 207 31.97 34.66 12.60
N VAL C 208 32.89 33.91 11.99
CA VAL C 208 33.90 34.48 11.09
C VAL C 208 33.22 35.21 9.93
N MET C 209 32.14 34.63 9.43
CA MET C 209 31.36 35.24 8.39
C MET C 209 30.80 36.57 8.84
N ASP C 210 30.35 36.60 10.09
CA ASP C 210 29.78 37.83 10.66
C ASP C 210 30.84 38.90 10.93
N ARG C 211 32.02 38.47 11.33
CA ARG C 211 33.15 39.38 11.43
C ARG C 211 33.38 40.00 10.07
N ILE C 212 33.54 39.15 9.06
CA ILE C 212 33.78 39.59 7.69
C ILE C 212 32.54 40.20 7.03
N GLY C 213 31.37 39.88 7.57
CA GLY C 213 30.11 40.49 7.15
C GLY C 213 29.56 39.93 5.86
N ARG C 214 29.83 38.66 5.61
CA ARG C 214 29.39 38.01 4.40
C ARG C 214 29.25 36.53 4.66
N ARG C 215 28.01 36.07 4.60
CA ARG C 215 27.63 34.69 4.91
C ARG C 215 27.33 33.93 3.64
N VAL C 216 27.60 32.63 3.64
CA VAL C 216 27.24 31.81 2.53
C VAL C 216 26.74 30.49 3.08
N PRO C 217 26.35 29.59 2.19
CA PRO C 217 25.98 28.27 2.58
C PRO C 217 27.18 27.47 3.07
N VAL C 218 26.97 26.82 4.19
CA VAL C 218 27.96 26.01 4.79
C VAL C 218 27.59 24.54 4.61
N ILE C 219 28.50 23.76 4.02
CA ILE C 219 28.28 22.32 3.82
C ILE C 219 29.00 21.56 4.91
N ALA C 220 28.36 20.60 5.52
CA ALA C 220 29.05 19.72 6.48
C ALA C 220 29.61 18.50 5.78
N LYS C 221 30.88 18.24 6.02
CA LYS C 221 31.50 17.03 5.53
C LYS C 221 31.37 15.97 6.62
N LEU C 222 30.70 14.88 6.28
CA LEU C 222 30.42 13.81 7.20
C LEU C 222 31.51 12.79 7.10
N GLU C 223 32.47 12.84 8.02
CA GLU C 223 33.60 11.93 8.00
C GLU C 223 34.04 11.56 9.42
N LYS C 224 33.13 11.64 10.37
CA LYS C 224 33.42 11.28 11.75
C LYS C 224 32.27 10.50 12.34
N PRO C 225 32.56 9.61 13.27
CA PRO C 225 31.44 8.92 13.89
C PRO C 225 30.51 9.87 14.67
N GLU C 226 31.06 10.96 15.18
CA GLU C 226 30.24 11.89 15.93
C GLU C 226 29.22 12.50 15.01
N ALA C 227 29.65 12.77 13.78
CA ALA C 227 28.78 13.37 12.75
C ALA C 227 27.58 12.51 12.50
N ILE C 228 27.82 11.20 12.43
CA ILE C 228 26.79 10.27 12.09
C ILE C 228 25.88 10.02 13.26
N ASP C 229 26.43 10.15 14.46
CA ASP C 229 25.62 10.03 15.69
C ASP C 229 24.67 11.22 15.84
N ASN C 230 25.01 12.38 15.26
CA ASN C 230 24.17 13.60 15.38
C ASN C 230 23.68 14.02 14.02
N LEU C 231 23.40 13.06 13.15
CA LEU C 231 23.16 13.35 11.74
C LEU C 231 22.00 14.27 11.52
N GLU C 232 20.86 14.00 12.15
CA GLU C 232 19.67 14.83 11.93
C GLU C 232 19.95 16.26 12.36
N ALA C 233 20.55 16.44 13.53
CA ALA C 233 20.80 17.82 14.04
C ALA C 233 21.81 18.57 13.17
N ILE C 234 22.81 17.86 12.68
CA ILE C 234 23.79 18.46 11.74
C ILE C 234 23.16 18.88 10.43
N VAL C 235 22.23 18.06 9.93
CA VAL C 235 21.52 18.38 8.66
C VAL C 235 20.57 19.57 8.83
N LEU C 236 20.07 19.79 10.05
CA LEU C 236 19.25 20.97 10.31
C LEU C 236 20.08 22.23 10.62
N ALA C 237 21.26 22.06 11.19
CA ALA C 237 22.08 23.21 11.53
C ALA C 237 22.93 23.69 10.34
N PHE C 238 23.31 22.76 9.47
CA PHE C 238 24.06 23.12 8.28
C PHE C 238 23.13 23.26 7.10
N ASP C 239 23.62 23.81 6.01
CA ASP C 239 22.77 24.05 4.81
C ASP C 239 22.83 22.87 3.87
N ALA C 240 23.94 22.17 3.88
CA ALA C 240 24.10 21.00 3.06
C ALA C 240 25.01 20.02 3.76
N VAL C 241 25.07 18.79 3.26
CA VAL C 241 26.03 17.83 3.74
C VAL C 241 26.70 17.13 2.58
N MET C 242 27.95 16.76 2.83
CA MET C 242 28.70 15.92 1.95
C MET C 242 29.04 14.62 2.68
N VAL C 243 28.76 13.50 2.02
CA VAL C 243 29.14 12.21 2.53
C VAL C 243 30.59 12.03 2.08
N ALA C 244 31.53 12.30 3.01
CA ALA C 244 32.96 12.36 2.71
C ALA C 244 33.53 11.03 3.01
N ARG C 245 33.44 10.11 2.05
CA ARG C 245 33.67 8.68 2.27
C ARG C 245 35.09 8.33 2.58
N GLY C 246 36.04 9.08 2.04
CA GLY C 246 37.45 8.77 2.27
C GLY C 246 37.77 8.62 3.75
N ASP C 247 37.62 9.72 4.48
CA ASP C 247 37.97 9.73 5.87
C ASP C 247 36.93 8.99 6.64
N LEU C 248 35.70 9.00 6.14
CA LEU C 248 34.61 8.28 6.80
C LEU C 248 34.89 6.77 6.82
N GLY C 249 35.57 6.29 5.79
CA GLY C 249 35.89 4.88 5.65
C GLY C 249 37.07 4.43 6.48
N VAL C 250 37.84 5.36 7.04
CA VAL C 250 38.91 4.96 7.99
C VAL C 250 38.59 5.37 9.43
N GLU C 251 37.63 6.27 9.57
CA GLU C 251 37.18 6.71 10.90
C GLU C 251 36.11 5.76 11.40
N LEU C 252 35.40 5.16 10.44
CA LEU C 252 34.42 4.10 10.69
C LEU C 252 34.91 2.85 10.01
N PRO C 253 34.24 1.74 10.27
CA PRO C 253 34.56 0.55 9.48
C PRO C 253 34.13 0.75 8.03
N LEU C 254 35.01 0.43 7.09
CA LEU C 254 34.74 0.80 5.69
C LEU C 254 33.52 0.08 5.16
N GLU C 255 33.20 -1.04 5.80
CA GLU C 255 32.00 -1.78 5.46
C GLU C 255 30.70 -1.08 5.95
N GLU C 256 30.81 -0.13 6.88
CA GLU C 256 29.61 0.53 7.41
C GLU C 256 29.18 1.71 6.54
N VAL C 257 30.04 2.15 5.65
CA VAL C 257 29.82 3.41 4.94
C VAL C 257 28.66 3.35 3.92
N PRO C 258 28.58 2.27 3.15
CA PRO C 258 27.49 2.16 2.22
C PRO C 258 26.14 2.47 2.84
N LEU C 259 25.91 2.07 4.08
CA LEU C 259 24.60 2.27 4.70
C LEU C 259 24.49 3.64 5.33
N VAL C 260 25.62 4.16 5.79
CA VAL C 260 25.65 5.51 6.35
C VAL C 260 25.31 6.50 5.23
N GLN C 261 25.90 6.28 4.04
CA GLN C 261 25.64 7.09 2.88
C GLN C 261 24.17 7.11 2.64
N LYS C 262 23.55 5.95 2.57
CA LYS C 262 22.16 5.88 2.17
C LYS C 262 21.30 6.55 3.19
N ARG C 263 21.63 6.36 4.45
CA ARG C 263 20.87 6.98 5.54
C ARG C 263 21.05 8.50 5.59
N ALA C 264 22.22 8.97 5.17
CA ALA C 264 22.51 10.40 5.17
C ALA C 264 21.90 11.10 3.99
N ILE C 265 21.79 10.42 2.87
CA ILE C 265 21.15 11.02 1.68
C ILE C 265 19.67 11.15 1.97
N GLN C 266 19.08 10.11 2.54
CA GLN C 266 17.68 10.16 2.89
C GLN C 266 17.41 11.32 3.84
N MET C 267 18.32 11.57 4.77
CA MET C 267 18.09 12.56 5.78
C MET C 267 18.14 13.96 5.19
N ALA C 268 18.97 14.16 4.17
CA ALA C 268 19.10 15.45 3.57
C ALA C 268 17.83 15.74 2.85
N ARG C 269 17.34 14.76 2.13
CA ARG C 269 16.19 14.97 1.31
C ARG C 269 14.96 15.21 2.15
N GLU C 270 14.87 14.54 3.29
CA GLU C 270 13.75 14.73 4.23
C GLU C 270 13.66 16.19 4.67
N ASN C 271 14.80 16.79 4.96
CA ASN C 271 14.85 18.15 5.48
C ASN C 271 15.14 19.17 4.38
N ALA C 272 15.21 18.65 3.14
CA ALA C 272 15.34 19.46 1.93
C ALA C 272 16.68 20.17 1.86
N LYS C 273 17.75 19.44 2.14
CA LYS C 273 19.07 20.02 2.02
C LYS C 273 19.84 19.22 1.01
N PRO C 274 20.72 19.89 0.25
CA PRO C 274 21.46 19.19 -0.77
C PRO C 274 22.40 18.20 -0.17
N VAL C 275 22.67 17.11 -0.87
CA VAL C 275 23.64 16.15 -0.43
C VAL C 275 24.60 15.79 -1.54
N ILE C 276 25.89 15.82 -1.23
CA ILE C 276 26.93 15.41 -2.16
C ILE C 276 27.53 14.06 -1.76
N VAL C 277 27.72 13.17 -2.72
CA VAL C 277 28.40 11.93 -2.42
C VAL C 277 29.79 11.97 -3.01
N ALA C 278 30.82 11.71 -2.20
CA ALA C 278 32.19 12.03 -2.59
C ALA C 278 33.19 10.91 -2.35
N THR C 279 34.25 10.95 -3.18
CA THR C 279 35.49 10.27 -2.93
C THR C 279 35.51 8.82 -3.47
N GLN C 280 36.43 8.61 -4.45
CA GLN C 280 36.65 7.32 -5.12
C GLN C 280 35.47 6.77 -5.88
N MET C 281 34.57 7.64 -6.37
CA MET C 281 33.43 7.13 -7.13
C MET C 281 33.92 6.52 -8.40
N LEU C 282 34.97 7.10 -8.97
CA LEU C 282 35.56 6.57 -10.18
C LEU C 282 37.09 6.54 -9.98
N ASP C 283 37.52 6.04 -8.85
CA ASP C 283 38.92 6.05 -8.49
C ASP C 283 39.85 5.45 -9.57
N SER C 284 39.39 4.38 -10.19
CA SER C 284 40.11 3.69 -11.26
C SER C 284 40.53 4.69 -12.37
N MET C 285 39.69 5.68 -12.60
CA MET C 285 39.77 6.54 -13.77
C MET C 285 40.91 7.56 -13.69
N ILE C 286 41.64 7.59 -12.59
CA ILE C 286 42.85 8.43 -12.49
C ILE C 286 43.91 7.96 -13.50
N GLU C 287 43.98 6.66 -13.72
CA GLU C 287 45.00 6.07 -14.56
C GLU C 287 44.39 5.38 -15.78
N ASN C 288 43.07 5.18 -15.80
CA ASN C 288 42.47 4.39 -16.83
C ASN C 288 41.44 5.18 -17.59
N SER C 289 41.35 4.90 -18.89
CA SER C 289 40.45 5.63 -19.78
C SER C 289 38.97 5.27 -19.58
N ARG C 290 38.75 4.12 -18.98
CA ARG C 290 37.43 3.67 -18.56
C ARG C 290 37.48 3.18 -17.13
N PRO C 291 36.33 3.25 -16.43
CA PRO C 291 36.27 2.83 -15.03
C PRO C 291 36.02 1.33 -14.86
N THR C 292 35.94 0.88 -13.62
CA THR C 292 35.61 -0.49 -13.34
C THR C 292 34.07 -0.65 -13.38
N ARG C 293 33.63 -1.91 -13.27
CA ARG C 293 32.23 -2.21 -13.24
C ARG C 293 31.65 -1.80 -11.89
N ALA C 294 32.50 -1.83 -10.85
CA ALA C 294 32.10 -1.44 -9.48
C ALA C 294 31.95 0.06 -9.36
N GLU C 295 32.81 0.77 -10.04
CA GLU C 295 32.78 2.19 -10.02
C GLU C 295 31.52 2.65 -10.70
N ALA C 296 31.26 2.15 -11.91
CA ALA C 296 30.00 2.48 -12.61
C ALA C 296 28.76 2.16 -11.72
N SER C 297 28.78 1.02 -11.04
CA SER C 297 27.73 0.64 -10.12
C SER C 297 27.63 1.62 -8.95
N ASP C 298 28.74 2.18 -8.54
CA ASP C 298 28.74 2.99 -7.34
C ASP C 298 28.04 4.31 -7.63
N VAL C 299 28.27 4.80 -8.83
CA VAL C 299 27.68 6.02 -9.31
C VAL C 299 26.19 5.85 -9.55
N ALA C 300 25.81 4.79 -10.25
CA ALA C 300 24.39 4.50 -10.50
C ALA C 300 23.63 4.36 -9.20
N ASN C 301 24.30 3.80 -8.18
CA ASN C 301 23.63 3.59 -6.90
C ASN C 301 23.52 4.87 -6.08
N ALA C 302 24.45 5.80 -6.28
CA ALA C 302 24.34 7.09 -5.65
C ALA C 302 23.13 7.85 -6.26
N VAL C 303 22.91 7.65 -7.54
CA VAL C 303 21.74 8.21 -8.17
C VAL C 303 20.45 7.62 -7.58
N LEU C 304 20.38 6.30 -7.46
CA LEU C 304 19.14 5.65 -7.05
C LEU C 304 18.88 5.84 -5.58
N ASP C 305 19.94 6.10 -4.81
CA ASP C 305 19.83 6.49 -3.41
C ASP C 305 19.17 7.88 -3.27
N GLY C 306 19.39 8.73 -4.27
CA GLY C 306 18.75 10.09 -4.31
C GLY C 306 19.71 11.27 -4.20
N ALA C 307 20.97 11.09 -4.56
CA ALA C 307 21.97 12.13 -4.34
C ALA C 307 21.67 13.34 -5.21
N ASP C 308 21.78 14.54 -4.65
CA ASP C 308 21.65 15.75 -5.39
C ASP C 308 22.86 15.78 -6.32
N ALA C 309 24.03 15.46 -5.78
CA ALA C 309 25.27 15.60 -6.52
C ALA C 309 26.27 14.54 -6.19
N LEU C 310 27.07 14.18 -7.18
CA LEU C 310 28.19 13.27 -6.99
C LEU C 310 29.45 14.01 -7.29
N MET C 311 30.54 13.61 -6.66
CA MET C 311 31.79 14.37 -6.71
C MET C 311 32.96 13.53 -7.18
N LEU C 312 33.92 14.21 -7.81
CA LEU C 312 35.17 13.59 -8.23
C LEU C 312 36.26 14.35 -7.56
N SER C 313 37.23 13.64 -7.00
CA SER C 313 38.30 14.28 -6.27
C SER C 313 39.61 14.23 -7.04
N GLY C 314 40.39 13.18 -6.83
CA GLY C 314 41.63 13.01 -7.59
C GLY C 314 41.40 12.78 -9.07
N GLU C 315 40.22 12.31 -9.42
CA GLU C 315 39.91 11.93 -10.80
C GLU C 315 40.00 13.12 -11.75
N THR C 316 39.73 14.32 -11.24
CA THR C 316 39.86 15.58 -12.00
C THR C 316 41.01 16.50 -11.50
N SER C 317 41.38 16.41 -10.23
CA SER C 317 42.38 17.32 -9.68
C SER C 317 43.80 16.95 -10.09
N VAL C 318 44.16 15.67 -10.02
CA VAL C 318 45.48 15.26 -10.47
C VAL C 318 45.45 14.19 -11.55
N GLY C 319 44.26 13.77 -11.96
CA GLY C 319 44.11 12.61 -12.87
C GLY C 319 44.62 12.79 -14.31
N LYS C 320 44.57 11.70 -15.06
CA LYS C 320 45.05 11.67 -16.44
C LYS C 320 43.93 11.77 -17.45
N TYR C 321 42.73 11.44 -17.02
CA TYR C 321 41.58 11.56 -17.87
C TYR C 321 40.48 12.33 -17.14
N PRO C 322 40.76 13.58 -16.79
CA PRO C 322 39.84 14.39 -16.02
C PRO C 322 38.55 14.71 -16.77
N LEU C 323 38.65 14.76 -18.11
CA LEU C 323 37.47 15.01 -18.91
C LEU C 323 36.68 13.77 -19.06
N ALA C 324 37.37 12.66 -19.23
CA ALA C 324 36.67 11.41 -19.39
C ALA C 324 35.95 11.05 -18.07
N ALA C 325 36.52 11.47 -16.94
CA ALA C 325 35.93 11.21 -15.64
C ALA C 325 34.62 11.94 -15.51
N VAL C 326 34.60 13.18 -15.91
CA VAL C 326 33.39 13.97 -15.86
C VAL C 326 32.40 13.48 -16.92
N ARG C 327 32.90 13.13 -18.10
CA ARG C 327 32.05 12.71 -19.19
C ARG C 327 31.36 11.39 -18.85
N THR C 328 32.13 10.45 -18.32
CA THR C 328 31.62 9.17 -18.03
C THR C 328 30.66 9.25 -16.89
N MET C 329 31.00 10.01 -15.86
CA MET C 329 30.08 10.15 -14.74
C MET C 329 28.70 10.59 -15.21
N SER C 330 28.67 11.45 -16.22
CA SER C 330 27.42 11.98 -16.75
C SER C 330 26.66 10.95 -17.58
N ARG C 331 27.39 10.17 -18.39
CA ARG C 331 26.74 9.14 -19.15
C ARG C 331 26.01 8.15 -18.21
N ILE C 332 26.67 7.74 -17.13
CA ILE C 332 26.06 6.83 -16.18
C ILE C 332 24.84 7.47 -15.50
N ILE C 333 25.02 8.69 -14.99
CA ILE C 333 23.90 9.30 -14.33
C ILE C 333 22.75 9.34 -15.32
N CYS C 334 23.03 9.79 -16.54
CA CYS C 334 22.01 9.88 -17.55
C CYS C 334 21.40 8.53 -17.84
N ALA C 335 22.21 7.47 -17.82
CA ALA C 335 21.70 6.14 -18.15
C ALA C 335 20.67 5.67 -17.13
N VAL C 336 20.92 5.98 -15.88
CA VAL C 336 20.03 5.61 -14.78
C VAL C 336 18.76 6.41 -14.85
N GLU C 337 18.87 7.67 -15.23
CA GLU C 337 17.77 8.60 -15.16
C GLU C 337 16.84 8.40 -16.34
N GLU C 338 17.36 7.90 -17.46
CA GLU C 338 16.54 7.57 -18.60
C GLU C 338 15.57 6.48 -18.17
N ASN C 339 16.06 5.51 -17.41
CA ASN C 339 15.18 4.47 -16.91
C ASN C 339 14.14 5.10 -16.00
N SER C 340 14.58 5.68 -14.90
CA SER C 340 13.67 6.31 -13.95
C SER C 340 14.45 7.28 -13.08
N THR C 341 13.88 8.44 -12.80
CA THR C 341 14.50 9.37 -11.85
C THR C 341 13.86 9.22 -10.44
N ALA C 342 12.83 8.37 -10.33
CA ALA C 342 12.14 8.12 -9.03
C ALA C 342 13.13 7.80 -7.91
N ALA C 343 12.96 8.45 -6.76
CA ALA C 343 13.86 8.27 -5.62
C ALA C 343 13.12 7.64 -4.45
N PRO C 344 13.87 7.16 -3.47
CA PRO C 344 13.22 6.59 -2.30
C PRO C 344 12.30 7.62 -1.66
N PRO C 345 11.03 7.29 -1.49
CA PRO C 345 10.05 8.22 -0.96
C PRO C 345 10.38 8.80 0.44
N LEU C 346 9.79 9.94 0.73
CA LEU C 346 9.93 10.54 2.04
C LEU C 346 9.13 9.73 3.03
N THR C 347 9.54 9.78 4.29
CA THR C 347 8.90 9.03 5.35
C THR C 347 7.88 9.87 6.07
N HIS C 348 7.59 11.04 5.52
CA HIS C 348 6.61 11.91 6.15
C HIS C 348 5.90 12.73 5.10
N ILE C 349 4.74 13.24 5.47
CA ILE C 349 4.04 14.21 4.64
C ILE C 349 4.56 15.56 5.02
N PRO C 350 4.93 16.36 4.02
CA PRO C 350 5.41 17.71 4.29
C PRO C 350 4.48 18.51 5.17
N ARG C 351 5.04 19.31 6.05
CA ARG C 351 4.25 20.13 6.96
C ARG C 351 4.49 21.63 6.88
N THR C 352 5.55 22.05 6.20
CA THR C 352 5.86 23.47 6.10
C THR C 352 5.13 24.00 4.90
N LYS C 353 4.74 25.27 4.98
CA LYS C 353 4.03 25.90 3.90
C LYS C 353 4.72 25.67 2.58
N ARG C 354 5.99 25.98 2.54
CA ARG C 354 6.76 25.90 1.31
C ARG C 354 6.89 24.45 0.83
N GLY C 355 6.98 23.52 1.79
CA GLY C 355 7.09 22.10 1.46
C GLY C 355 5.81 21.59 0.88
N VAL C 356 4.70 21.97 1.49
CA VAL C 356 3.42 21.45 1.07
C VAL C 356 3.06 21.93 -0.30
N ILE C 357 3.35 23.20 -0.57
CA ILE C 357 2.98 23.84 -1.83
C ILE C 357 3.83 23.33 -2.97
N SER C 358 5.08 23.06 -2.70
CA SER C 358 5.94 22.53 -3.72
C SER C 358 5.57 21.10 -4.01
N TYR C 359 4.97 20.42 -3.05
CA TYR C 359 4.55 19.04 -3.23
C TYR C 359 3.37 19.03 -4.20
N ALA C 360 2.35 19.81 -3.86
CA ALA C 360 1.18 20.00 -4.70
C ALA C 360 1.52 20.44 -6.11
N ALA C 361 2.51 21.33 -6.23
CA ALA C 361 2.93 21.82 -7.54
C ALA C 361 3.48 20.70 -8.39
N ARG C 362 4.21 19.79 -7.76
CA ARG C 362 4.77 18.64 -8.46
C ARG C 362 3.66 17.78 -8.99
N ASP C 363 2.63 17.62 -8.16
CA ASP C 363 1.50 16.75 -8.46
C ASP C 363 0.87 17.25 -9.74
N ILE C 364 0.48 18.53 -9.70
CA ILE C 364 -0.30 19.12 -10.77
C ILE C 364 0.44 19.03 -12.10
N GLY C 365 1.72 19.40 -12.07
CA GLY C 365 2.52 19.43 -13.26
C GLY C 365 2.59 18.08 -13.89
N GLU C 366 2.93 17.08 -13.09
CA GLU C 366 3.15 15.74 -13.63
C GLU C 366 1.85 15.16 -14.19
N ARG C 367 0.75 15.36 -13.45
CA ARG C 367 -0.56 14.83 -13.84
C ARG C 367 -1.11 15.49 -15.10
N LEU C 368 -0.78 16.75 -15.31
CA LEU C 368 -1.20 17.44 -16.53
C LEU C 368 -0.19 17.36 -17.71
N ASP C 369 0.85 16.56 -17.58
CA ASP C 369 1.89 16.44 -18.60
C ASP C 369 2.42 17.83 -18.98
N ALA C 370 2.68 18.63 -17.95
CA ALA C 370 3.23 19.95 -18.13
C ALA C 370 4.63 19.87 -18.74
N LYS C 371 5.05 20.96 -19.38
CA LYS C 371 6.34 20.99 -20.07
C LYS C 371 7.47 21.28 -19.10
N ALA C 372 7.16 22.05 -18.05
CA ALA C 372 8.12 22.40 -17.06
C ALA C 372 7.44 22.82 -15.77
N LEU C 373 8.19 22.76 -14.67
CA LEU C 373 7.79 23.34 -13.41
C LEU C 373 8.63 24.56 -13.19
N VAL C 374 8.05 25.63 -12.70
CA VAL C 374 8.76 26.86 -12.51
C VAL C 374 8.56 27.28 -11.09
N ALA C 375 9.64 27.58 -10.39
CA ALA C 375 9.48 28.07 -9.04
C ALA C 375 10.26 29.33 -8.81
N PHE C 376 9.62 30.27 -8.12
CA PHE C 376 10.25 31.50 -7.75
C PHE C 376 10.76 31.40 -6.34
N THR C 377 11.98 31.87 -6.10
CA THR C 377 12.54 31.75 -4.78
C THR C 377 13.57 32.81 -4.47
N GLN C 378 13.61 33.18 -3.20
CA GLN C 378 14.53 34.18 -2.72
C GLN C 378 15.76 33.51 -2.18
N SER C 379 15.57 32.42 -1.47
CA SER C 379 16.67 31.72 -0.82
C SER C 379 16.95 30.40 -1.48
N GLY C 380 16.10 29.96 -2.41
CA GLY C 380 16.25 28.64 -3.04
C GLY C 380 15.51 27.51 -2.30
N ASP C 381 14.92 27.85 -1.17
CA ASP C 381 14.36 26.85 -0.30
C ASP C 381 13.13 26.26 -0.88
N THR C 382 12.26 27.08 -1.47
CA THR C 382 11.08 26.57 -2.13
C THR C 382 11.46 25.58 -3.23
N VAL C 383 12.51 25.89 -3.96
CA VAL C 383 12.93 25.10 -5.09
C VAL C 383 13.55 23.79 -4.69
N ARG C 384 14.07 23.73 -3.47
CA ARG C 384 14.75 22.56 -2.98
C ARG C 384 13.80 21.53 -2.44
N ARG C 385 12.64 21.98 -2.01
CA ARG C 385 11.63 21.06 -1.50
C ARG C 385 10.90 20.38 -2.63
N LEU C 386 11.03 20.92 -3.83
CA LEU C 386 10.51 20.25 -4.99
C LEU C 386 11.61 19.38 -5.63
N ALA C 387 12.86 19.82 -5.51
CA ALA C 387 13.95 19.08 -6.12
C ALA C 387 14.09 17.74 -5.46
N ARG C 388 13.86 17.72 -4.17
CA ARG C 388 14.10 16.52 -3.36
C ARG C 388 13.16 15.42 -3.76
N LEU C 389 12.04 15.77 -4.42
CA LEU C 389 11.00 14.82 -4.83
C LEU C 389 11.35 14.11 -6.11
N HIS C 390 12.36 14.59 -6.81
CA HIS C 390 12.83 13.98 -8.01
C HIS C 390 11.80 13.83 -9.08
N THR C 391 11.40 14.93 -9.67
CA THR C 391 10.49 14.86 -10.76
C THR C 391 11.18 14.68 -12.11
N PRO C 392 10.50 14.05 -13.07
CA PRO C 392 11.08 13.91 -14.42
C PRO C 392 10.87 15.16 -15.25
N LEU C 393 10.07 16.08 -14.74
CA LEU C 393 9.84 17.34 -15.40
C LEU C 393 10.99 18.24 -15.17
N PRO C 394 11.27 19.11 -16.14
CA PRO C 394 12.25 20.16 -15.96
C PRO C 394 11.86 21.07 -14.81
N LEU C 395 12.78 21.28 -13.88
CA LEU C 395 12.54 22.13 -12.74
C LEU C 395 13.36 23.37 -12.95
N LEU C 396 12.70 24.51 -13.00
CA LEU C 396 13.37 25.75 -13.34
C LEU C 396 13.12 26.79 -12.27
N ALA C 397 14.22 27.30 -11.72
CA ALA C 397 14.14 28.24 -10.65
C ALA C 397 14.25 29.67 -11.20
N PHE C 398 13.48 30.59 -10.61
CA PHE C 398 13.55 31.95 -11.03
C PHE C 398 13.84 32.75 -9.78
N THR C 399 14.84 33.62 -9.86
CA THR C 399 15.32 34.35 -8.69
C THR C 399 16.02 35.64 -9.11
N ALA C 400 16.00 36.62 -8.21
CA ALA C 400 16.63 37.88 -8.50
C ALA C 400 18.08 37.90 -8.01
N TRP C 401 18.45 37.01 -7.08
CA TRP C 401 19.79 37.07 -6.51
C TRP C 401 20.70 36.08 -7.18
N PRO C 402 21.70 36.56 -7.97
CA PRO C 402 22.56 35.72 -8.84
C PRO C 402 23.34 34.62 -8.13
N GLU C 403 23.59 34.82 -6.84
CA GLU C 403 24.34 33.88 -6.05
C GLU C 403 23.53 32.60 -5.87
N VAL C 404 22.21 32.73 -5.89
CA VAL C 404 21.31 31.61 -5.71
C VAL C 404 21.41 30.66 -6.90
N ARG C 405 21.67 31.22 -8.08
CA ARG C 405 21.86 30.39 -9.24
C ARG C 405 23.06 29.48 -9.11
N SER C 406 24.10 29.98 -8.44
CA SER C 406 25.30 29.19 -8.21
C SER C 406 25.13 28.25 -7.03
N GLN C 407 24.31 28.64 -6.07
CA GLN C 407 24.00 27.79 -4.93
C GLN C 407 23.12 26.62 -5.37
N LEU C 408 22.33 26.84 -6.41
CA LEU C 408 21.37 25.79 -6.87
C LEU C 408 21.98 24.94 -7.93
N ALA C 409 23.27 25.11 -8.15
CA ALA C 409 23.97 24.28 -9.10
C ALA C 409 24.32 22.94 -8.50
N MET C 410 24.19 22.80 -7.18
CA MET C 410 24.39 21.53 -6.54
C MET C 410 23.07 20.94 -6.06
N THR C 411 21.94 21.57 -6.39
CA THR C 411 20.63 21.02 -6.10
C THR C 411 20.10 20.32 -7.31
N TRP C 412 19.55 19.14 -7.05
CA TRP C 412 19.17 18.18 -8.08
C TRP C 412 18.30 18.74 -9.18
N GLY C 413 18.63 18.42 -10.43
CA GLY C 413 17.72 18.60 -11.58
C GLY C 413 17.21 20.03 -11.81
N THR C 414 17.92 21.03 -11.29
CA THR C 414 17.45 22.39 -11.28
C THR C 414 18.28 23.27 -12.16
N GLU C 415 17.60 24.06 -12.97
CA GLU C 415 18.20 25.06 -13.84
C GLU C 415 17.69 26.42 -13.38
N THR C 416 18.54 27.41 -13.28
CA THR C 416 18.11 28.68 -12.74
C THR C 416 18.18 29.80 -13.79
N PHE C 417 17.34 30.79 -13.57
CA PHE C 417 17.22 31.93 -14.43
C PHE C 417 17.23 33.14 -13.52
N ILE C 418 18.13 34.07 -13.77
CA ILE C 418 18.15 35.26 -12.95
C ILE C 418 17.26 36.30 -13.62
N VAL C 419 16.44 36.97 -12.81
CA VAL C 419 15.51 37.93 -13.36
C VAL C 419 15.47 39.14 -12.50
N PRO C 420 15.00 40.24 -13.08
CA PRO C 420 14.89 41.47 -12.32
C PRO C 420 13.79 41.33 -11.32
N LYS C 421 13.92 42.04 -10.20
CA LYS C 421 13.01 41.79 -9.12
C LYS C 421 11.64 42.31 -9.50
N MET C 422 10.61 41.53 -9.18
CA MET C 422 9.25 41.93 -9.52
C MET C 422 8.47 42.35 -8.31
N GLN C 423 7.47 43.19 -8.52
CA GLN C 423 6.65 43.69 -7.43
C GLN C 423 5.20 43.30 -7.63
N SER C 424 4.93 42.43 -8.60
CA SER C 424 3.57 41.94 -8.84
C SER C 424 3.63 40.55 -9.43
N THR C 425 2.73 39.66 -9.00
CA THR C 425 2.76 38.28 -9.47
C THR C 425 2.48 38.15 -10.98
N ASP C 426 1.73 39.05 -11.60
CA ASP C 426 1.55 38.97 -13.06
C ASP C 426 2.81 39.34 -13.76
N GLY C 427 3.52 40.32 -13.19
CA GLY C 427 4.82 40.71 -13.71
C GLY C 427 5.68 39.47 -13.80
N MET C 428 5.71 38.72 -12.70
CA MET C 428 6.43 37.46 -12.64
C MET C 428 6.06 36.51 -13.79
N ILE C 429 4.77 36.35 -14.09
CA ILE C 429 4.35 35.45 -15.16
C ILE C 429 4.82 35.91 -16.51
N ARG C 430 4.87 37.21 -16.70
CA ARG C 430 5.33 37.72 -17.96
C ARG C 430 6.81 37.44 -18.11
N GLN C 431 7.53 37.61 -17.02
CA GLN C 431 8.95 37.33 -16.96
C GLN C 431 9.26 35.90 -17.33
N VAL C 432 8.45 34.98 -16.82
CA VAL C 432 8.65 33.58 -17.11
C VAL C 432 8.49 33.35 -18.57
N ASP C 433 7.43 33.94 -19.12
CA ASP C 433 7.12 33.80 -20.52
C ASP C 433 8.25 34.31 -21.40
N LYS C 434 8.83 35.46 -21.01
CA LYS C 434 9.92 36.07 -21.75
C LYS C 434 11.13 35.16 -21.79
N SER C 435 11.55 34.74 -20.60
CA SER C 435 12.75 33.96 -20.47
C SER C 435 12.60 32.67 -21.21
N LEU C 436 11.46 32.01 -21.03
CA LEU C 436 11.30 30.67 -21.55
C LEU C 436 11.25 30.69 -23.04
N LEU C 437 10.69 31.75 -23.60
CA LEU C 437 10.50 31.81 -25.02
C LEU C 437 11.79 31.94 -25.79
N GLU C 438 12.86 32.38 -25.13
CA GLU C 438 14.13 32.54 -25.82
C GLU C 438 14.85 31.20 -25.93
N LEU C 439 14.25 30.17 -25.34
CA LEU C 439 14.86 28.85 -25.29
C LEU C 439 14.43 27.88 -26.36
N ALA C 440 15.41 27.19 -26.90
CA ALA C 440 15.19 26.23 -27.98
C ALA C 440 13.94 25.38 -27.68
N ARG C 441 13.93 24.74 -26.53
CA ARG C 441 12.94 23.69 -26.23
C ARG C 441 11.57 24.27 -25.79
N TYR C 442 11.31 25.56 -26.04
CA TYR C 442 10.08 26.15 -25.53
C TYR C 442 9.38 26.94 -26.60
N LYS C 443 8.05 26.98 -26.49
CA LYS C 443 7.20 27.57 -27.51
C LYS C 443 5.95 28.11 -26.86
N ARG C 444 5.18 28.87 -27.65
CA ARG C 444 3.96 29.50 -27.18
C ARG C 444 2.87 28.44 -27.10
N GLY C 445 1.98 28.57 -26.12
CA GLY C 445 0.92 27.57 -25.93
C GLY C 445 1.30 26.47 -24.94
N ASP C 446 2.61 26.26 -24.78
CA ASP C 446 3.16 25.26 -23.86
C ASP C 446 2.73 25.51 -22.44
N LEU C 447 2.53 24.41 -21.73
CA LEU C 447 1.92 24.44 -20.41
C LEU C 447 2.98 24.38 -19.36
N VAL C 448 2.90 25.29 -18.40
CA VAL C 448 3.85 25.29 -17.31
C VAL C 448 3.15 25.63 -16.03
N VAL C 449 3.70 25.12 -14.94
CA VAL C 449 3.15 25.36 -13.61
C VAL C 449 4.11 26.24 -12.85
N ILE C 450 3.59 27.32 -12.29
CA ILE C 450 4.44 28.30 -11.67
C ILE C 450 4.13 28.45 -10.19
N VAL C 451 5.18 28.34 -9.37
CA VAL C 451 5.04 28.54 -7.96
C VAL C 451 5.56 29.89 -7.60
N ALA C 452 4.82 30.59 -6.76
CA ALA C 452 5.15 31.96 -6.49
C ALA C 452 4.56 32.38 -5.18
N GLY C 453 4.79 33.65 -4.84
CA GLY C 453 4.39 34.17 -3.54
C GLY C 453 4.15 35.64 -3.60
N ALA C 454 3.50 36.17 -2.60
CA ALA C 454 3.29 37.63 -2.53
C ALA C 454 3.12 37.99 -1.08
N PRO C 455 3.77 39.03 -0.58
CA PRO C 455 4.42 40.05 -1.38
C PRO C 455 5.76 39.62 -1.87
N PRO C 456 6.05 39.92 -3.14
CA PRO C 456 7.34 39.50 -3.70
C PRO C 456 8.48 40.22 -3.01
N GLY C 457 9.65 39.60 -3.00
CA GLY C 457 10.78 40.13 -2.31
C GLY C 457 10.90 39.65 -0.87
N THR C 458 10.17 38.59 -0.51
CA THR C 458 10.12 38.17 0.88
C THR C 458 10.32 36.67 0.92
N VAL C 459 11.25 36.24 1.75
CA VAL C 459 11.63 34.84 1.79
C VAL C 459 10.56 34.09 2.58
N GLY C 460 10.17 32.96 2.06
CA GLY C 460 9.18 32.13 2.74
C GLY C 460 7.75 32.53 2.45
N SER C 461 7.52 33.55 1.61
CA SER C 461 6.22 34.11 1.47
C SER C 461 5.47 33.38 0.38
N THR C 462 6.17 32.51 -0.34
CA THR C 462 5.57 31.63 -1.36
C THR C 462 4.18 31.08 -0.97
N ASN C 463 3.16 31.31 -1.81
CA ASN C 463 1.79 30.90 -1.46
C ASN C 463 0.84 30.74 -2.64
N LEU C 464 1.37 30.39 -3.80
CA LEU C 464 0.53 30.45 -5.01
C LEU C 464 1.01 29.54 -6.11
N ILE C 465 0.12 28.77 -6.71
CA ILE C 465 0.47 27.97 -7.88
C ILE C 465 -0.41 28.37 -9.02
N HIS C 466 0.16 28.39 -10.22
CA HIS C 466 -0.54 28.89 -11.36
C HIS C 466 -0.28 28.03 -12.55
N VAL C 467 -1.32 27.63 -13.25
CA VAL C 467 -1.15 26.79 -14.40
C VAL C 467 -1.28 27.66 -15.61
N HIS C 468 -0.18 27.84 -16.33
CA HIS C 468 -0.14 28.84 -17.36
C HIS C 468 0.36 28.27 -18.68
N ARG C 469 -0.25 28.71 -19.78
CA ARG C 469 0.19 28.31 -21.09
C ARG C 469 0.96 29.50 -21.64
N ILE C 470 2.12 29.22 -22.22
CA ILE C 470 2.99 30.29 -22.68
C ILE C 470 2.29 31.19 -23.67
N GLY C 471 2.13 32.44 -23.25
CA GLY C 471 1.67 33.49 -24.15
C GLY C 471 0.22 33.84 -24.01
N GLU C 472 -0.55 33.01 -23.31
CA GLU C 472 -1.98 33.25 -23.20
C GLU C 472 -2.27 34.14 -22.03
N ASP C 473 -3.47 34.68 -22.03
CA ASP C 473 -3.87 35.64 -21.04
C ASP C 473 -4.74 34.91 -20.01
N ASP C 474 -4.13 33.97 -19.30
CA ASP C 474 -4.85 33.21 -18.29
C ASP C 474 -4.56 33.73 -16.88
N VAL C 475 -4.16 35.00 -16.80
CA VAL C 475 -3.78 35.60 -15.55
C VAL C 475 -4.80 36.62 -15.13
N THR D 5 25.81 -15.29 11.60
CA THR D 5 26.70 -15.42 10.42
C THR D 5 26.01 -15.17 9.07
N ARG D 6 26.80 -15.30 8.01
CA ARG D 6 26.48 -14.77 6.70
C ARG D 6 25.43 -15.55 5.95
N ARG D 7 24.65 -14.85 5.14
CA ARG D 7 23.61 -15.46 4.31
C ARG D 7 24.00 -15.43 2.84
N GLY D 8 24.57 -14.32 2.41
CA GLY D 8 25.04 -14.19 1.02
C GLY D 8 26.23 -15.08 0.70
N LYS D 9 26.20 -15.72 -0.46
CA LYS D 9 27.24 -16.65 -0.77
C LYS D 9 28.40 -15.98 -1.50
N ILE D 10 29.60 -16.50 -1.28
CA ILE D 10 30.79 -15.96 -1.92
C ILE D 10 31.39 -16.98 -2.89
N VAL D 11 31.54 -16.60 -4.15
CA VAL D 11 32.17 -17.46 -5.18
C VAL D 11 33.60 -16.98 -5.50
N CYS D 12 34.59 -17.83 -5.37
CA CYS D 12 35.99 -17.43 -5.70
C CYS D 12 36.50 -18.17 -6.91
N THR D 13 37.24 -17.48 -7.74
CA THR D 13 37.95 -18.11 -8.86
C THR D 13 39.34 -18.54 -8.43
N LEU D 14 39.71 -19.77 -8.75
CA LEU D 14 41.01 -20.29 -8.37
C LEU D 14 41.99 -20.09 -9.48
N GLY D 15 43.25 -19.97 -9.10
CA GLY D 15 44.33 -19.77 -10.07
C GLY D 15 45.65 -19.81 -9.31
N PRO D 16 46.71 -19.26 -9.91
CA PRO D 16 48.06 -19.32 -9.35
C PRO D 16 48.18 -18.87 -7.90
N ALA D 17 47.35 -17.91 -7.48
CA ALA D 17 47.45 -17.36 -6.14
C ALA D 17 46.76 -18.24 -5.13
N THR D 18 46.06 -19.26 -5.60
CA THR D 18 45.42 -20.23 -4.75
C THR D 18 46.15 -21.56 -4.79
N GLN D 19 47.27 -21.60 -5.53
CA GLN D 19 48.04 -22.84 -5.66
C GLN D 19 49.23 -22.87 -4.70
N ARG D 20 49.42 -21.84 -3.88
CA ARG D 20 50.36 -21.91 -2.77
C ARG D 20 49.84 -22.85 -1.68
N ASP D 21 50.72 -23.29 -0.80
CA ASP D 21 50.39 -24.47 -0.04
C ASP D 21 49.24 -24.23 0.92
N ASP D 22 48.26 -25.11 0.82
CA ASP D 22 47.07 -25.09 1.65
C ASP D 22 46.46 -23.73 1.61
N LEU D 23 46.22 -23.23 0.42
CA LEU D 23 45.64 -21.94 0.31
C LEU D 23 44.17 -22.08 0.09
N VAL D 24 43.81 -23.08 -0.68
CA VAL D 24 42.43 -23.37 -0.88
C VAL D 24 41.78 -23.61 0.45
N ARG D 25 42.51 -24.22 1.36
CA ARG D 25 41.99 -24.46 2.68
C ARG D 25 41.64 -23.12 3.36
N ALA D 26 42.58 -22.20 3.32
CA ALA D 26 42.42 -20.88 3.94
C ALA D 26 41.17 -20.18 3.46
N LEU D 27 40.83 -20.36 2.16
CA LEU D 27 39.69 -19.68 1.53
C LEU D 27 38.41 -20.25 2.02
N VAL D 28 38.39 -21.57 2.11
CA VAL D 28 37.20 -22.24 2.55
C VAL D 28 36.98 -21.85 4.01
N GLU D 29 38.06 -21.86 4.80
CA GLU D 29 38.01 -21.44 6.20
C GLU D 29 37.61 -19.97 6.32
N ALA D 30 37.96 -19.17 5.31
CA ALA D 30 37.67 -17.75 5.34
C ALA D 30 36.31 -17.40 4.78
N GLY D 31 35.63 -18.36 4.13
CA GLY D 31 34.25 -18.16 3.67
C GLY D 31 33.86 -18.63 2.26
N MET D 32 34.80 -19.13 1.45
CA MET D 32 34.46 -19.53 0.07
C MET D 32 33.35 -20.54 0.04
N ASP D 33 32.27 -20.22 -0.66
CA ASP D 33 31.17 -21.18 -0.81
C ASP D 33 31.22 -21.92 -2.11
N VAL D 34 31.65 -21.26 -3.17
CA VAL D 34 31.81 -21.95 -4.45
C VAL D 34 33.19 -21.68 -4.99
N ALA D 35 33.80 -22.72 -5.54
CA ALA D 35 35.07 -22.59 -6.19
C ALA D 35 34.87 -22.66 -7.67
N ARG D 36 35.34 -21.62 -8.33
CA ARG D 36 35.28 -21.53 -9.77
C ARG D 36 36.62 -21.89 -10.37
N MET D 37 36.60 -22.94 -11.17
CA MET D 37 37.70 -23.33 -11.98
C MET D 37 37.46 -22.70 -13.31
N ASN D 38 38.33 -21.79 -13.69
CA ASN D 38 38.18 -21.14 -14.98
C ASN D 38 38.92 -21.95 -16.02
N PHE D 39 38.21 -22.38 -17.06
CA PHE D 39 38.84 -23.22 -18.08
C PHE D 39 39.48 -22.46 -19.21
N SER D 40 39.54 -21.13 -19.07
CA SER D 40 40.32 -20.31 -19.97
C SER D 40 41.80 -20.54 -19.79
N HIS D 41 42.23 -20.73 -18.54
CA HIS D 41 43.64 -20.82 -18.24
C HIS D 41 43.88 -22.09 -17.46
N GLY D 42 45.13 -22.55 -17.43
CA GLY D 42 45.53 -23.71 -16.63
C GLY D 42 45.44 -24.96 -17.47
N ASP D 43 46.10 -26.03 -17.01
CA ASP D 43 46.01 -27.31 -17.68
C ASP D 43 45.39 -28.32 -16.73
N TYR D 44 44.95 -29.43 -17.28
CA TYR D 44 44.13 -30.39 -16.52
C TYR D 44 44.72 -30.83 -15.20
N ASP D 45 46.05 -30.87 -15.08
CA ASP D 45 46.68 -31.23 -13.83
C ASP D 45 46.49 -30.13 -12.80
N ASP D 46 46.48 -28.87 -13.24
CA ASP D 46 46.31 -27.75 -12.35
C ASP D 46 44.90 -27.73 -11.82
N HIS D 47 43.96 -28.07 -12.68
CA HIS D 47 42.58 -28.06 -12.31
C HIS D 47 42.32 -29.17 -11.35
N LYS D 48 42.75 -30.37 -11.72
CA LYS D 48 42.55 -31.52 -10.89
C LYS D 48 43.09 -31.33 -9.47
N VAL D 49 44.26 -30.75 -9.33
CA VAL D 49 44.85 -30.55 -8.01
C VAL D 49 44.03 -29.53 -7.21
N ALA D 50 43.46 -28.57 -7.91
CA ALA D 50 42.71 -27.53 -7.26
C ALA D 50 41.43 -28.17 -6.72
N TYR D 51 40.77 -28.95 -7.57
CA TYR D 51 39.50 -29.61 -7.27
C TYR D 51 39.63 -30.58 -6.10
N GLU D 52 40.81 -31.14 -5.94
CA GLU D 52 41.03 -32.06 -4.84
C GLU D 52 41.18 -31.26 -3.58
N ARG D 53 41.88 -30.13 -3.66
CA ARG D 53 42.10 -29.34 -2.49
C ARG D 53 40.80 -28.79 -1.93
N VAL D 54 39.81 -28.64 -2.80
CA VAL D 54 38.53 -28.13 -2.40
C VAL D 54 37.77 -29.23 -1.72
N ARG D 55 37.85 -30.42 -2.27
CA ARG D 55 37.13 -31.53 -1.66
C ARG D 55 37.70 -31.89 -0.32
N VAL D 56 39.01 -31.76 -0.17
CA VAL D 56 39.67 -32.06 1.10
C VAL D 56 39.24 -31.05 2.12
N ALA D 57 39.33 -29.78 1.74
CA ALA D 57 39.02 -28.69 2.65
C ALA D 57 37.57 -28.64 3.01
N SER D 58 36.70 -28.91 2.05
CA SER D 58 35.28 -28.95 2.32
C SER D 58 35.03 -30.03 3.34
N ASP D 59 35.46 -31.24 3.01
CA ASP D 59 35.30 -32.37 3.90
C ASP D 59 36.03 -32.23 5.25
N ALA D 60 37.16 -31.55 5.27
CA ALA D 60 37.93 -31.44 6.51
C ALA D 60 37.29 -30.43 7.46
N THR D 61 36.62 -29.43 6.90
CA THR D 61 36.04 -28.33 7.70
C THR D 61 34.58 -28.53 8.05
N GLY D 62 33.86 -29.34 7.29
CA GLY D 62 32.44 -29.45 7.41
C GLY D 62 31.68 -28.45 6.54
N ARG D 63 32.37 -27.54 5.86
CA ARG D 63 31.70 -26.49 5.13
C ARG D 63 31.43 -26.89 3.70
N ALA D 64 30.17 -26.76 3.27
CA ALA D 64 29.78 -27.08 1.92
C ALA D 64 30.55 -26.20 1.02
N VAL D 65 31.17 -26.75 -0.02
CA VAL D 65 31.83 -25.94 -1.04
C VAL D 65 31.61 -26.51 -2.45
N GLY D 66 30.74 -25.86 -3.22
CA GLY D 66 30.46 -26.32 -4.58
C GLY D 66 31.62 -26.05 -5.51
N VAL D 67 31.65 -26.78 -6.62
CA VAL D 67 32.72 -26.67 -7.59
C VAL D 67 32.13 -26.35 -8.95
N LEU D 68 32.52 -25.20 -9.50
CA LEU D 68 31.93 -24.68 -10.70
C LEU D 68 32.94 -24.73 -11.85
N ALA D 69 32.56 -25.41 -12.91
CA ALA D 69 33.39 -25.46 -14.11
C ALA D 69 32.96 -24.34 -15.04
N ASP D 70 33.85 -23.36 -15.24
CA ASP D 70 33.58 -22.25 -16.15
C ASP D 70 34.18 -22.50 -17.50
N LEU D 71 33.32 -22.66 -18.50
CA LEU D 71 33.77 -22.99 -19.85
C LEU D 71 34.03 -21.71 -20.61
N GLN D 72 35.18 -21.65 -21.30
CA GLN D 72 35.65 -20.42 -21.92
C GLN D 72 34.65 -19.87 -22.90
N GLY D 73 34.03 -20.75 -23.70
CA GLY D 73 33.06 -20.30 -24.71
C GLY D 73 33.76 -19.78 -25.94
N PRO D 74 33.03 -19.09 -26.81
CA PRO D 74 33.58 -18.42 -28.00
C PRO D 74 34.26 -17.12 -27.64
N LYS D 75 35.34 -17.23 -26.89
CA LYS D 75 36.12 -16.07 -26.50
C LYS D 75 37.15 -15.83 -27.59
N ILE D 76 37.27 -14.59 -28.03
CA ILE D 76 38.30 -14.23 -28.98
C ILE D 76 39.49 -13.68 -28.22
N ARG D 77 40.70 -14.01 -28.64
CA ARG D 77 41.88 -13.46 -27.95
C ARG D 77 43.06 -13.25 -28.85
N LEU D 78 44.10 -12.67 -28.26
CA LEU D 78 45.38 -12.47 -28.88
C LEU D 78 46.30 -13.69 -28.79
N GLY D 79 47.44 -13.60 -29.47
CA GLY D 79 48.49 -14.57 -29.32
C GLY D 79 49.42 -14.22 -28.17
N ARG D 80 50.61 -14.80 -28.24
CA ARG D 80 51.60 -14.60 -27.24
C ARG D 80 52.60 -13.59 -27.82
N PHE D 81 52.96 -12.56 -27.07
CA PHE D 81 54.00 -11.65 -27.54
C PHE D 81 55.36 -12.28 -27.27
N ALA D 82 56.32 -12.06 -28.16
CA ALA D 82 57.68 -12.65 -28.01
C ALA D 82 58.29 -12.30 -26.66
N SER D 83 58.05 -11.08 -26.21
CA SER D 83 58.51 -10.67 -24.89
C SER D 83 57.52 -11.04 -23.78
N GLY D 84 56.32 -11.49 -24.14
CA GLY D 84 55.36 -11.95 -23.15
C GLY D 84 54.33 -10.87 -22.82
N ALA D 85 54.73 -9.62 -22.95
CA ALA D 85 53.83 -8.50 -22.69
C ALA D 85 54.45 -7.26 -23.32
N THR D 86 53.61 -6.38 -23.83
CA THR D 86 54.11 -5.10 -24.28
C THR D 86 53.23 -3.98 -23.74
N HIS D 87 53.59 -2.74 -24.11
CA HIS D 87 52.77 -1.58 -23.79
C HIS D 87 52.31 -1.00 -25.10
N TRP D 88 50.99 -0.94 -25.31
CA TRP D 88 50.46 -0.22 -26.45
C TRP D 88 50.01 1.17 -26.07
N ALA D 89 50.69 2.19 -26.61
CA ALA D 89 50.46 3.57 -26.20
C ALA D 89 49.67 4.32 -27.25
N GLU D 90 48.92 5.30 -26.79
CA GLU D 90 48.04 6.05 -27.66
C GLU D 90 48.86 6.61 -28.79
N GLY D 91 48.31 6.60 -30.00
CA GLY D 91 49.01 7.11 -31.16
C GLY D 91 49.68 6.04 -32.00
N GLU D 92 49.89 4.85 -31.45
CA GLU D 92 50.69 3.84 -32.13
C GLU D 92 49.85 3.01 -33.04
N THR D 93 50.46 2.45 -34.08
CA THR D 93 49.75 1.62 -35.02
C THR D 93 50.09 0.15 -34.77
N VAL D 94 49.07 -0.70 -34.80
CA VAL D 94 49.19 -2.13 -34.46
C VAL D 94 48.44 -2.93 -35.52
N ARG D 95 48.97 -4.09 -35.90
CA ARG D 95 48.28 -4.96 -36.84
C ARG D 95 47.90 -6.24 -36.12
N ILE D 96 46.60 -6.51 -35.99
CA ILE D 96 46.15 -7.82 -35.51
C ILE D 96 45.84 -8.69 -36.72
N THR D 97 46.36 -9.92 -36.73
CA THR D 97 46.22 -10.74 -37.91
C THR D 97 45.65 -12.12 -37.67
N VAL D 98 45.04 -12.64 -38.73
CA VAL D 98 44.56 -14.02 -38.82
C VAL D 98 45.78 -14.95 -39.00
N GLY D 99 46.83 -14.38 -39.61
CA GLY D 99 48.03 -15.11 -39.99
C GLY D 99 48.90 -15.51 -38.81
N ALA D 100 49.52 -16.70 -38.90
CA ALA D 100 50.42 -17.13 -37.87
C ALA D 100 51.71 -16.37 -38.10
N CYS D 101 52.29 -15.89 -37.00
CA CYS D 101 53.39 -14.97 -37.06
C CYS D 101 54.23 -15.11 -35.79
N GLU D 102 55.39 -14.47 -35.79
CA GLU D 102 56.14 -14.27 -34.58
C GLU D 102 55.67 -12.96 -33.99
N GLY D 103 55.19 -13.03 -32.75
CA GLY D 103 54.35 -11.97 -32.20
C GLY D 103 55.17 -10.91 -31.54
N SER D 104 54.76 -9.66 -31.71
CA SER D 104 55.49 -8.53 -31.16
C SER D 104 54.52 -7.38 -30.94
N HIS D 105 55.09 -6.24 -30.54
CA HIS D 105 54.38 -4.98 -30.39
C HIS D 105 53.73 -4.43 -31.68
N ASP D 106 54.32 -4.71 -32.85
CA ASP D 106 53.82 -4.19 -34.12
C ASP D 106 52.83 -5.11 -34.85
N ARG D 107 52.89 -6.40 -34.58
CA ARG D 107 52.04 -7.39 -35.23
C ARG D 107 51.86 -8.56 -34.25
N VAL D 108 50.60 -8.86 -33.89
CA VAL D 108 50.27 -9.97 -33.00
C VAL D 108 49.14 -10.82 -33.61
N SER D 109 48.97 -12.03 -33.12
CA SER D 109 48.02 -12.98 -33.71
C SER D 109 46.70 -13.06 -32.90
N THR D 110 45.66 -13.62 -33.49
CA THR D 110 44.40 -13.79 -32.76
C THR D 110 43.77 -15.12 -33.07
N THR D 111 42.83 -15.54 -32.22
CA THR D 111 42.17 -16.82 -32.42
C THR D 111 41.03 -16.74 -33.41
N TYR D 112 40.35 -15.61 -33.52
CA TYR D 112 39.19 -15.53 -34.41
C TYR D 112 39.69 -15.43 -35.80
N LYS D 113 39.39 -16.42 -36.61
CA LYS D 113 40.00 -16.52 -37.91
C LYS D 113 39.24 -15.80 -38.99
N ARG D 114 38.08 -15.25 -38.64
CA ARG D 114 37.30 -14.49 -39.61
C ARG D 114 37.51 -13.02 -39.40
N LEU D 115 38.54 -12.67 -38.66
CA LEU D 115 38.66 -11.31 -38.20
C LEU D 115 38.81 -10.43 -39.39
N ALA D 116 39.75 -10.73 -40.28
CA ALA D 116 39.97 -9.91 -41.47
C ALA D 116 38.75 -9.93 -42.40
N GLN D 117 38.08 -11.05 -42.44
CA GLN D 117 36.90 -11.15 -43.24
C GLN D 117 35.75 -10.33 -42.65
N ASP D 118 35.66 -10.26 -41.33
CA ASP D 118 34.49 -9.67 -40.65
C ASP D 118 34.69 -8.30 -40.04
N ALA D 119 35.92 -7.81 -39.98
CA ALA D 119 36.20 -6.53 -39.33
C ALA D 119 36.34 -5.43 -40.38
N VAL D 120 35.59 -4.36 -40.17
CA VAL D 120 35.59 -3.26 -41.08
C VAL D 120 36.16 -2.04 -40.37
N ALA D 121 36.71 -1.14 -41.19
CA ALA D 121 37.24 0.10 -40.72
C ALA D 121 36.16 0.87 -40.01
N GLY D 122 36.54 1.41 -38.86
CA GLY D 122 35.62 2.08 -37.97
C GLY D 122 35.40 1.26 -36.72
N ASP D 123 35.37 -0.07 -36.87
CA ASP D 123 35.05 -0.93 -35.74
C ASP D 123 36.10 -0.77 -34.69
N ARG D 124 35.67 -1.04 -33.47
CA ARG D 124 36.51 -0.80 -32.33
C ARG D 124 36.94 -2.16 -31.77
N VAL D 125 38.10 -2.16 -31.12
CA VAL D 125 38.65 -3.35 -30.49
C VAL D 125 39.04 -2.99 -29.09
N LEU D 126 38.42 -3.63 -28.12
CA LEU D 126 38.80 -3.42 -26.73
C LEU D 126 39.58 -4.59 -26.23
N VAL D 127 40.61 -4.31 -25.44
CA VAL D 127 41.45 -5.36 -24.89
C VAL D 127 41.25 -5.39 -23.38
N ASP D 128 41.26 -6.59 -22.84
CA ASP D 128 41.24 -6.78 -21.39
C ASP D 128 39.99 -6.15 -20.77
N ASP D 129 38.84 -6.51 -21.33
CA ASP D 129 37.52 -5.99 -20.87
C ASP D 129 37.50 -4.43 -20.81
N GLY D 130 38.33 -3.77 -21.63
CA GLY D 130 38.18 -2.32 -21.89
C GLY D 130 39.46 -1.50 -21.72
N LYS D 131 40.52 -2.11 -21.20
CA LYS D 131 41.65 -1.34 -20.61
C LYS D 131 42.56 -0.71 -21.67
N VAL D 132 42.48 -1.23 -22.89
CA VAL D 132 43.17 -0.68 -24.04
C VAL D 132 42.18 -0.70 -25.17
N ALA D 133 42.05 0.42 -25.90
CA ALA D 133 41.14 0.48 -27.03
C ALA D 133 41.84 0.81 -28.32
N LEU D 134 41.43 0.13 -29.38
CA LEU D 134 41.89 0.41 -30.74
C LEU D 134 40.69 0.68 -31.64
N VAL D 135 40.90 1.38 -32.73
CA VAL D 135 39.92 1.47 -33.79
C VAL D 135 40.53 0.98 -35.10
N VAL D 136 39.75 0.23 -35.87
CA VAL D 136 40.26 -0.35 -37.08
C VAL D 136 40.38 0.72 -38.16
N ASP D 137 41.55 0.77 -38.80
CA ASP D 137 41.82 1.74 -39.87
C ASP D 137 41.67 1.08 -41.22
N ALA D 138 42.22 -0.12 -41.37
CA ALA D 138 42.10 -0.85 -42.60
C ALA D 138 42.36 -2.34 -42.44
N VAL D 139 42.05 -3.05 -43.50
CA VAL D 139 42.32 -4.47 -43.62
C VAL D 139 43.35 -4.66 -44.73
N GLU D 140 44.57 -5.01 -44.36
CA GLU D 140 45.58 -5.40 -45.35
C GLU D 140 45.73 -6.92 -45.37
N GLY D 141 45.04 -7.58 -46.31
CA GLY D 141 45.19 -9.00 -46.50
C GLY D 141 44.57 -9.76 -45.34
N ASP D 142 45.42 -10.35 -44.50
CA ASP D 142 44.95 -10.99 -43.27
C ASP D 142 45.39 -10.21 -42.00
N ASP D 143 45.87 -8.96 -42.18
CA ASP D 143 45.99 -8.06 -41.05
C ASP D 143 44.79 -7.16 -40.86
N VAL D 144 44.62 -6.68 -39.64
CA VAL D 144 43.70 -5.60 -39.34
C VAL D 144 44.57 -4.50 -38.78
N VAL D 145 44.62 -3.37 -39.46
CA VAL D 145 45.51 -2.29 -39.05
C VAL D 145 44.73 -1.31 -38.25
N CYS D 146 45.17 -1.08 -37.01
CA CYS D 146 44.40 -0.22 -36.09
C CYS D 146 45.31 0.87 -35.54
N THR D 147 44.72 1.95 -35.10
CA THR D 147 45.43 2.92 -34.33
C THR D 147 44.99 2.79 -32.89
N VAL D 148 45.97 2.82 -31.99
CA VAL D 148 45.70 2.70 -30.57
C VAL D 148 45.14 4.01 -30.11
N VAL D 149 43.94 3.98 -29.56
CA VAL D 149 43.27 5.21 -29.19
C VAL D 149 43.28 5.42 -27.68
N GLU D 150 43.57 4.35 -26.95
CA GLU D 150 43.82 4.42 -25.52
C GLU D 150 45.01 3.49 -25.30
N GLY D 151 45.98 3.99 -24.55
CA GLY D 151 47.23 3.30 -24.42
C GLY D 151 47.42 2.65 -23.08
N GLY D 152 47.94 1.42 -23.08
CA GLY D 152 48.33 0.72 -21.87
C GLY D 152 49.00 -0.60 -22.19
N PRO D 153 49.32 -1.39 -21.14
CA PRO D 153 49.96 -2.71 -21.28
C PRO D 153 49.05 -3.79 -21.79
N VAL D 154 49.52 -4.58 -22.73
CA VAL D 154 48.85 -5.80 -23.13
C VAL D 154 49.75 -7.00 -22.89
N SER D 155 49.19 -8.13 -22.50
CA SER D 155 49.97 -9.35 -22.28
C SER D 155 49.52 -10.47 -23.20
N ASP D 156 50.30 -11.55 -23.19
CA ASP D 156 50.08 -12.72 -24.05
C ASP D 156 48.66 -13.27 -23.92
N ASN D 157 48.09 -13.66 -25.06
CA ASN D 157 46.78 -14.34 -25.12
C ASN D 157 45.63 -13.59 -24.44
N LYS D 158 45.57 -12.27 -24.47
CA LYS D 158 44.49 -11.59 -23.73
C LYS D 158 43.22 -11.43 -24.58
N GLY D 159 42.09 -11.22 -23.94
CA GLY D 159 40.83 -11.25 -24.62
C GLY D 159 40.58 -9.97 -25.34
N ILE D 160 39.97 -10.04 -26.52
CA ILE D 160 39.58 -8.84 -27.25
C ILE D 160 38.13 -8.89 -27.64
N SER D 161 37.48 -7.75 -27.71
CA SER D 161 36.04 -7.73 -27.94
C SER D 161 35.71 -6.76 -29.04
N LEU D 162 34.96 -7.21 -30.01
CA LEU D 162 34.73 -6.43 -31.21
C LEU D 162 33.26 -6.06 -31.23
N PRO D 163 32.93 -5.04 -30.45
CA PRO D 163 31.53 -4.79 -30.13
C PRO D 163 30.69 -4.60 -31.37
N GLY D 164 29.54 -5.28 -31.39
CA GLY D 164 28.58 -5.12 -32.47
C GLY D 164 29.27 -5.45 -33.78
N MET D 165 29.91 -6.59 -33.78
CA MET D 165 30.46 -7.16 -34.95
C MET D 165 29.91 -8.56 -34.93
N ASN D 166 29.17 -8.92 -35.98
CA ASN D 166 28.50 -10.20 -35.99
C ASN D 166 29.55 -11.26 -36.02
N VAL D 167 29.78 -11.88 -34.88
CA VAL D 167 30.82 -12.84 -34.74
C VAL D 167 30.24 -14.23 -34.85
N THR D 168 30.80 -15.05 -35.73
CA THR D 168 30.28 -16.39 -35.91
C THR D 168 31.23 -17.38 -35.28
N ALA D 169 30.78 -18.00 -34.20
CA ALA D 169 31.51 -19.09 -33.60
C ALA D 169 30.53 -19.89 -32.76
N PRO D 170 30.77 -21.20 -32.62
CA PRO D 170 29.78 -22.06 -31.98
C PRO D 170 29.65 -21.78 -30.48
N ALA D 171 28.48 -22.08 -29.92
CA ALA D 171 28.21 -21.85 -28.49
C ALA D 171 29.25 -22.52 -27.65
N LEU D 172 29.59 -23.73 -28.06
CA LEU D 172 30.60 -24.58 -27.45
C LEU D 172 31.53 -25.01 -28.55
N SER D 173 32.81 -24.72 -28.41
CA SER D 173 33.83 -25.23 -29.30
C SER D 173 34.30 -26.61 -28.87
N GLU D 174 35.23 -27.16 -29.62
CA GLU D 174 35.74 -28.47 -29.31
C GLU D 174 36.55 -28.50 -28.02
N LYS D 175 37.21 -27.39 -27.73
CA LYS D 175 37.92 -27.22 -26.46
C LYS D 175 36.95 -27.22 -25.33
N ASP D 176 35.82 -26.56 -25.53
CA ASP D 176 34.80 -26.44 -24.51
C ASP D 176 34.14 -27.79 -24.23
N ILE D 177 33.87 -28.54 -25.30
CA ILE D 177 33.26 -29.86 -25.19
C ILE D 177 34.18 -30.82 -24.43
N GLU D 178 35.46 -30.67 -24.65
CA GLU D 178 36.47 -31.57 -24.10
C GLU D 178 36.83 -31.15 -22.66
N ASP D 179 36.42 -29.96 -22.27
CA ASP D 179 36.61 -29.49 -20.94
C ASP D 179 35.36 -29.79 -20.09
N LEU D 180 34.22 -29.75 -20.75
CA LEU D 180 32.99 -30.22 -20.18
C LEU D 180 33.22 -31.68 -19.80
N THR D 181 33.71 -32.48 -20.75
CA THR D 181 33.97 -33.88 -20.50
C THR D 181 34.89 -34.08 -19.32
N PHE D 182 36.05 -33.44 -19.35
CA PHE D 182 37.00 -33.63 -18.28
C PHE D 182 36.39 -33.24 -16.92
N ALA D 183 35.64 -32.14 -16.90
CA ALA D 183 35.05 -31.64 -15.64
C ALA D 183 33.85 -32.49 -15.14
N LEU D 184 33.03 -33.00 -16.04
CA LEU D 184 31.98 -33.92 -15.64
C LEU D 184 32.54 -35.19 -15.00
N ASN D 185 33.57 -35.78 -15.61
CA ASN D 185 34.19 -36.99 -15.06
C ASN D 185 35.05 -36.70 -13.82
N LEU D 186 35.50 -35.46 -13.65
CA LEU D 186 36.23 -35.08 -12.44
C LEU D 186 35.28 -35.01 -11.21
N GLY D 187 33.99 -34.78 -11.48
CA GLY D 187 32.97 -34.75 -10.43
C GLY D 187 32.31 -33.41 -10.16
N VAL D 188 32.58 -32.36 -10.92
CA VAL D 188 32.11 -30.99 -10.57
C VAL D 188 30.58 -30.90 -10.39
N ASP D 189 30.14 -29.90 -9.63
CA ASP D 189 28.76 -29.83 -9.19
C ASP D 189 27.91 -29.04 -10.14
N MET D 190 28.53 -28.06 -10.79
CA MET D 190 27.82 -27.13 -11.71
C MET D 190 28.72 -26.81 -12.88
N VAL D 191 28.13 -26.26 -13.91
CA VAL D 191 28.89 -25.87 -15.08
C VAL D 191 28.38 -24.52 -15.53
N ALA D 192 29.29 -23.62 -15.89
CA ALA D 192 28.92 -22.31 -16.46
C ALA D 192 29.33 -22.23 -17.94
N LEU D 193 28.39 -21.76 -18.78
CA LEU D 193 28.63 -21.55 -20.18
C LEU D 193 28.78 -20.07 -20.47
N SER D 194 29.89 -19.70 -21.12
CA SER D 194 30.18 -18.30 -21.43
C SER D 194 29.54 -17.85 -22.74
N PHE D 195 29.22 -16.56 -22.81
CA PHE D 195 28.73 -15.90 -24.04
C PHE D 195 27.44 -16.47 -24.58
N VAL D 196 26.52 -16.75 -23.68
CA VAL D 196 25.23 -17.31 -24.02
C VAL D 196 24.44 -16.29 -24.80
N ARG D 197 23.77 -16.74 -25.84
CA ARG D 197 22.98 -15.84 -26.70
C ARG D 197 21.52 -16.25 -26.82
N SER D 198 21.24 -17.54 -26.59
CA SER D 198 19.93 -18.07 -26.81
C SER D 198 19.56 -19.00 -25.70
N PRO D 199 18.26 -19.18 -25.47
CA PRO D 199 17.78 -20.17 -24.52
C PRO D 199 18.05 -21.59 -24.98
N ALA D 200 18.26 -21.80 -26.28
CA ALA D 200 18.53 -23.15 -26.77
C ALA D 200 20.00 -23.55 -26.61
N ASP D 201 20.84 -22.67 -26.07
CA ASP D 201 22.27 -22.98 -25.94
C ASP D 201 22.55 -24.02 -24.87
N VAL D 202 21.63 -24.16 -23.93
CA VAL D 202 21.70 -25.18 -22.90
C VAL D 202 21.47 -26.58 -23.47
N GLU D 203 20.72 -26.64 -24.58
CA GLU D 203 20.43 -27.90 -25.21
C GLU D 203 21.73 -28.54 -25.64
N LEU D 204 22.61 -27.74 -26.22
CA LEU D 204 23.87 -28.27 -26.69
C LEU D 204 24.66 -28.82 -25.50
N VAL D 205 24.70 -28.06 -24.40
CA VAL D 205 25.41 -28.51 -23.21
C VAL D 205 24.76 -29.80 -22.72
N HIS D 206 23.43 -29.81 -22.70
CA HIS D 206 22.72 -30.93 -22.17
C HIS D 206 23.04 -32.20 -22.96
N GLU D 207 22.95 -32.09 -24.28
CA GLU D 207 23.31 -33.19 -25.20
C GLU D 207 24.58 -33.90 -24.80
N VAL D 208 25.67 -33.14 -24.68
CA VAL D 208 26.98 -33.70 -24.31
C VAL D 208 26.90 -34.42 -22.96
N MET D 209 26.15 -33.84 -22.03
CA MET D 209 25.96 -34.43 -20.73
C MET D 209 25.27 -35.76 -20.87
N ASP D 210 24.28 -35.81 -21.74
CA ASP D 210 23.53 -37.05 -21.98
C ASP D 210 24.34 -38.13 -22.68
N ARG D 211 25.20 -37.71 -23.59
CA ARG D 211 26.13 -38.63 -24.20
C ARG D 211 26.98 -39.22 -23.11
N ILE D 212 27.60 -38.34 -22.33
CA ILE D 212 28.51 -38.73 -21.26
C ILE D 212 27.78 -39.31 -20.05
N GLY D 213 26.50 -39.01 -19.97
CA GLY D 213 25.61 -39.66 -19.00
C GLY D 213 25.73 -39.10 -17.62
N ARG D 214 26.04 -37.79 -17.51
CA ARG D 214 26.02 -37.16 -16.20
C ARG D 214 25.64 -35.69 -16.29
N ARG D 215 24.41 -35.36 -15.91
CA ARG D 215 23.92 -33.97 -15.97
C ARG D 215 24.14 -33.20 -14.66
N VAL D 216 24.42 -31.93 -14.78
CA VAL D 216 24.49 -31.08 -13.63
C VAL D 216 23.81 -29.77 -13.97
N PRO D 217 23.77 -28.87 -13.00
CA PRO D 217 23.21 -27.56 -13.24
C PRO D 217 24.12 -26.73 -14.14
N VAL D 218 23.46 -26.11 -15.09
CA VAL D 218 24.12 -25.30 -16.05
C VAL D 218 23.82 -23.83 -15.73
N ILE D 219 24.87 -23.03 -15.56
CA ILE D 219 24.75 -21.60 -15.29
C ILE D 219 24.94 -20.84 -16.57
N ALA D 220 24.07 -19.89 -16.85
CA ALA D 220 24.29 -19.01 -18.00
C ALA D 220 25.04 -17.75 -17.60
N LYS D 221 26.12 -17.48 -18.32
CA LYS D 221 26.85 -16.25 -18.14
C LYS D 221 26.28 -15.19 -19.08
N LEU D 222 25.77 -14.11 -18.49
CA LEU D 222 25.09 -13.05 -19.20
C LEU D 222 26.11 -11.99 -19.55
N GLU D 223 26.61 -12.02 -20.78
CA GLU D 223 27.62 -11.06 -21.21
C GLU D 223 27.43 -10.70 -22.68
N LYS D 224 26.20 -10.80 -23.18
CA LYS D 224 25.91 -10.44 -24.55
C LYS D 224 24.59 -9.72 -24.62
N PRO D 225 24.44 -8.82 -25.59
CA PRO D 225 23.16 -8.17 -25.71
C PRO D 225 22.03 -9.15 -26.03
N GLU D 226 22.33 -10.23 -26.72
CA GLU D 226 21.29 -11.18 -27.08
C GLU D 226 20.76 -11.81 -25.81
N ALA D 227 21.65 -12.07 -24.87
CA ALA D 227 21.29 -12.67 -23.59
C ALA D 227 20.28 -11.83 -22.88
N ILE D 228 20.48 -10.53 -22.90
CA ILE D 228 19.65 -9.63 -22.15
C ILE D 228 18.36 -9.39 -22.88
N ASP D 229 18.38 -9.50 -24.21
CA ASP D 229 17.16 -9.40 -25.01
C ASP D 229 16.24 -10.63 -24.77
N ASN D 230 16.81 -11.78 -24.38
CA ASN D 230 16.02 -13.01 -24.13
C ASN D 230 16.16 -13.44 -22.68
N LEU D 231 16.22 -12.47 -21.77
CA LEU D 231 16.59 -12.74 -20.40
C LEU D 231 15.65 -13.70 -19.72
N GLU D 232 14.34 -13.47 -19.83
CA GLU D 232 13.37 -14.34 -19.15
C GLU D 232 13.52 -15.76 -19.64
N ALA D 233 13.58 -15.94 -20.96
CA ALA D 233 13.65 -17.31 -21.53
C ALA D 233 14.95 -18.02 -21.15
N ILE D 234 16.05 -17.29 -21.12
CA ILE D 234 17.33 -17.85 -20.66
C ILE D 234 17.31 -18.27 -19.20
N VAL D 235 16.66 -17.47 -18.35
CA VAL D 235 16.53 -17.80 -16.91
C VAL D 235 15.62 -19.00 -16.67
N LEU D 236 14.67 -19.24 -17.57
CA LEU D 236 13.85 -20.45 -17.47
C LEU D 236 14.49 -21.69 -18.10
N ALA D 237 15.34 -21.49 -19.10
CA ALA D 237 15.96 -22.62 -19.75
C ALA D 237 17.20 -23.09 -19.01
N PHE D 238 17.91 -22.15 -18.39
CA PHE D 238 19.08 -22.51 -17.61
C PHE D 238 18.71 -22.66 -16.16
N ASP D 239 19.61 -23.23 -15.37
CA ASP D 239 19.34 -23.49 -13.94
C ASP D 239 19.77 -22.34 -13.07
N ALA D 240 20.77 -21.61 -13.53
CA ALA D 240 21.23 -20.43 -12.83
C ALA D 240 21.74 -19.42 -13.85
N VAL D 241 21.97 -18.18 -13.40
CA VAL D 241 22.62 -17.18 -14.25
C VAL D 241 23.70 -16.45 -13.50
N MET D 242 24.73 -16.03 -14.24
CA MET D 242 25.76 -15.16 -13.75
C MET D 242 25.74 -13.86 -14.54
N VAL D 243 25.70 -12.75 -13.82
CA VAL D 243 25.83 -11.45 -14.43
C VAL D 243 27.33 -11.20 -14.61
N ALA D 244 27.82 -11.49 -15.83
CA ALA D 244 29.24 -11.55 -16.13
C ALA D 244 29.65 -10.20 -16.65
N ARG D 245 29.96 -9.28 -15.73
CA ARG D 245 29.94 -7.85 -16.02
C ARG D 245 31.10 -7.40 -16.85
N GLY D 246 32.22 -8.10 -16.77
CA GLY D 246 33.41 -7.74 -17.59
C GLY D 246 33.07 -7.61 -19.04
N ASP D 247 32.65 -8.71 -19.65
CA ASP D 247 32.37 -8.72 -21.08
C ASP D 247 31.09 -8.01 -21.32
N LEU D 248 30.19 -8.06 -20.33
CA LEU D 248 28.90 -7.36 -20.47
C LEU D 248 29.10 -5.86 -20.58
N GLY D 249 30.13 -5.35 -19.94
CA GLY D 249 30.43 -3.94 -19.92
C GLY D 249 31.17 -3.45 -21.14
N VAL D 250 31.65 -4.34 -22.00
CA VAL D 250 32.17 -3.89 -23.31
C VAL D 250 31.25 -4.30 -24.46
N GLU D 251 30.38 -5.27 -24.23
CA GLU D 251 29.44 -5.72 -25.25
C GLU D 251 28.21 -4.84 -25.25
N LEU D 252 27.91 -4.30 -24.08
CA LEU D 252 26.91 -3.24 -23.90
C LEU D 252 27.62 -2.02 -23.41
N PRO D 253 26.99 -0.87 -23.52
CA PRO D 253 27.59 0.34 -22.91
C PRO D 253 27.75 0.16 -21.40
N LEU D 254 28.91 0.50 -20.88
CA LEU D 254 29.22 0.13 -19.49
C LEU D 254 28.28 0.79 -18.50
N GLU D 255 27.68 1.90 -18.94
CA GLU D 255 26.72 2.59 -18.11
C GLU D 255 25.35 1.85 -18.07
N GLU D 256 25.12 0.91 -18.98
CA GLU D 256 23.84 0.18 -18.99
C GLU D 256 23.86 -1.01 -18.04
N VAL D 257 25.03 -1.41 -17.58
CA VAL D 257 25.18 -2.64 -16.83
C VAL D 257 24.53 -2.59 -15.44
N PRO D 258 24.73 -1.51 -14.70
CA PRO D 258 24.12 -1.43 -13.39
C PRO D 258 22.64 -1.79 -13.37
N LEU D 259 21.91 -1.40 -14.41
CA LEU D 259 20.47 -1.63 -14.45
C LEU D 259 20.15 -3.00 -14.98
N VAL D 260 21.00 -3.51 -15.86
CA VAL D 260 20.81 -4.86 -16.40
C VAL D 260 21.00 -5.85 -15.25
N GLN D 261 22.05 -5.60 -14.43
CA GLN D 261 22.32 -6.43 -13.27
C GLN D 261 21.06 -6.48 -12.42
N LYS D 262 20.52 -5.34 -12.08
CA LYS D 262 19.41 -5.31 -11.15
C LYS D 262 18.19 -6.00 -11.74
N ARG D 263 17.97 -5.79 -13.03
CA ARG D 263 16.85 -6.41 -13.72
C ARG D 263 17.02 -7.95 -13.83
N ALA D 264 18.27 -8.40 -13.93
CA ALA D 264 18.58 -9.83 -14.06
C ALA D 264 18.52 -10.53 -12.73
N ILE D 265 18.84 -9.84 -11.66
CA ILE D 265 18.77 -10.45 -10.34
C ILE D 265 17.30 -10.61 -9.97
N GLN D 266 16.51 -9.59 -10.24
CA GLN D 266 15.07 -9.69 -10.00
C GLN D 266 14.48 -10.86 -10.75
N MET D 267 14.95 -11.10 -11.98
CA MET D 267 14.35 -12.11 -12.83
C MET D 267 14.71 -13.50 -12.30
N ALA D 268 15.88 -13.65 -11.71
CA ALA D 268 16.30 -14.93 -11.23
C ALA D 268 15.50 -15.25 -10.04
N ARG D 269 15.31 -14.27 -9.18
CA ARG D 269 14.59 -14.48 -7.95
C ARG D 269 13.15 -14.83 -8.23
N GLU D 270 12.57 -14.18 -9.24
CA GLU D 270 11.17 -14.41 -9.62
C GLU D 270 10.95 -15.87 -9.96
N ASN D 271 11.88 -16.43 -10.74
CA ASN D 271 11.75 -17.80 -11.21
C ASN D 271 12.53 -18.79 -10.38
N ALA D 272 13.09 -18.28 -9.27
CA ALA D 272 13.72 -19.08 -8.23
C ALA D 272 14.99 -19.73 -8.72
N LYS D 273 15.82 -18.97 -9.45
CA LYS D 273 17.08 -19.50 -9.91
C LYS D 273 18.19 -18.69 -9.32
N PRO D 274 19.31 -19.34 -8.99
CA PRO D 274 20.39 -18.63 -8.35
C PRO D 274 20.99 -17.62 -9.29
N VAL D 275 21.49 -16.52 -8.74
CA VAL D 275 22.16 -15.54 -9.55
C VAL D 275 23.48 -15.12 -8.91
N ILE D 276 24.52 -15.10 -9.71
CA ILE D 276 25.84 -14.65 -9.28
C ILE D 276 26.16 -13.29 -9.87
N VAL D 277 26.69 -12.38 -9.06
CA VAL D 277 27.16 -11.12 -9.60
C VAL D 277 28.68 -11.13 -9.64
N ALA D 278 29.27 -10.83 -10.79
CA ALA D 278 30.67 -11.10 -10.98
C ALA D 278 31.45 -9.95 -11.61
N THR D 279 32.74 -9.94 -11.30
CA THR D 279 33.75 -9.24 -12.04
C THR D 279 33.99 -7.82 -11.51
N GLN D 280 35.22 -7.61 -11.02
CA GLN D 280 35.71 -6.34 -10.47
C GLN D 280 34.96 -5.84 -9.25
N MET D 281 34.35 -6.72 -8.46
CA MET D 281 33.59 -6.22 -7.31
C MET D 281 34.54 -5.57 -6.33
N LEU D 282 35.72 -6.15 -6.21
CA LEU D 282 36.74 -5.59 -5.37
C LEU D 282 38.08 -5.54 -6.14
N ASP D 283 38.00 -5.07 -7.37
CA ASP D 283 39.12 -5.12 -8.27
C ASP D 283 40.41 -4.54 -7.69
N SER D 284 40.27 -3.42 -7.00
CA SER D 284 41.37 -2.72 -6.36
C SER D 284 42.21 -3.66 -5.47
N MET D 285 41.57 -4.64 -4.87
CA MET D 285 42.22 -5.49 -3.86
C MET D 285 43.24 -6.48 -4.39
N ILE D 286 43.38 -6.58 -5.71
CA ILE D 286 44.48 -7.34 -6.33
C ILE D 286 45.85 -6.80 -5.90
N GLU D 287 45.94 -5.47 -5.74
CA GLU D 287 47.18 -4.84 -5.40
C GLU D 287 47.13 -4.18 -4.03
N ASN D 288 45.96 -4.01 -3.46
CA ASN D 288 45.83 -3.21 -2.25
C ASN D 288 45.17 -3.98 -1.15
N SER D 289 45.62 -3.73 0.08
CA SER D 289 45.18 -4.49 1.25
C SER D 289 43.75 -4.14 1.67
N ARG D 290 43.28 -2.97 1.23
CA ARG D 290 41.88 -2.59 1.40
C ARG D 290 41.31 -2.08 0.09
N PRO D 291 39.98 -2.21 -0.08
CA PRO D 291 39.32 -1.79 -1.30
C PRO D 291 38.98 -0.29 -1.34
N THR D 292 38.38 0.13 -2.44
CA THR D 292 37.90 1.49 -2.56
C THR D 292 36.51 1.60 -1.92
N ARG D 293 36.02 2.84 -1.82
CA ARG D 293 34.74 3.06 -1.24
C ARG D 293 33.66 2.71 -2.26
N ALA D 294 34.01 2.73 -3.56
CA ALA D 294 33.10 2.31 -4.63
C ALA D 294 32.94 0.81 -4.69
N GLU D 295 34.03 0.13 -4.43
CA GLU D 295 34.03 -1.29 -4.44
C GLU D 295 33.17 -1.77 -3.29
N ALA D 296 33.41 -1.24 -2.09
CA ALA D 296 32.56 -1.60 -0.93
C ALA D 296 31.05 -1.33 -1.24
N SER D 297 30.77 -0.19 -1.86
CA SER D 297 29.41 0.14 -2.27
C SER D 297 28.88 -0.86 -3.29
N ASP D 298 29.73 -1.39 -4.14
CA ASP D 298 29.25 -2.23 -5.22
C ASP D 298 28.78 -3.55 -4.66
N VAL D 299 29.50 -4.02 -3.64
CA VAL D 299 29.19 -5.26 -2.96
C VAL D 299 27.92 -5.14 -2.13
N ALA D 300 27.85 -4.08 -1.34
CA ALA D 300 26.64 -3.81 -0.51
C ALA D 300 25.41 -3.71 -1.40
N ASN D 301 25.59 -3.14 -2.59
CA ASN D 301 24.45 -2.95 -3.47
C ASN D 301 24.05 -4.26 -4.17
N ALA D 302 25.00 -5.16 -4.38
CA ALA D 302 24.67 -6.45 -4.94
C ALA D 302 23.85 -7.24 -3.89
N VAL D 303 24.16 -7.02 -2.62
CA VAL D 303 23.37 -7.62 -1.57
C VAL D 303 21.93 -7.07 -1.58
N LEU D 304 21.79 -5.75 -1.65
CA LEU D 304 20.48 -5.13 -1.53
C LEU D 304 19.64 -5.32 -2.79
N ASP D 305 20.31 -5.56 -3.91
CA ASP D 305 19.67 -5.97 -5.16
C ASP D 305 19.02 -7.35 -5.03
N GLY D 306 19.64 -8.22 -4.21
CA GLY D 306 19.09 -9.56 -3.91
C GLY D 306 19.93 -10.74 -4.42
N ALA D 307 21.23 -10.53 -4.61
CA ALA D 307 22.04 -11.53 -5.27
C ALA D 307 22.18 -12.73 -4.36
N ASP D 308 22.09 -13.95 -4.93
CA ASP D 308 22.32 -15.14 -4.18
C ASP D 308 23.79 -15.14 -3.81
N ALA D 309 24.63 -14.79 -4.80
CA ALA D 309 26.08 -14.90 -4.63
C ALA D 309 26.82 -13.83 -5.34
N LEU D 310 27.96 -13.47 -4.77
CA LEU D 310 28.88 -12.48 -5.36
C LEU D 310 30.17 -13.18 -5.63
N MET D 311 30.91 -12.74 -6.62
CA MET D 311 32.08 -13.50 -7.12
C MET D 311 33.34 -12.63 -7.15
N LEU D 312 34.47 -13.28 -6.96
CA LEU D 312 35.77 -12.64 -7.09
C LEU D 312 36.51 -13.40 -8.17
N SER D 313 37.13 -12.66 -9.08
CA SER D 313 37.79 -13.26 -10.21
C SER D 313 39.30 -13.15 -10.05
N GLY D 314 39.87 -12.07 -10.55
CA GLY D 314 41.29 -11.85 -10.36
C GLY D 314 41.70 -11.65 -8.90
N GLU D 315 40.75 -11.25 -8.07
CA GLU D 315 41.05 -10.87 -6.69
C GLU D 315 41.57 -12.04 -5.87
N THR D 316 41.17 -13.26 -6.25
CA THR D 316 41.68 -14.50 -5.66
C THR D 316 42.53 -15.36 -6.60
N SER D 317 42.31 -15.26 -7.92
CA SER D 317 43.01 -16.16 -8.84
C SER D 317 44.47 -15.74 -9.07
N VAL D 318 44.70 -14.44 -9.27
CA VAL D 318 46.06 -13.96 -9.43
C VAL D 318 46.47 -12.90 -8.43
N GLY D 319 45.55 -12.52 -7.53
CA GLY D 319 45.75 -11.39 -6.61
C GLY D 319 46.80 -11.58 -5.50
N LYS D 320 47.03 -10.52 -4.75
CA LYS D 320 48.06 -10.48 -3.72
C LYS D 320 47.47 -10.58 -2.35
N TYR D 321 46.18 -10.28 -2.23
CA TYR D 321 45.51 -10.45 -0.95
C TYR D 321 44.24 -11.23 -1.15
N PRO D 322 44.37 -12.48 -1.62
CA PRO D 322 43.21 -13.31 -1.91
C PRO D 322 42.40 -13.66 -0.66
N LEU D 323 43.09 -13.71 0.48
CA LEU D 323 42.43 -14.00 1.74
C LEU D 323 41.69 -12.79 2.22
N ALA D 324 42.34 -11.64 2.09
CA ALA D 324 41.74 -10.44 2.57
C ALA D 324 40.53 -10.07 1.67
N ALA D 325 40.59 -10.46 0.41
CA ALA D 325 39.50 -10.17 -0.53
C ALA D 325 38.26 -10.93 -0.15
N VAL D 326 38.44 -12.18 0.20
CA VAL D 326 37.32 -12.99 0.63
C VAL D 326 36.81 -12.53 1.99
N ARG D 327 37.72 -12.18 2.87
CA ARG D 327 37.36 -11.76 4.22
C ARG D 327 36.59 -10.46 4.17
N THR D 328 37.08 -9.52 3.37
CA THR D 328 36.47 -8.24 3.27
C THR D 328 35.11 -8.34 2.65
N MET D 329 35.00 -9.11 1.58
CA MET D 329 33.72 -9.27 0.92
C MET D 329 32.67 -9.73 1.93
N SER D 330 33.07 -10.58 2.87
CA SER D 330 32.14 -11.14 3.84
C SER D 330 31.78 -10.12 4.93
N ARG D 331 32.74 -9.33 5.36
CA ARG D 331 32.45 -8.31 6.32
C ARG D 331 31.39 -7.35 5.77
N ILE D 332 31.54 -6.93 4.52
CA ILE D 332 30.56 -6.03 3.89
C ILE D 332 29.20 -6.70 3.79
N ILE D 333 29.18 -7.92 3.25
CA ILE D 333 27.88 -8.58 3.11
C ILE D 333 27.25 -8.63 4.48
N CYS D 334 28.03 -9.06 5.47
CA CYS D 334 27.52 -9.19 6.81
C CYS D 334 27.06 -7.85 7.35
N ALA D 335 27.76 -6.77 6.99
CA ALA D 335 27.40 -5.43 7.52
C ALA D 335 26.02 -5.02 7.05
N VAL D 336 25.75 -5.32 5.79
CA VAL D 336 24.48 -4.98 5.17
C VAL D 336 23.36 -5.82 5.74
N GLU D 337 23.66 -7.07 6.02
CA GLU D 337 22.65 -8.04 6.39
C GLU D 337 22.30 -7.89 7.84
N GLU D 338 23.23 -7.39 8.65
CA GLU D 338 22.92 -7.11 10.06
C GLU D 338 21.84 -6.04 10.10
N ASN D 339 21.95 -5.04 9.22
CA ASN D 339 20.93 -4.04 9.16
C ASN D 339 19.61 -4.68 8.74
N SER D 340 19.56 -5.24 7.55
CA SER D 340 18.36 -5.89 7.05
C SER D 340 18.74 -6.81 5.90
N THR D 341 18.14 -8.00 5.87
CA THR D 341 18.36 -8.92 4.75
C THR D 341 17.24 -8.80 3.70
N ALA D 342 16.28 -7.89 3.94
CA ALA D 342 15.23 -7.53 2.96
C ALA D 342 15.76 -7.41 1.56
N ALA D 343 15.07 -8.07 0.61
CA ALA D 343 15.30 -7.89 -0.80
C ALA D 343 14.10 -7.22 -1.45
N PRO D 344 14.31 -6.66 -2.64
CA PRO D 344 13.17 -6.16 -3.40
C PRO D 344 12.14 -7.27 -3.57
N PRO D 345 10.90 -7.03 -3.16
CA PRO D 345 9.86 -8.05 -3.21
C PRO D 345 9.59 -8.58 -4.65
N LEU D 346 8.98 -9.75 -4.71
CA LEU D 346 8.57 -10.33 -5.96
C LEU D 346 7.45 -9.52 -6.56
N THR D 347 7.32 -9.60 -7.87
CA THR D 347 6.28 -8.87 -8.59
C THR D 347 5.05 -9.72 -8.80
N HIS D 348 5.05 -10.90 -8.19
CA HIS D 348 3.91 -11.78 -8.35
C HIS D 348 3.71 -12.63 -7.12
N ILE D 349 2.49 -13.12 -6.98
CA ILE D 349 2.19 -14.10 -5.96
C ILE D 349 2.48 -15.43 -6.54
N PRO D 350 3.19 -16.27 -5.78
CA PRO D 350 3.54 -17.59 -6.28
C PRO D 350 2.34 -18.38 -6.72
N ARG D 351 2.52 -19.14 -7.78
CA ARG D 351 1.50 -20.00 -8.39
C ARG D 351 1.79 -21.52 -8.20
N THR D 352 3.05 -21.87 -7.98
CA THR D 352 3.43 -23.26 -8.05
C THR D 352 3.28 -23.81 -6.68
N LYS D 353 2.92 -25.09 -6.60
CA LYS D 353 2.70 -25.72 -5.31
C LYS D 353 3.91 -25.50 -4.43
N ARG D 354 5.09 -25.77 -4.96
CA ARG D 354 6.33 -25.65 -4.21
C ARG D 354 6.60 -24.22 -3.78
N GLY D 355 6.26 -23.29 -4.66
CA GLY D 355 6.47 -21.88 -4.38
C GLY D 355 5.51 -21.38 -3.31
N VAL D 356 4.26 -21.81 -3.40
CA VAL D 356 3.26 -21.35 -2.49
C VAL D 356 3.50 -21.85 -1.11
N ILE D 357 3.92 -23.09 -0.99
CA ILE D 357 4.13 -23.73 0.31
C ILE D 357 5.36 -23.22 0.98
N SER D 358 6.38 -22.90 0.21
CA SER D 358 7.58 -22.34 0.78
C SER D 358 7.32 -20.92 1.22
N TYR D 359 6.36 -20.26 0.60
CA TYR D 359 6.02 -18.90 0.97
C TYR D 359 5.32 -18.92 2.33
N ALA D 360 4.27 -19.73 2.42
CA ALA D 360 3.56 -19.98 3.66
C ALA D 360 4.48 -20.40 4.80
N ALA D 361 5.45 -21.25 4.51
CA ALA D 361 6.37 -21.71 5.53
C ALA D 361 7.21 -20.57 6.07
N ARG D 362 7.58 -19.63 5.20
CA ARG D 362 8.32 -18.46 5.62
C ARG D 362 7.48 -17.64 6.57
N ASP D 363 6.20 -17.52 6.22
CA ASP D 363 5.26 -16.73 7.00
C ASP D 363 5.24 -17.26 8.39
N ILE D 364 4.94 -18.55 8.50
CA ILE D 364 4.71 -19.17 9.78
C ILE D 364 5.92 -19.05 10.70
N GLY D 365 7.08 -19.32 10.14
CA GLY D 365 8.29 -19.28 10.91
C GLY D 365 8.52 -17.91 11.49
N GLU D 366 8.43 -16.90 10.63
CA GLU D 366 8.73 -15.53 11.07
C GLU D 366 7.71 -15.03 12.09
N ARG D 367 6.44 -15.33 11.84
CA ARG D 367 5.33 -14.91 12.72
C ARG D 367 5.35 -15.60 14.07
N LEU D 368 5.86 -16.82 14.12
CA LEU D 368 5.98 -17.50 15.42
C LEU D 368 7.36 -17.33 16.11
N ASP D 369 8.21 -16.44 15.57
CA ASP D 369 9.56 -16.23 16.08
C ASP D 369 10.28 -17.59 16.20
N ALA D 370 10.16 -18.39 15.15
CA ALA D 370 10.79 -19.69 15.09
C ALA D 370 12.29 -19.55 15.06
N LYS D 371 12.98 -20.62 15.42
CA LYS D 371 14.44 -20.58 15.49
C LYS D 371 15.07 -20.87 14.17
N ALA D 372 14.40 -21.65 13.35
CA ALA D 372 14.92 -22.04 12.05
C ALA D 372 13.80 -22.52 11.14
N LEU D 373 14.07 -22.51 9.85
CA LEU D 373 13.18 -23.13 8.86
C LEU D 373 13.92 -24.33 8.34
N VAL D 374 13.21 -25.40 8.10
CA VAL D 374 13.83 -26.61 7.63
C VAL D 374 13.11 -27.06 6.42
N ALA D 375 13.81 -27.32 5.35
CA ALA D 375 13.13 -27.84 4.16
C ALA D 375 13.78 -29.08 3.62
N PHE D 376 12.94 -30.04 3.24
CA PHE D 376 13.41 -31.24 2.62
C PHE D 376 13.32 -31.11 1.12
N THR D 377 14.35 -31.56 0.41
CA THR D 377 14.34 -31.44 -1.02
C THR D 377 15.15 -32.47 -1.73
N GLN D 378 14.63 -32.89 -2.88
CA GLN D 378 15.28 -33.88 -3.73
C GLN D 378 16.19 -33.16 -4.70
N SER D 379 15.67 -32.12 -5.31
CA SER D 379 16.39 -31.38 -6.35
C SER D 379 16.85 -30.03 -5.86
N GLY D 380 16.32 -29.57 -4.73
CA GLY D 380 16.67 -28.27 -4.17
C GLY D 380 15.66 -27.17 -4.51
N ASP D 381 14.64 -27.51 -5.29
CA ASP D 381 13.80 -26.49 -5.85
C ASP D 381 12.92 -25.92 -4.76
N THR D 382 12.39 -26.76 -3.87
CA THR D 382 11.65 -26.22 -2.73
C THR D 382 12.45 -25.22 -1.92
N VAL D 383 13.71 -25.52 -1.70
CA VAL D 383 14.56 -24.72 -0.86
C VAL D 383 14.95 -23.41 -1.50
N ARG D 384 14.89 -23.36 -2.80
CA ARG D 384 15.30 -22.16 -3.53
C ARG D 384 14.19 -21.17 -3.63
N ARG D 385 12.96 -21.64 -3.55
CA ARG D 385 11.79 -20.75 -3.58
C ARG D 385 11.57 -20.08 -2.25
N LEU D 386 12.21 -20.60 -1.22
CA LEU D 386 12.18 -19.96 0.07
C LEU D 386 13.41 -19.07 0.21
N ALA D 387 14.52 -19.45 -0.41
CA ALA D 387 15.73 -18.67 -0.31
C ALA D 387 15.52 -17.33 -0.94
N ARG D 388 14.76 -17.34 -2.03
CA ARG D 388 14.62 -16.14 -2.87
C ARG D 388 13.90 -15.04 -2.11
N LEU D 389 13.18 -15.43 -1.05
CA LEU D 389 12.36 -14.51 -0.22
C LEU D 389 13.18 -13.77 0.82
N HIS D 390 14.41 -14.23 1.04
CA HIS D 390 15.31 -13.58 1.92
C HIS D 390 14.81 -13.43 3.33
N THR D 391 14.71 -14.53 4.02
CA THR D 391 14.31 -14.47 5.39
C THR D 391 15.52 -14.30 6.32
N PRO D 392 15.30 -13.69 7.49
CA PRO D 392 16.39 -13.56 8.46
C PRO D 392 16.58 -14.82 9.29
N LEU D 393 15.65 -15.74 9.14
CA LEU D 393 15.73 -17.00 9.83
C LEU D 393 16.69 -17.89 9.13
N PRO D 394 17.36 -18.76 9.90
CA PRO D 394 18.19 -19.80 9.32
C PRO D 394 17.39 -20.69 8.42
N LEU D 395 17.89 -20.91 7.22
CA LEU D 395 17.23 -21.82 6.28
C LEU D 395 18.11 -23.01 6.18
N LEU D 396 17.56 -24.18 6.50
CA LEU D 396 18.37 -25.39 6.53
C LEU D 396 17.74 -26.47 5.66
N ALA D 397 18.51 -26.94 4.70
CA ALA D 397 18.02 -27.88 3.73
C ALA D 397 18.41 -29.29 4.16
N PHE D 398 17.49 -30.23 3.95
CA PHE D 398 17.76 -31.62 4.26
C PHE D 398 17.53 -32.40 3.00
N THR D 399 18.50 -33.24 2.63
CA THR D 399 18.44 -33.96 1.39
C THR D 399 19.24 -35.27 1.45
N ALA D 400 18.88 -36.23 0.65
CA ALA D 400 19.60 -37.49 0.63
C ALA D 400 20.74 -37.47 -0.42
N TRP D 401 20.68 -36.56 -1.38
CA TRP D 401 21.67 -36.55 -2.44
C TRP D 401 22.75 -35.52 -2.16
N PRO D 402 24.00 -35.97 -1.88
CA PRO D 402 25.12 -35.09 -1.45
C PRO D 402 25.53 -34.00 -2.43
N GLU D 403 25.23 -34.20 -3.70
CA GLU D 403 25.59 -33.24 -4.71
C GLU D 403 24.71 -31.99 -4.59
N VAL D 404 23.52 -32.17 -4.05
CA VAL D 404 22.59 -31.07 -3.87
C VAL D 404 23.13 -30.11 -2.81
N ARG D 405 23.86 -30.64 -1.84
CA ARG D 405 24.48 -29.83 -0.85
C ARG D 405 25.49 -28.86 -1.43
N SER D 406 26.18 -29.31 -2.47
CA SER D 406 27.15 -28.47 -3.14
C SER D 406 26.51 -27.56 -4.16
N GLN D 407 25.37 -28.00 -4.71
CA GLN D 407 24.60 -27.16 -5.61
C GLN D 407 23.93 -26.03 -4.84
N LEU D 408 23.65 -26.25 -3.56
CA LEU D 408 22.94 -25.22 -2.75
C LEU D 408 23.91 -24.35 -2.05
N ALA D 409 25.19 -24.47 -2.37
CA ALA D 409 26.18 -23.61 -1.79
C ALA D 409 26.24 -22.28 -2.48
N MET D 410 25.58 -22.15 -3.61
CA MET D 410 25.45 -20.85 -4.24
C MET D 410 24.04 -20.30 -4.17
N THR D 411 23.15 -20.96 -3.43
CA THR D 411 21.83 -20.44 -3.14
C THR D 411 21.82 -19.72 -1.83
N TRP D 412 21.19 -18.57 -1.80
CA TRP D 412 21.24 -17.60 -0.69
C TRP D 412 20.91 -18.19 0.67
N GLY D 413 21.73 -17.87 1.67
CA GLY D 413 21.37 -18.08 3.09
C GLY D 413 21.01 -19.51 3.50
N THR D 414 21.49 -20.49 2.73
CA THR D 414 21.10 -21.87 2.91
C THR D 414 22.24 -22.72 3.38
N GLU D 415 21.95 -23.59 4.33
CA GLU D 415 22.91 -24.56 4.86
C GLU D 415 22.30 -25.93 4.62
N THR D 416 23.07 -26.91 4.19
CA THR D 416 22.50 -28.20 3.90
C THR D 416 23.03 -29.32 4.82
N PHE D 417 22.23 -30.36 4.95
CA PHE D 417 22.52 -31.51 5.77
C PHE D 417 22.17 -32.74 4.96
N ILE D 418 23.07 -33.67 4.82
CA ILE D 418 22.76 -34.85 4.04
C ILE D 418 22.24 -35.91 5.00
N VAL D 419 21.18 -36.61 4.61
CA VAL D 419 20.56 -37.58 5.49
C VAL D 419 20.19 -38.81 4.73
N PRO D 420 20.00 -39.91 5.47
CA PRO D 420 19.58 -41.15 4.87
C PRO D 420 18.19 -41.03 4.34
N LYS D 421 17.88 -41.81 3.31
CA LYS D 421 16.55 -41.76 2.77
C LYS D 421 15.56 -42.30 3.80
N MET D 422 14.44 -41.61 3.96
CA MET D 422 13.39 -42.06 4.85
C MET D 422 12.18 -42.37 4.00
N GLN D 423 11.31 -43.23 4.52
CA GLN D 423 10.13 -43.64 3.79
C GLN D 423 8.86 -43.24 4.54
N SER D 424 9.00 -42.32 5.50
CA SER D 424 7.85 -41.75 6.19
C SER D 424 8.12 -40.32 6.56
N THR D 425 7.09 -39.48 6.52
CA THR D 425 7.27 -38.11 6.98
C THR D 425 7.47 -38.08 8.50
N ASP D 426 6.99 -39.11 9.22
CA ASP D 426 7.25 -39.23 10.64
C ASP D 426 8.72 -39.31 10.88
N GLY D 427 9.37 -40.18 10.13
CA GLY D 427 10.80 -40.43 10.32
C GLY D 427 11.67 -39.24 9.93
N MET D 428 11.17 -38.47 8.98
CA MET D 428 11.85 -37.24 8.59
C MET D 428 11.96 -36.31 9.78
N ILE D 429 10.92 -36.23 10.58
CA ILE D 429 10.89 -35.28 11.69
C ILE D 429 11.93 -35.59 12.72
N ARG D 430 12.12 -36.86 12.96
CA ARG D 430 13.05 -37.28 13.97
C ARG D 430 14.44 -37.09 13.47
N GLN D 431 14.64 -37.32 12.16
CA GLN D 431 15.94 -37.06 11.51
C GLN D 431 16.37 -35.61 11.70
N VAL D 432 15.42 -34.71 11.57
CA VAL D 432 15.73 -33.31 11.70
C VAL D 432 16.20 -33.04 13.12
N ASP D 433 15.49 -33.61 14.07
CA ASP D 433 15.81 -33.43 15.47
C ASP D 433 17.20 -33.96 15.80
N LYS D 434 17.54 -35.12 15.21
CA LYS D 434 18.84 -35.74 15.42
C LYS D 434 19.96 -34.83 14.92
N SER D 435 19.85 -34.40 13.68
CA SER D 435 20.91 -33.63 13.08
C SER D 435 21.06 -32.32 13.78
N LEU D 436 19.95 -31.69 14.10
CA LEU D 436 20.01 -30.34 14.65
C LEU D 436 20.59 -30.35 16.02
N LEU D 437 20.32 -31.40 16.76
CA LEU D 437 20.80 -31.45 18.11
C LEU D 437 22.29 -31.62 18.23
N GLU D 438 22.91 -32.12 17.18
CA GLU D 438 24.36 -32.31 17.17
C GLU D 438 25.06 -30.99 16.89
N LEU D 439 24.30 -29.95 16.59
CA LEU D 439 24.83 -28.60 16.53
C LEU D 439 24.95 -27.99 17.88
N ALA D 440 25.93 -27.12 18.04
CA ALA D 440 26.18 -26.49 19.32
C ALA D 440 25.07 -25.49 19.60
N ARG D 441 24.61 -24.80 18.55
CA ARG D 441 23.64 -23.70 18.70
C ARG D 441 22.17 -24.19 18.59
N TYR D 442 21.90 -25.46 18.89
CA TYR D 442 20.52 -25.90 18.98
C TYR D 442 20.23 -26.61 20.28
N LYS D 443 18.97 -26.57 20.70
CA LYS D 443 18.55 -27.13 21.99
C LYS D 443 17.22 -27.79 21.83
N ARG D 444 16.88 -28.67 22.76
CA ARG D 444 15.59 -29.37 22.77
C ARG D 444 14.52 -28.38 23.20
N GLY D 445 13.32 -28.49 22.64
CA GLY D 445 12.27 -27.51 22.93
C GLY D 445 12.22 -26.36 21.94
N ASP D 446 13.32 -26.16 21.21
CA ASP D 446 13.39 -25.10 20.19
C ASP D 446 12.37 -25.30 19.10
N LEU D 447 11.87 -24.18 18.59
CA LEU D 447 10.74 -24.19 17.65
C LEU D 447 11.24 -24.10 16.25
N VAL D 448 10.73 -24.97 15.39
CA VAL D 448 11.24 -25.08 14.02
C VAL D 448 10.08 -25.42 13.11
N VAL D 449 10.12 -24.94 11.89
CA VAL D 449 9.07 -25.23 10.90
C VAL D 449 9.68 -26.10 9.82
N ILE D 450 9.04 -27.22 9.52
CA ILE D 450 9.60 -28.18 8.60
C ILE D 450 8.73 -28.37 7.38
N VAL D 451 9.34 -28.23 6.23
CA VAL D 451 8.65 -28.46 4.98
C VAL D 451 9.03 -29.79 4.43
N ALA D 452 8.05 -30.52 3.95
CA ALA D 452 8.33 -31.84 3.46
C ALA D 452 7.24 -32.27 2.51
N GLY D 453 7.38 -33.49 2.03
CA GLY D 453 6.50 -34.03 1.01
C GLY D 453 6.37 -35.52 1.19
N ALA D 454 5.25 -36.03 0.71
CA ALA D 454 5.02 -37.45 0.71
C ALA D 454 4.22 -37.77 -0.58
N PRO D 455 4.58 -38.82 -1.31
CA PRO D 455 5.49 -39.87 -0.91
C PRO D 455 6.94 -39.44 -1.00
N PRO D 456 7.73 -39.79 0.00
CA PRO D 456 9.12 -39.32 0.05
C PRO D 456 9.94 -39.85 -1.08
N GLY D 457 11.04 -39.18 -1.35
CA GLY D 457 11.96 -39.61 -2.40
C GLY D 457 11.37 -39.40 -3.77
N THR D 458 10.52 -38.40 -3.91
CA THR D 458 9.91 -38.06 -5.18
C THR D 458 10.05 -36.54 -5.34
N VAL D 459 10.50 -36.13 -6.52
CA VAL D 459 10.82 -34.74 -6.77
C VAL D 459 9.52 -33.94 -6.91
N GLY D 460 9.48 -32.81 -6.22
CA GLY D 460 8.35 -31.88 -6.31
C GLY D 460 7.11 -32.30 -5.54
N SER D 461 7.26 -33.31 -4.68
CA SER D 461 6.12 -33.92 -4.08
C SER D 461 5.78 -33.19 -2.79
N THR D 462 6.64 -32.24 -2.41
CA THR D 462 6.42 -31.34 -1.27
C THR D 462 4.98 -30.93 -1.06
N ASN D 463 4.43 -31.23 0.13
CA ASN D 463 3.02 -30.91 0.40
C ASN D 463 2.65 -30.81 1.87
N LEU D 464 3.63 -30.53 2.73
CA LEU D 464 3.33 -30.51 4.13
C LEU D 464 4.26 -29.61 4.94
N ILE D 465 3.67 -28.89 5.89
CA ILE D 465 4.43 -28.07 6.80
C ILE D 465 4.12 -28.52 8.19
N HIS D 466 5.12 -28.50 9.04
CA HIS D 466 4.99 -29.02 10.38
C HIS D 466 5.69 -28.13 11.35
N VAL D 467 4.99 -27.70 12.36
CA VAL D 467 5.55 -26.77 13.29
C VAL D 467 5.93 -27.54 14.51
N HIS D 468 7.23 -27.61 14.77
CA HIS D 468 7.75 -28.65 15.64
C HIS D 468 8.73 -28.08 16.66
N ARG D 469 8.70 -28.62 17.85
CA ARG D 469 9.63 -28.25 18.88
C ARG D 469 10.63 -29.36 18.95
N ILE D 470 11.90 -29.01 19.04
CA ILE D 470 12.93 -30.02 19.02
C ILE D 470 12.78 -31.01 20.15
N GLY D 471 12.53 -32.25 19.75
CA GLY D 471 12.57 -33.39 20.66
C GLY D 471 11.20 -33.84 21.10
N GLU D 472 10.19 -32.98 20.95
CA GLU D 472 8.92 -33.21 21.59
C GLU D 472 8.02 -34.02 20.73
N ASP D 473 6.92 -34.46 21.32
CA ASP D 473 6.04 -35.42 20.72
C ASP D 473 4.85 -34.67 20.11
N ASP D 474 5.10 -33.86 19.08
CA ASP D 474 4.01 -33.21 18.36
C ASP D 474 3.73 -33.87 17.04
N VAL D 475 4.24 -35.08 16.84
CA VAL D 475 4.07 -35.76 15.58
C VAL D 475 3.12 -36.94 15.73
C1 G6P E . -16.07 13.95 -15.89
C2 G6P E . -15.56 14.17 -17.29
C3 G6P E . -14.68 13.02 -17.75
C4 G6P E . -13.58 12.80 -16.77
C5 G6P E . -14.19 12.45 -15.44
C6 G6P E . -13.12 12.26 -14.41
O1 G6P E . -17.17 13.03 -15.99
O2 G6P E . -16.68 14.25 -18.17
O3 G6P E . -14.11 13.33 -19.02
O4 G6P E . -12.79 11.72 -17.25
O5 G6P E . -15.04 13.50 -14.98
O6 G6P E . -12.58 13.56 -14.20
P G6P E . -11.15 13.64 -13.50
O1P G6P E . -10.89 15.09 -13.23
O2P G6P E . -10.13 13.07 -14.46
O3P G6P E . -11.22 12.81 -12.24
MG MG F . -39.84 5.51 -9.03
C1 OXL G . -38.33 5.26 -6.56
C2 OXL G . -38.52 6.66 -6.87
O1 OXL G . -38.81 4.39 -7.29
O2 OXL G . -37.58 7.42 -6.49
O3 OXL G . -37.66 4.97 -5.56
O4 OXL G . -39.58 7.07 -7.47
P PO4 H . -16.19 26.03 -13.51
O1 PO4 H . -15.67 25.49 -12.21
O2 PO4 H . -15.24 25.59 -14.62
O3 PO4 H . -16.31 27.54 -13.45
O4 PO4 H . -17.56 25.44 -13.69
C1 G6P I . -7.31 -14.03 20.34
C2 G6P I . -6.84 -14.11 21.79
C3 G6P I . -5.75 -13.13 22.10
C4 G6P I . -4.93 -12.89 20.87
C5 G6P I . -5.74 -12.18 19.81
C6 G6P I . -4.97 -12.22 18.51
O1 G6P I . -8.72 -14.22 20.34
O2 G6P I . -7.94 -13.96 22.70
O3 G6P I . -4.91 -13.69 23.11
O4 G6P I . -3.81 -12.08 21.19
O5 G6P I . -7.02 -12.81 19.61
O6 G6P I . -4.91 -13.60 18.17
P G6P I . -4.32 -14.05 16.77
O1P G6P I . -2.88 -13.55 16.83
O2P G6P I . -5.11 -13.40 15.64
O3P G6P I . -4.41 -15.53 16.70
MG MG J . -32.21 -6.43 24.60
C1 OXL K . -32.01 -6.11 21.89
C2 OXL K . -32.19 -7.55 22.20
O1 OXL K . -31.59 -5.77 20.77
O2 OXL K . -31.39 -8.33 21.62
O3 OXL K . -32.25 -5.28 22.76
O4 OXL K . -33.14 -7.93 23.00
P PO4 L . -8.13 -26.09 18.89
O1 PO4 L . -7.53 -27.36 19.44
O2 PO4 L . -8.65 -26.35 17.50
O3 PO4 L . -9.30 -25.69 19.77
O4 PO4 L . -7.08 -25.01 18.84
C1 G6P M . 13.34 21.52 6.70
C2 G6P M . 13.20 22.51 7.88
C3 G6P M . 12.35 21.86 8.98
C4 G6P M . 11.35 20.88 8.38
C5 G6P M . 12.04 19.76 7.63
C6 G6P M . 11.19 19.24 6.48
O1 G6P M . 14.50 21.73 5.88
O2 G6P M . 14.47 22.92 8.41
O3 G6P M . 11.58 22.84 9.70
O4 G6P M . 10.61 20.32 9.42
O5 G6P M . 13.34 20.19 7.19
O6 G6P M . 10.31 20.23 5.97
P G6P M . 9.01 19.68 5.21
O1P G6P M . 8.01 20.77 4.99
O2P G6P M . 9.44 19.11 3.88
O3P G6P M . 8.46 18.54 6.00
MG MG N . 38.55 14.17 4.30
C1 OXL O . 37.40 13.90 1.73
C2 OXL O . 38.68 14.61 1.44
O1 OXL O . 37.30 13.14 2.76
O2 OXL O . 39.23 14.51 0.33
O3 OXL O . 36.42 14.04 0.95
O4 OXL O . 39.24 15.29 2.30
P PO4 P . 11.82 31.42 -0.72
O1 PO4 P . 11.37 30.03 -1.13
O2 PO4 P . 13.31 31.59 -0.84
O3 PO4 P . 11.48 31.55 0.74
O4 PO4 P . 11.16 32.50 -1.59
C1 G6P Q . 9.93 -21.10 -11.78
C2 G6P Q . 9.19 -22.04 -12.74
C3 G6P Q . 8.01 -21.30 -13.31
C4 G6P Q . 7.31 -20.58 -12.16
C5 G6P Q . 8.21 -19.49 -11.63
C6 G6P Q . 8.16 -19.34 -10.12
O1 G6P Q . 11.35 -21.21 -11.86
O2 G6P Q . 10.03 -22.50 -13.80
O3 G6P Q . 7.10 -22.20 -13.95
O4 G6P Q . 6.12 -20.00 -12.63
O5 G6P Q . 9.55 -19.76 -12.06
O6 G6P Q . 7.00 -19.98 -9.60
P G6P Q . 6.16 -19.23 -8.45
O1P G6P Q . 6.42 -17.74 -8.47
O2P G6P Q . 4.71 -19.55 -8.72
O3P G6P Q . 6.57 -19.84 -7.12
MG MG R . 33.58 -13.26 -19.98
C1 OXL S . 34.08 -12.87 -17.19
C2 OXL S . 35.21 -13.79 -17.42
O1 OXL S . 33.99 -12.21 -16.12
O2 OXL S . 35.16 -14.62 -18.32
O3 OXL S . 33.22 -12.72 -18.08
O4 OXL S . 36.23 -13.70 -16.72
P PO4 T . 12.10 -30.91 -4.13
O1 PO4 T . 12.08 -32.29 -3.43
O2 PO4 T . 10.74 -30.54 -4.67
O3 PO4 T . 12.46 -29.85 -3.13
O4 PO4 T . 13.10 -30.95 -5.27
#